data_2CP0
#
_entry.id   2CP0
#
_entity_poly.entity_id   1
_entity_poly.type   'polypeptide(L)'
_entity_poly.pdbx_seq_one_letter_code
;GSSGSSGGNLMLSALGLRLGDRVLLDGQKTGTLRFCGTTEFASGQWVGVELDEPEGKNDGSVGGVRYFICPPKQGLFASV
SKISKAVDASGPSSG
;
_entity_poly.pdbx_strand_id   A
#
# COMPACT_ATOMS: atom_id res chain seq x y z
N GLY A 1 17.59 7.06 8.40
CA GLY A 1 17.00 7.06 9.77
C GLY A 1 16.00 5.93 9.97
N SER A 2 15.20 5.67 8.95
CA SER A 2 14.20 4.61 9.02
C SER A 2 13.21 4.87 10.15
N SER A 3 12.10 5.55 9.81
CA SER A 3 11.08 5.87 10.80
C SER A 3 9.74 6.13 10.12
N GLY A 4 8.68 6.28 10.92
CA GLY A 4 7.37 6.52 10.37
C GLY A 4 6.30 5.69 11.04
N SER A 5 5.79 6.17 12.18
CA SER A 5 4.76 5.46 12.92
C SER A 5 3.50 6.31 13.03
N SER A 6 2.41 5.82 12.45
CA SER A 6 1.13 6.53 12.48
C SER A 6 0.10 5.76 13.28
N GLY A 7 0.13 4.43 13.15
CA GLY A 7 -0.81 3.60 13.88
C GLY A 7 -1.40 2.51 13.01
N GLY A 8 -0.92 1.29 13.19
CA GLY A 8 -1.41 0.16 12.41
C GLY A 8 -0.30 -0.60 11.72
N ASN A 9 0.78 -0.86 12.45
CA ASN A 9 1.92 -1.59 11.91
C ASN A 9 1.95 -3.03 12.41
N LEU A 10 0.76 -3.59 12.61
CA LEU A 10 0.64 -4.96 13.10
C LEU A 10 0.36 -5.93 11.96
N MET A 11 -0.29 -5.44 10.91
CA MET A 11 -0.62 -6.26 9.75
C MET A 11 0.61 -6.51 8.89
N LEU A 12 1.21 -5.44 8.38
CA LEU A 12 2.39 -5.54 7.54
C LEU A 12 3.53 -6.24 8.27
N SER A 13 3.68 -5.93 9.55
CA SER A 13 4.73 -6.54 10.37
C SER A 13 4.59 -8.05 10.40
N ALA A 14 3.35 -8.53 10.46
CA ALA A 14 3.09 -9.96 10.49
C ALA A 14 3.31 -10.59 9.12
N LEU A 15 3.01 -9.83 8.07
CA LEU A 15 3.17 -10.32 6.70
C LEU A 15 4.64 -10.35 6.31
N GLY A 16 5.34 -9.25 6.56
CA GLY A 16 6.76 -9.18 6.23
C GLY A 16 7.06 -8.09 5.23
N LEU A 17 6.36 -6.96 5.35
CA LEU A 17 6.56 -5.84 4.45
C LEU A 17 6.57 -4.51 5.22
N ARG A 18 7.15 -3.48 4.62
CA ARG A 18 7.22 -2.17 5.24
C ARG A 18 6.72 -1.09 4.29
N LEU A 19 6.64 0.14 4.80
CA LEU A 19 6.18 1.27 4.00
C LEU A 19 7.27 1.74 3.05
N GLY A 20 6.85 2.33 1.93
CA GLY A 20 7.81 2.81 0.95
C GLY A 20 8.07 1.81 -0.16
N ASP A 21 8.13 0.54 0.20
CA ASP A 21 8.37 -0.53 -0.77
C ASP A 21 7.20 -0.65 -1.74
N ARG A 22 7.45 -1.27 -2.89
CA ARG A 22 6.42 -1.46 -3.90
C ARG A 22 5.83 -2.86 -3.82
N VAL A 23 4.61 -3.01 -4.34
CA VAL A 23 3.93 -4.31 -4.34
C VAL A 23 3.27 -4.59 -5.68
N LEU A 24 2.90 -5.85 -5.90
CA LEU A 24 2.26 -6.25 -7.14
C LEU A 24 0.75 -6.29 -6.99
N LEU A 25 0.06 -5.41 -7.71
CA LEU A 25 -1.39 -5.34 -7.65
C LEU A 25 -2.02 -6.30 -8.65
N ASP A 26 -2.76 -7.29 -8.13
CA ASP A 26 -3.41 -8.27 -8.98
C ASP A 26 -2.39 -9.05 -9.81
N GLY A 27 -1.18 -9.16 -9.28
CA GLY A 27 -0.12 -9.88 -9.99
C GLY A 27 0.13 -9.32 -11.37
N GLN A 28 -0.07 -8.01 -11.53
CA GLN A 28 0.14 -7.36 -12.81
C GLN A 28 0.65 -5.93 -12.61
N LYS A 29 -0.22 -5.07 -12.10
CA LYS A 29 0.14 -3.67 -11.87
C LYS A 29 1.15 -3.56 -10.73
N THR A 30 1.80 -2.40 -10.64
CA THR A 30 2.80 -2.16 -9.60
C THR A 30 2.58 -0.81 -8.94
N GLY A 31 2.70 -0.78 -7.61
CA GLY A 31 2.51 0.46 -6.88
C GLY A 31 3.41 0.57 -5.67
N THR A 32 3.47 1.75 -5.07
CA THR A 32 4.30 1.97 -3.89
C THR A 32 3.45 2.03 -2.63
N LEU A 33 3.87 1.29 -1.61
CA LEU A 33 3.15 1.27 -0.34
C LEU A 33 3.32 2.58 0.41
N ARG A 34 2.24 3.04 1.04
CA ARG A 34 2.27 4.28 1.80
C ARG A 34 1.47 4.15 3.09
N PHE A 35 0.26 3.61 2.99
CA PHE A 35 -0.60 3.43 4.15
C PHE A 35 -0.75 1.95 4.48
N CYS A 36 -0.96 1.65 5.76
CA CYS A 36 -1.13 0.27 6.21
C CYS A 36 -1.84 0.22 7.56
N GLY A 37 -2.99 -0.46 7.59
CA GLY A 37 -3.74 -0.57 8.81
C GLY A 37 -5.24 -0.57 8.56
N THR A 38 -5.99 0.10 9.44
CA THR A 38 -7.43 0.19 9.31
C THR A 38 -7.84 1.36 8.43
N THR A 39 -9.14 1.56 8.29
CA THR A 39 -9.66 2.65 7.47
C THR A 39 -10.79 3.39 8.19
N GLU A 40 -11.21 4.51 7.62
CA GLU A 40 -12.28 5.31 8.22
C GLU A 40 -13.56 5.18 7.41
N PHE A 41 -13.44 5.28 6.08
CA PHE A 41 -14.59 5.19 5.19
C PHE A 41 -15.09 3.74 5.12
N ALA A 42 -14.18 2.79 5.34
CA ALA A 42 -14.54 1.38 5.30
C ALA A 42 -14.13 0.67 6.58
N SER A 43 -14.18 -0.66 6.57
CA SER A 43 -13.83 -1.45 7.74
C SER A 43 -12.84 -2.54 7.36
N GLY A 44 -12.38 -3.29 8.37
CA GLY A 44 -11.43 -4.36 8.11
C GLY A 44 -10.01 -3.86 7.99
N GLN A 45 -9.21 -4.55 7.17
CA GLN A 45 -7.82 -4.17 6.97
C GLN A 45 -7.57 -3.75 5.52
N TRP A 46 -7.00 -2.57 5.34
CA TRP A 46 -6.72 -2.05 4.01
C TRP A 46 -5.31 -1.47 3.94
N VAL A 47 -4.90 -1.06 2.74
CA VAL A 47 -3.59 -0.49 2.53
C VAL A 47 -3.57 0.49 1.36
N GLY A 48 -2.83 1.57 1.51
CA GLY A 48 -2.75 2.56 0.45
C GLY A 48 -1.55 2.35 -0.47
N VAL A 49 -1.82 2.18 -1.75
CA VAL A 49 -0.76 1.96 -2.73
C VAL A 49 -0.84 2.98 -3.86
N GLU A 50 0.32 3.53 -4.23
CA GLU A 50 0.38 4.52 -5.31
C GLU A 50 0.74 3.86 -6.64
N LEU A 51 -0.08 4.10 -7.66
CA LEU A 51 0.14 3.53 -8.97
C LEU A 51 1.34 4.18 -9.66
N ASP A 52 2.31 3.37 -10.05
CA ASP A 52 3.51 3.88 -10.72
C ASP A 52 3.16 4.49 -12.07
N GLU A 53 2.55 3.69 -12.94
CA GLU A 53 2.16 4.14 -14.27
C GLU A 53 1.15 5.28 -14.18
N PRO A 54 0.94 6.01 -15.28
CA PRO A 54 -0.02 7.13 -15.32
C PRO A 54 -1.47 6.66 -15.24
N GLU A 55 -1.87 6.21 -14.05
CA GLU A 55 -3.22 5.73 -13.83
C GLU A 55 -3.63 5.87 -12.38
N GLY A 56 -4.92 5.67 -12.10
CA GLY A 56 -5.40 5.78 -10.74
C GLY A 56 -6.85 6.25 -10.68
N LYS A 57 -7.31 6.58 -9.48
CA LYS A 57 -8.69 7.04 -9.28
C LYS A 57 -8.74 8.19 -8.29
N ASN A 58 -8.27 7.94 -7.07
CA ASN A 58 -8.26 8.95 -6.02
C ASN A 58 -6.88 9.56 -5.86
N ASP A 59 -6.82 10.76 -5.28
CA ASP A 59 -5.56 11.45 -5.06
C ASP A 59 -5.05 11.23 -3.63
N GLY A 60 -5.23 10.01 -3.14
CA GLY A 60 -4.79 9.69 -1.79
C GLY A 60 -5.49 10.51 -0.74
N SER A 61 -6.71 10.93 -1.04
CA SER A 61 -7.49 11.75 -0.11
C SER A 61 -8.98 11.39 -0.19
N VAL A 62 -9.54 10.94 0.93
CA VAL A 62 -10.95 10.57 0.98
C VAL A 62 -11.67 11.32 2.09
N GLY A 63 -12.55 12.24 1.70
CA GLY A 63 -13.30 13.01 2.66
C GLY A 63 -12.40 13.82 3.58
N GLY A 64 -12.46 13.55 4.87
CA GLY A 64 -11.65 14.26 5.83
C GLY A 64 -10.43 13.47 6.26
N VAL A 65 -9.97 12.56 5.40
CA VAL A 65 -8.81 11.74 5.70
C VAL A 65 -7.80 11.80 4.56
N ARG A 66 -6.53 11.99 4.92
CA ARG A 66 -5.45 12.07 3.94
C ARG A 66 -4.47 10.92 4.11
N TYR A 67 -4.09 10.30 3.00
CA TYR A 67 -3.15 9.18 3.03
C TYR A 67 -1.83 9.56 2.35
N PHE A 68 -1.92 10.33 1.27
CA PHE A 68 -0.74 10.76 0.54
C PHE A 68 -1.12 11.68 -0.62
N ILE A 69 -0.21 12.59 -0.97
CA ILE A 69 -0.46 13.52 -2.06
C ILE A 69 0.21 13.05 -3.35
N CYS A 70 -0.58 12.43 -4.23
CA CYS A 70 -0.06 11.94 -5.49
C CYS A 70 -0.67 12.71 -6.67
N PRO A 71 -0.02 12.66 -7.84
CA PRO A 71 -0.50 13.36 -9.03
C PRO A 71 -1.95 13.03 -9.36
N PRO A 72 -2.51 13.65 -10.42
CA PRO A 72 -3.90 13.42 -10.82
C PRO A 72 -4.22 11.94 -10.98
N LYS A 73 -4.97 11.39 -10.02
CA LYS A 73 -5.34 9.99 -10.07
C LYS A 73 -4.11 9.08 -10.07
N GLN A 74 -3.60 8.78 -8.89
CA GLN A 74 -2.42 7.93 -8.76
C GLN A 74 -2.43 7.19 -7.43
N GLY A 75 -3.62 6.96 -6.89
CA GLY A 75 -3.74 6.26 -5.62
C GLY A 75 -4.89 5.27 -5.61
N LEU A 76 -4.63 4.06 -5.12
CA LEU A 76 -5.65 3.02 -5.05
C LEU A 76 -5.55 2.24 -3.75
N PHE A 77 -6.69 2.04 -3.10
CA PHE A 77 -6.72 1.30 -1.83
C PHE A 77 -7.26 -0.11 -2.05
N ALA A 78 -6.62 -1.09 -1.42
CA ALA A 78 -7.03 -2.48 -1.53
C ALA A 78 -6.59 -3.28 -0.32
N SER A 79 -7.16 -4.48 -0.18
CA SER A 79 -6.83 -5.35 0.94
C SER A 79 -5.50 -6.06 0.71
N VAL A 80 -4.76 -6.30 1.80
CA VAL A 80 -3.47 -6.96 1.71
C VAL A 80 -3.60 -8.34 1.06
N SER A 81 -4.75 -8.97 1.25
CA SER A 81 -4.99 -10.29 0.69
C SER A 81 -4.99 -10.25 -0.83
N LYS A 82 -5.36 -9.10 -1.39
CA LYS A 82 -5.39 -8.92 -2.84
C LYS A 82 -4.12 -8.23 -3.34
N ILE A 83 -3.01 -8.46 -2.63
CA ILE A 83 -1.74 -7.85 -3.00
C ILE A 83 -0.60 -8.85 -2.84
N SER A 84 0.46 -8.67 -3.62
CA SER A 84 1.62 -9.55 -3.55
C SER A 84 2.91 -8.74 -3.42
N LYS A 85 3.95 -9.37 -2.88
CA LYS A 85 5.23 -8.71 -2.70
C LYS A 85 6.03 -8.69 -4.00
N ALA A 86 6.20 -7.50 -4.57
CA ALA A 86 6.93 -7.34 -5.81
C ALA A 86 8.44 -7.26 -5.56
N VAL A 87 9.20 -7.07 -6.62
CA VAL A 87 10.66 -6.97 -6.52
C VAL A 87 11.26 -8.28 -6.02
N ASP A 88 12.31 -8.73 -6.69
CA ASP A 88 12.98 -9.97 -6.31
C ASP A 88 12.02 -11.15 -6.41
N ALA A 89 12.01 -11.82 -7.55
CA ALA A 89 11.15 -12.97 -7.76
C ALA A 89 11.95 -14.26 -7.89
N SER A 90 13.09 -14.30 -7.21
CA SER A 90 13.96 -15.47 -7.24
C SER A 90 14.12 -16.07 -5.85
N GLY A 91 13.62 -17.28 -5.67
CA GLY A 91 13.71 -17.95 -4.39
C GLY A 91 12.94 -19.26 -4.35
N PRO A 92 12.23 -19.55 -3.25
CA PRO A 92 11.46 -20.80 -3.11
C PRO A 92 10.56 -21.04 -4.31
N SER A 93 10.57 -22.28 -4.81
CA SER A 93 9.74 -22.65 -5.95
C SER A 93 9.66 -24.17 -6.09
N SER A 94 8.52 -24.65 -6.55
CA SER A 94 8.31 -26.09 -6.73
C SER A 94 7.29 -26.35 -7.83
N GLY A 95 6.18 -25.64 -7.79
CA GLY A 95 5.14 -25.82 -8.80
C GLY A 95 3.83 -25.16 -8.42
N GLY A 1 0.31 -11.55 22.68
CA GLY A 1 -0.75 -12.42 22.11
C GLY A 1 -1.01 -12.14 20.64
N SER A 2 -1.15 -10.86 20.29
CA SER A 2 -1.40 -10.47 18.91
C SER A 2 -0.38 -9.43 18.45
N SER A 3 -0.14 -8.43 19.30
CA SER A 3 0.81 -7.37 18.97
C SER A 3 2.13 -7.58 19.72
N GLY A 4 2.09 -7.43 21.04
CA GLY A 4 3.29 -7.61 21.83
C GLY A 4 4.16 -6.37 21.86
N SER A 5 4.77 -6.05 20.72
CA SER A 5 5.63 -4.88 20.62
C SER A 5 4.99 -3.81 19.73
N SER A 6 5.04 -2.56 20.19
CA SER A 6 4.47 -1.45 19.43
C SER A 6 5.54 -0.78 18.57
N GLY A 7 5.20 -0.53 17.31
CA GLY A 7 6.14 0.11 16.41
C GLY A 7 5.57 0.31 15.02
N GLY A 8 5.69 -0.71 14.18
CA GLY A 8 5.17 -0.63 12.82
C GLY A 8 3.66 -0.53 12.79
N ASN A 9 3.00 -1.66 12.52
CA ASN A 9 1.55 -1.69 12.46
C ASN A 9 1.02 -3.09 12.79
N LEU A 10 -0.30 -3.21 12.88
CA LEU A 10 -0.93 -4.49 13.19
C LEU A 10 -1.03 -5.37 11.95
N MET A 11 -1.21 -4.73 10.79
CA MET A 11 -1.32 -5.45 9.53
C MET A 11 0.05 -5.68 8.91
N LEU A 12 0.88 -4.64 8.93
CA LEU A 12 2.23 -4.72 8.37
C LEU A 12 3.04 -5.81 9.06
N SER A 13 2.76 -6.03 10.35
CA SER A 13 3.46 -7.04 11.13
C SER A 13 3.12 -8.44 10.64
N ALA A 14 1.85 -8.63 10.27
CA ALA A 14 1.39 -9.93 9.78
C ALA A 14 2.00 -10.27 8.43
N LEU A 15 2.22 -9.24 7.62
CA LEU A 15 2.79 -9.42 6.30
C LEU A 15 4.32 -9.39 6.35
N GLY A 16 4.85 -8.56 7.26
CA GLY A 16 6.29 -8.45 7.40
C GLY A 16 6.91 -7.59 6.31
N LEU A 17 6.26 -6.48 6.00
CA LEU A 17 6.75 -5.57 4.97
C LEU A 17 6.89 -4.15 5.53
N ARG A 18 7.77 -3.37 4.91
CA ARG A 18 8.00 -1.99 5.34
C ARG A 18 7.55 -1.01 4.26
N LEU A 19 7.12 0.17 4.69
CA LEU A 19 6.67 1.21 3.76
C LEU A 19 7.78 1.61 2.81
N GLY A 20 7.40 1.99 1.59
CA GLY A 20 8.38 2.39 0.60
C GLY A 20 8.57 1.34 -0.47
N ASP A 21 8.53 0.07 -0.07
CA ASP A 21 8.71 -1.03 -1.01
C ASP A 21 7.53 -1.13 -1.97
N ARG A 22 7.78 -1.65 -3.16
CA ARG A 22 6.73 -1.80 -4.17
C ARG A 22 5.89 -3.05 -3.89
N VAL A 23 4.70 -3.10 -4.49
CA VAL A 23 3.81 -4.23 -4.32
C VAL A 23 3.00 -4.50 -5.58
N LEU A 24 2.67 -5.77 -5.82
CA LEU A 24 1.89 -6.15 -6.98
C LEU A 24 0.40 -5.99 -6.73
N LEU A 25 -0.24 -5.14 -7.53
CA LEU A 25 -1.67 -4.90 -7.39
C LEU A 25 -2.46 -5.65 -8.46
N ASP A 26 -3.43 -6.44 -8.04
CA ASP A 26 -4.27 -7.20 -8.97
C ASP A 26 -3.41 -8.15 -9.80
N GLY A 27 -2.23 -8.49 -9.29
CA GLY A 27 -1.35 -9.39 -10.01
C GLY A 27 -1.06 -8.93 -11.43
N GLN A 28 -0.62 -7.69 -11.56
CA GLN A 28 -0.31 -7.12 -12.88
C GLN A 28 0.25 -5.71 -12.74
N LYS A 29 -0.41 -4.89 -11.94
CA LYS A 29 0.03 -3.51 -11.74
C LYS A 29 1.13 -3.44 -10.68
N THR A 30 1.88 -2.35 -10.69
CA THR A 30 2.98 -2.17 -9.75
C THR A 30 2.85 -0.81 -9.04
N GLY A 31 2.81 -0.85 -7.70
CA GLY A 31 2.70 0.37 -6.94
C GLY A 31 3.65 0.40 -5.75
N THR A 32 3.62 1.50 -5.00
CA THR A 32 4.48 1.65 -3.84
C THR A 32 3.65 1.73 -2.56
N LEU A 33 4.18 1.17 -1.47
CA LEU A 33 3.49 1.17 -0.19
C LEU A 33 3.67 2.52 0.51
N ARG A 34 2.56 3.20 0.79
CA ARG A 34 2.61 4.49 1.47
C ARG A 34 1.88 4.43 2.80
N PHE A 35 0.69 3.83 2.79
CA PHE A 35 -0.11 3.72 4.01
C PHE A 35 -0.54 2.26 4.24
N CYS A 36 -0.63 1.88 5.51
CA CYS A 36 -1.03 0.52 5.86
C CYS A 36 -1.72 0.50 7.22
N GLY A 37 -2.95 -0.02 7.25
CA GLY A 37 -3.70 -0.07 8.49
C GLY A 37 -5.20 -0.17 8.26
N THR A 38 -5.96 0.62 9.00
CA THR A 38 -7.41 0.62 8.87
C THR A 38 -7.91 1.98 8.41
N THR A 39 -9.24 2.13 8.35
CA THR A 39 -9.84 3.39 7.92
C THR A 39 -10.74 3.96 9.02
N GLU A 40 -11.32 5.12 8.76
CA GLU A 40 -12.20 5.77 9.72
C GLU A 40 -13.64 5.80 9.22
N PHE A 41 -13.81 5.97 7.93
CA PHE A 41 -15.13 6.01 7.32
C PHE A 41 -15.77 4.63 7.30
N ALA A 42 -14.93 3.60 7.20
CA ALA A 42 -15.41 2.22 7.17
C ALA A 42 -14.58 1.34 8.09
N SER A 43 -15.00 0.09 8.24
CA SER A 43 -14.30 -0.86 9.10
C SER A 43 -13.68 -1.98 8.27
N GLY A 44 -12.45 -2.36 8.62
CA GLY A 44 -11.77 -3.42 7.90
C GLY A 44 -10.28 -3.14 7.74
N GLN A 45 -9.64 -3.90 6.87
CA GLN A 45 -8.21 -3.73 6.62
C GLN A 45 -7.96 -3.19 5.21
N TRP A 46 -7.30 -2.04 5.13
CA TRP A 46 -7.00 -1.43 3.84
C TRP A 46 -5.53 -1.02 3.78
N VAL A 47 -5.06 -0.73 2.56
CA VAL A 47 -3.67 -0.32 2.36
C VAL A 47 -3.55 0.63 1.19
N GLY A 48 -2.85 1.74 1.39
CA GLY A 48 -2.66 2.73 0.34
C GLY A 48 -1.47 2.42 -0.54
N VAL A 49 -1.72 2.27 -1.83
CA VAL A 49 -0.66 1.97 -2.79
C VAL A 49 -0.66 2.96 -3.95
N GLU A 50 0.51 3.52 -4.24
CA GLU A 50 0.64 4.47 -5.33
C GLU A 50 0.92 3.77 -6.65
N LEU A 51 0.04 3.98 -7.62
CA LEU A 51 0.19 3.36 -8.94
C LEU A 51 1.34 4.00 -9.71
N ASP A 52 2.12 3.17 -10.40
CA ASP A 52 3.25 3.65 -11.18
C ASP A 52 2.79 4.53 -12.33
N GLU A 53 2.11 3.92 -13.30
CA GLU A 53 1.60 4.65 -14.46
C GLU A 53 0.42 5.54 -14.06
N PRO A 54 0.07 6.50 -14.93
CA PRO A 54 -1.04 7.42 -14.67
C PRO A 54 -2.40 6.72 -14.66
N GLU A 55 -2.71 6.07 -13.55
CA GLU A 55 -3.97 5.34 -13.41
C GLU A 55 -4.51 5.45 -11.98
N GLY A 56 -5.79 5.17 -11.81
CA GLY A 56 -6.40 5.25 -10.50
C GLY A 56 -7.65 6.10 -10.49
N LYS A 57 -7.97 6.65 -9.31
CA LYS A 57 -9.15 7.50 -9.17
C LYS A 57 -8.96 8.50 -8.03
N ASN A 58 -8.48 8.01 -6.89
CA ASN A 58 -8.26 8.86 -5.73
C ASN A 58 -6.85 9.43 -5.74
N ASP A 59 -6.68 10.61 -5.15
CA ASP A 59 -5.37 11.26 -5.09
C ASP A 59 -4.72 11.02 -3.73
N GLY A 60 -4.93 9.84 -3.17
CA GLY A 60 -4.35 9.52 -1.88
C GLY A 60 -5.19 10.01 -0.72
N SER A 61 -6.50 10.11 -0.94
CA SER A 61 -7.42 10.58 0.10
C SER A 61 -8.79 9.93 -0.06
N VAL A 62 -9.56 9.90 1.02
CA VAL A 62 -10.89 9.31 1.01
C VAL A 62 -11.85 10.08 1.91
N GLY A 63 -12.69 10.92 1.31
CA GLY A 63 -13.63 11.70 2.08
C GLY A 63 -12.96 12.71 2.99
N GLY A 64 -12.88 12.39 4.28
CA GLY A 64 -12.25 13.29 5.22
C GLY A 64 -11.04 12.67 5.90
N VAL A 65 -10.38 11.76 5.19
CA VAL A 65 -9.20 11.09 5.72
C VAL A 65 -8.09 11.02 4.67
N ARG A 66 -6.97 11.68 4.95
CA ARG A 66 -5.83 11.68 4.04
C ARG A 66 -4.75 10.72 4.50
N TYR A 67 -4.15 10.02 3.54
CA TYR A 67 -3.10 9.06 3.84
C TYR A 67 -1.78 9.47 3.19
N PHE A 68 -1.85 9.95 1.96
CA PHE A 68 -0.66 10.39 1.23
C PHE A 68 -1.03 11.37 0.12
N ILE A 69 -0.03 11.81 -0.62
CA ILE A 69 -0.24 12.75 -1.72
C ILE A 69 0.46 12.28 -3.00
N CYS A 70 -0.32 12.03 -4.04
CA CYS A 70 0.22 11.58 -5.31
C CYS A 70 -0.34 12.41 -6.47
N PRO A 71 0.34 12.39 -7.63
CA PRO A 71 -0.08 13.15 -8.81
C PRO A 71 -1.54 12.87 -9.17
N PRO A 72 -2.06 13.54 -10.22
CA PRO A 72 -3.43 13.37 -10.67
C PRO A 72 -3.79 11.90 -10.91
N LYS A 73 -4.58 11.34 -10.01
CA LYS A 73 -5.00 9.94 -10.13
C LYS A 73 -3.78 9.02 -10.11
N GLN A 74 -3.35 8.64 -8.91
CA GLN A 74 -2.20 7.76 -8.76
C GLN A 74 -2.22 7.06 -7.40
N GLY A 75 -3.42 6.84 -6.88
CA GLY A 75 -3.56 6.17 -5.60
C GLY A 75 -4.77 5.28 -5.53
N LEU A 76 -4.63 4.12 -4.90
CA LEU A 76 -5.72 3.18 -4.75
C LEU A 76 -5.62 2.39 -3.45
N PHE A 77 -6.72 2.35 -2.70
CA PHE A 77 -6.76 1.65 -1.43
C PHE A 77 -7.44 0.29 -1.59
N ALA A 78 -6.68 -0.77 -1.36
CA ALA A 78 -7.21 -2.13 -1.47
C ALA A 78 -6.83 -2.97 -0.26
N SER A 79 -7.32 -4.21 -0.24
CA SER A 79 -7.03 -5.12 0.87
C SER A 79 -5.68 -5.82 0.65
N VAL A 80 -5.01 -6.14 1.75
CA VAL A 80 -3.71 -6.80 1.69
C VAL A 80 -3.82 -8.15 1.00
N SER A 81 -5.00 -8.77 1.10
CA SER A 81 -5.23 -10.08 0.49
C SER A 81 -5.14 -9.98 -1.03
N LYS A 82 -5.47 -8.81 -1.56
CA LYS A 82 -5.43 -8.60 -3.01
C LYS A 82 -4.14 -7.90 -3.42
N ILE A 83 -3.07 -8.13 -2.65
CA ILE A 83 -1.78 -7.53 -2.93
C ILE A 83 -0.64 -8.44 -2.49
N SER A 84 0.46 -8.41 -3.22
CA SER A 84 1.62 -9.23 -2.90
C SER A 84 2.91 -8.42 -3.01
N LYS A 85 4.03 -9.04 -2.64
CA LYS A 85 5.33 -8.37 -2.70
C LYS A 85 5.81 -8.26 -4.13
N ALA A 86 6.26 -7.05 -4.50
CA ALA A 86 6.76 -6.81 -5.84
C ALA A 86 8.28 -6.75 -5.87
N VAL A 87 8.84 -6.41 -7.03
CA VAL A 87 10.28 -6.31 -7.18
C VAL A 87 10.94 -7.68 -7.04
N ASP A 88 10.39 -8.67 -7.72
CA ASP A 88 10.92 -10.03 -7.67
C ASP A 88 10.87 -10.58 -6.24
N ALA A 89 11.19 -11.86 -6.09
CA ALA A 89 11.19 -12.50 -4.79
C ALA A 89 12.59 -12.91 -4.37
N SER A 90 12.77 -13.18 -3.09
CA SER A 90 14.06 -13.59 -2.56
C SER A 90 14.38 -15.03 -2.95
N GLY A 91 15.66 -15.38 -2.93
CA GLY A 91 16.07 -16.73 -3.28
C GLY A 91 17.02 -17.33 -2.26
N PRO A 92 17.93 -18.22 -2.69
CA PRO A 92 18.89 -18.87 -1.78
C PRO A 92 19.94 -17.89 -1.27
N SER A 93 20.10 -17.85 0.05
CA SER A 93 21.07 -16.96 0.68
C SER A 93 22.49 -17.28 0.20
N SER A 94 23.41 -16.34 0.41
CA SER A 94 24.80 -16.52 0.00
C SER A 94 25.75 -15.89 1.02
N GLY A 95 25.37 -15.94 2.28
CA GLY A 95 26.20 -15.36 3.33
C GLY A 95 25.82 -13.93 3.64
N GLY A 1 -11.16 -11.64 20.97
CA GLY A 1 -12.21 -11.46 19.92
C GLY A 1 -12.60 -10.00 19.74
N SER A 2 -11.60 -9.12 19.76
CA SER A 2 -11.85 -7.70 19.59
C SER A 2 -10.66 -7.03 18.90
N SER A 3 -9.99 -7.77 18.03
CA SER A 3 -8.84 -7.24 17.30
C SER A 3 -7.74 -6.81 18.25
N GLY A 4 -6.65 -6.31 17.70
CA GLY A 4 -5.54 -5.86 18.52
C GLY A 4 -4.65 -4.87 17.80
N SER A 5 -4.48 -3.69 18.39
CA SER A 5 -3.64 -2.66 17.79
C SER A 5 -2.69 -2.06 18.83
N SER A 6 -1.79 -1.20 18.38
CA SER A 6 -0.82 -0.56 19.27
C SER A 6 -0.08 0.56 18.54
N GLY A 7 0.72 0.19 17.55
CA GLY A 7 1.48 1.17 16.80
C GLY A 7 0.77 1.60 15.53
N GLY A 8 0.83 0.76 14.50
CA GLY A 8 0.19 1.08 13.25
C GLY A 8 0.34 -0.03 12.22
N ASN A 9 1.52 -0.65 12.19
CA ASN A 9 1.79 -1.72 11.24
C ASN A 9 0.98 -2.97 11.60
N LEU A 10 -0.32 -2.92 11.34
CA LEU A 10 -1.20 -4.03 11.63
C LEU A 10 -1.04 -5.14 10.59
N MET A 11 -1.24 -4.78 9.32
CA MET A 11 -1.12 -5.75 8.23
C MET A 11 0.34 -5.96 7.86
N LEU A 12 1.13 -4.90 7.95
CA LEU A 12 2.56 -4.96 7.63
C LEU A 12 3.27 -5.96 8.54
N SER A 13 2.87 -5.98 9.80
CA SER A 13 3.47 -6.88 10.78
C SER A 13 3.27 -8.34 10.38
N ALA A 14 2.07 -8.65 9.90
CA ALA A 14 1.74 -10.00 9.48
C ALA A 14 2.37 -10.33 8.13
N LEU A 15 2.35 -9.35 7.23
CA LEU A 15 2.92 -9.53 5.89
C LEU A 15 4.43 -9.67 5.96
N GLY A 16 5.09 -8.69 6.57
CA GLY A 16 6.54 -8.72 6.69
C GLY A 16 7.21 -7.68 5.82
N LEU A 17 6.56 -6.53 5.66
CA LEU A 17 7.12 -5.45 4.83
C LEU A 17 6.88 -4.10 5.49
N ARG A 18 7.62 -3.09 5.04
CA ARG A 18 7.50 -1.74 5.59
C ARG A 18 6.87 -0.80 4.55
N LEU A 19 6.41 0.36 5.02
CA LEU A 19 5.79 1.34 4.14
C LEU A 19 6.82 1.91 3.16
N GLY A 20 6.35 2.33 1.99
CA GLY A 20 7.23 2.88 0.99
C GLY A 20 7.64 1.86 -0.06
N ASP A 21 7.86 0.62 0.38
CA ASP A 21 8.25 -0.45 -0.52
C ASP A 21 7.19 -0.67 -1.60
N ARG A 22 7.63 -1.14 -2.77
CA ARG A 22 6.72 -1.39 -3.87
C ARG A 22 6.13 -2.80 -3.78
N VAL A 23 4.95 -2.98 -4.36
CA VAL A 23 4.28 -4.27 -4.34
C VAL A 23 3.65 -4.58 -5.70
N LEU A 24 3.12 -5.79 -5.83
CA LEU A 24 2.49 -6.22 -7.07
C LEU A 24 0.98 -6.40 -6.89
N LEU A 25 0.20 -5.50 -7.49
CA LEU A 25 -1.25 -5.57 -7.40
C LEU A 25 -1.82 -6.54 -8.42
N ASP A 26 -2.67 -7.46 -7.95
CA ASP A 26 -3.28 -8.45 -8.82
C ASP A 26 -2.23 -9.31 -9.50
N GLY A 27 -1.07 -9.44 -8.86
CA GLY A 27 0.01 -10.24 -9.42
C GLY A 27 0.40 -9.79 -10.82
N GLN A 28 0.27 -8.50 -11.08
CA GLN A 28 0.60 -7.94 -12.39
C GLN A 28 0.97 -6.47 -12.28
N LYS A 29 -0.01 -5.64 -11.94
CA LYS A 29 0.21 -4.20 -11.80
C LYS A 29 1.26 -3.92 -10.73
N THR A 30 1.85 -2.73 -10.79
CA THR A 30 2.87 -2.34 -9.82
C THR A 30 2.44 -1.08 -9.06
N GLY A 31 2.60 -1.12 -7.73
CA GLY A 31 2.22 0.01 -6.92
C GLY A 31 3.13 0.20 -5.72
N THR A 32 3.17 1.42 -5.19
CA THR A 32 4.01 1.72 -4.04
C THR A 32 3.16 1.92 -2.79
N LEU A 33 3.53 1.21 -1.72
CA LEU A 33 2.81 1.30 -0.46
C LEU A 33 3.09 2.64 0.24
N ARG A 34 2.07 3.18 0.89
CA ARG A 34 2.20 4.46 1.59
C ARG A 34 1.54 4.40 2.96
N PHE A 35 0.30 3.89 3.00
CA PHE A 35 -0.44 3.78 4.25
C PHE A 35 -0.85 2.34 4.51
N CYS A 36 -1.17 2.05 5.76
CA CYS A 36 -1.58 0.69 6.14
C CYS A 36 -2.47 0.73 7.38
N GLY A 37 -3.59 0.01 7.33
CA GLY A 37 -4.51 -0.04 8.45
C GLY A 37 -5.96 -0.07 8.01
N THR A 38 -6.85 0.34 8.91
CA THR A 38 -8.28 0.35 8.60
C THR A 38 -8.70 1.68 7.98
N THR A 39 -9.81 1.67 7.26
CA THR A 39 -10.32 2.87 6.61
C THR A 39 -11.63 3.33 7.26
N GLU A 40 -12.13 4.48 6.81
CA GLU A 40 -13.37 5.02 7.34
C GLU A 40 -14.57 4.40 6.65
N PHE A 41 -14.54 4.39 5.31
CA PHE A 41 -15.63 3.83 4.53
C PHE A 41 -15.78 2.34 4.80
N ALA A 42 -14.67 1.67 5.11
CA ALA A 42 -14.69 0.24 5.39
C ALA A 42 -13.81 -0.08 6.61
N SER A 43 -14.30 -0.98 7.45
CA SER A 43 -13.56 -1.38 8.65
C SER A 43 -12.93 -2.76 8.46
N GLY A 44 -11.63 -2.79 8.25
CA GLY A 44 -10.94 -4.05 8.06
C GLY A 44 -9.49 -3.87 7.62
N GLN A 45 -9.01 -4.80 6.80
CA GLN A 45 -7.64 -4.73 6.30
C GLN A 45 -7.57 -3.93 5.00
N TRP A 46 -6.89 -2.79 5.04
CA TRP A 46 -6.76 -1.94 3.87
C TRP A 46 -5.39 -1.28 3.83
N VAL A 47 -4.83 -1.15 2.64
CA VAL A 47 -3.52 -0.54 2.47
C VAL A 47 -3.49 0.37 1.24
N GLY A 48 -3.03 1.59 1.43
CA GLY A 48 -2.96 2.54 0.32
C GLY A 48 -1.77 2.27 -0.58
N VAL A 49 -2.02 2.17 -1.88
CA VAL A 49 -0.96 1.92 -2.85
C VAL A 49 -1.14 2.77 -4.10
N GLU A 50 -0.06 3.38 -4.56
CA GLU A 50 -0.09 4.24 -5.74
C GLU A 50 0.26 3.44 -6.99
N LEU A 51 -0.70 3.33 -7.91
CA LEU A 51 -0.47 2.60 -9.15
C LEU A 51 0.59 3.28 -10.01
N ASP A 52 1.43 2.47 -10.64
CA ASP A 52 2.50 3.00 -11.50
C ASP A 52 1.91 3.58 -12.79
N GLU A 53 0.98 2.86 -13.38
CA GLU A 53 0.34 3.31 -14.62
C GLU A 53 -0.53 4.54 -14.37
N PRO A 54 -0.84 5.30 -15.42
CA PRO A 54 -1.67 6.50 -15.32
C PRO A 54 -3.13 6.19 -15.03
N GLU A 55 -3.38 5.55 -13.89
CA GLU A 55 -4.73 5.17 -13.49
C GLU A 55 -4.92 5.33 -11.98
N GLY A 56 -6.13 5.66 -11.56
CA GLY A 56 -6.42 5.83 -10.16
C GLY A 56 -7.80 6.39 -9.89
N LYS A 57 -8.06 6.79 -8.66
CA LYS A 57 -9.35 7.35 -8.29
C LYS A 57 -9.19 8.38 -7.17
N ASN A 58 -8.43 8.02 -6.15
CA ASN A 58 -8.20 8.91 -5.02
C ASN A 58 -6.88 9.66 -5.16
N ASP A 59 -6.84 10.89 -4.66
CA ASP A 59 -5.64 11.71 -4.72
C ASP A 59 -4.92 11.74 -3.38
N GLY A 60 -5.05 10.66 -2.63
CA GLY A 60 -4.41 10.58 -1.33
C GLY A 60 -5.35 10.93 -0.19
N SER A 61 -6.31 11.80 -0.47
CA SER A 61 -7.28 12.22 0.53
C SER A 61 -8.66 11.64 0.24
N VAL A 62 -9.24 10.96 1.23
CA VAL A 62 -10.55 10.35 1.08
C VAL A 62 -11.43 10.65 2.29
N GLY A 63 -12.61 11.20 2.03
CA GLY A 63 -13.53 11.53 3.11
C GLY A 63 -12.93 12.48 4.12
N GLY A 64 -11.97 13.28 3.69
CA GLY A 64 -11.32 14.23 4.57
C GLY A 64 -10.03 13.70 5.16
N VAL A 65 -9.98 12.39 5.38
CA VAL A 65 -8.79 11.76 5.94
C VAL A 65 -7.65 11.74 4.93
N ARG A 66 -6.49 12.24 5.34
CA ARG A 66 -5.32 12.28 4.47
C ARG A 66 -4.45 11.03 4.67
N TYR A 67 -3.82 10.59 3.59
CA TYR A 67 -2.96 9.41 3.65
C TYR A 67 -1.61 9.69 2.97
N PHE A 68 -1.67 10.28 1.79
CA PHE A 68 -0.45 10.59 1.04
C PHE A 68 -0.74 11.64 -0.03
N ILE A 69 0.28 11.97 -0.81
CA ILE A 69 0.15 12.96 -1.87
C ILE A 69 0.69 12.41 -3.20
N CYS A 70 -0.22 12.12 -4.12
CA CYS A 70 0.17 11.60 -5.43
C CYS A 70 -0.48 12.41 -6.55
N PRO A 71 0.07 12.33 -7.78
CA PRO A 71 -0.46 13.05 -8.93
C PRO A 71 -1.96 12.81 -9.14
N PRO A 72 -2.59 13.59 -10.02
CA PRO A 72 -4.03 13.44 -10.30
C PRO A 72 -4.41 12.02 -10.66
N LYS A 73 -5.27 11.41 -9.84
CA LYS A 73 -5.72 10.05 -10.06
C LYS A 73 -4.53 9.08 -10.05
N GLN A 74 -4.40 8.32 -8.98
CA GLN A 74 -3.32 7.36 -8.84
C GLN A 74 -3.44 6.58 -7.53
N GLY A 75 -3.85 7.28 -6.47
CA GLY A 75 -3.99 6.64 -5.18
C GLY A 75 -5.16 5.66 -5.13
N LEU A 76 -4.86 4.38 -4.92
CA LEU A 76 -5.89 3.36 -4.87
C LEU A 76 -5.69 2.45 -3.65
N PHE A 77 -6.73 2.30 -2.85
CA PHE A 77 -6.67 1.45 -1.67
C PHE A 77 -7.20 0.06 -1.95
N ALA A 78 -6.41 -0.96 -1.61
CA ALA A 78 -6.80 -2.35 -1.83
C ALA A 78 -6.42 -3.22 -0.64
N SER A 79 -7.19 -4.29 -0.43
CA SER A 79 -6.94 -5.20 0.67
C SER A 79 -5.63 -5.96 0.46
N VAL A 80 -4.94 -6.24 1.56
CA VAL A 80 -3.68 -6.96 1.50
C VAL A 80 -3.83 -8.32 0.82
N SER A 81 -5.02 -8.90 0.94
CA SER A 81 -5.31 -10.19 0.34
C SER A 81 -5.12 -10.15 -1.17
N LYS A 82 -5.35 -8.98 -1.77
CA LYS A 82 -5.21 -8.81 -3.20
C LYS A 82 -3.91 -8.07 -3.54
N ILE A 83 -2.86 -8.35 -2.77
CA ILE A 83 -1.57 -7.73 -2.99
C ILE A 83 -0.43 -8.67 -2.63
N SER A 84 0.61 -8.69 -3.47
CA SER A 84 1.76 -9.56 -3.25
C SER A 84 3.05 -8.75 -3.24
N LYS A 85 3.92 -9.03 -2.27
CA LYS A 85 5.19 -8.33 -2.16
C LYS A 85 6.04 -8.53 -3.42
N ALA A 86 6.51 -7.42 -3.97
CA ALA A 86 7.33 -7.46 -5.19
C ALA A 86 8.67 -8.13 -4.91
N VAL A 87 9.51 -8.19 -5.94
CA VAL A 87 10.83 -8.80 -5.81
C VAL A 87 11.66 -8.11 -4.73
N ASP A 88 12.35 -8.90 -3.92
CA ASP A 88 13.17 -8.37 -2.85
C ASP A 88 14.60 -8.09 -3.34
N ALA A 89 14.99 -6.82 -3.31
CA ALA A 89 16.32 -6.42 -3.75
C ALA A 89 17.26 -6.23 -2.57
N SER A 90 17.01 -5.19 -1.79
CA SER A 90 17.83 -4.89 -0.62
C SER A 90 17.58 -5.89 0.50
N GLY A 91 18.66 -6.39 1.09
CA GLY A 91 18.53 -7.36 2.17
C GLY A 91 19.61 -8.42 2.12
N PRO A 92 19.38 -9.52 1.37
CA PRO A 92 20.36 -10.61 1.26
C PRO A 92 21.75 -10.11 0.85
N SER A 93 22.73 -11.00 0.93
CA SER A 93 24.10 -10.65 0.57
C SER A 93 24.99 -11.88 0.54
N SER A 94 24.85 -12.73 1.56
CA SER A 94 25.65 -13.95 1.64
C SER A 94 25.08 -15.03 0.73
N GLY A 95 25.91 -16.01 0.40
CA GLY A 95 25.48 -17.10 -0.47
C GLY A 95 26.35 -17.24 -1.70
N GLY A 1 3.58 2.73 20.91
CA GLY A 1 4.33 1.45 20.77
C GLY A 1 4.53 0.74 22.10
N SER A 2 4.87 1.50 23.13
CA SER A 2 5.10 0.95 24.46
C SER A 2 3.87 1.13 25.34
N SER A 3 2.69 1.12 24.72
CA SER A 3 1.44 1.28 25.45
C SER A 3 0.38 0.32 24.94
N GLY A 4 0.83 -0.85 24.48
CA GLY A 4 -0.09 -1.85 23.98
C GLY A 4 0.58 -2.87 23.09
N SER A 5 0.17 -2.93 21.83
CA SER A 5 0.73 -3.88 20.88
C SER A 5 0.88 -3.23 19.50
N SER A 6 2.02 -2.58 19.27
CA SER A 6 2.29 -1.92 18.01
C SER A 6 1.26 -0.82 17.73
N GLY A 7 1.65 0.15 16.92
CA GLY A 7 0.75 1.24 16.59
C GLY A 7 0.72 1.53 15.10
N GLY A 8 1.82 2.04 14.57
CA GLY A 8 1.89 2.35 13.16
C GLY A 8 1.96 1.11 12.29
N ASN A 9 2.93 0.24 12.58
CA ASN A 9 3.11 -0.99 11.82
C ASN A 9 2.42 -2.16 12.51
N LEU A 10 1.12 -2.27 12.32
CA LEU A 10 0.34 -3.35 12.92
C LEU A 10 0.38 -4.60 12.06
N MET A 11 -0.18 -4.51 10.85
CA MET A 11 -0.21 -5.63 9.93
C MET A 11 1.10 -5.75 9.16
N LEU A 12 1.75 -4.61 8.94
CA LEU A 12 3.03 -4.58 8.22
C LEU A 12 4.07 -5.43 8.92
N SER A 13 4.15 -5.30 10.24
CA SER A 13 5.11 -6.07 11.03
C SER A 13 4.81 -7.56 10.95
N ALA A 14 3.55 -7.91 11.14
CA ALA A 14 3.13 -9.31 11.09
C ALA A 14 3.21 -9.85 9.67
N LEU A 15 2.96 -9.00 8.69
CA LEU A 15 3.00 -9.40 7.29
C LEU A 15 4.44 -9.51 6.80
N GLY A 16 5.26 -8.54 7.19
CA GLY A 16 6.65 -8.54 6.79
C GLY A 16 6.93 -7.58 5.64
N LEU A 17 6.36 -6.38 5.73
CA LEU A 17 6.54 -5.38 4.70
C LEU A 17 6.77 -4.00 5.31
N ARG A 18 7.41 -3.12 4.55
CA ARG A 18 7.69 -1.77 5.02
C ARG A 18 7.05 -0.73 4.11
N LEU A 19 6.82 0.46 4.65
CA LEU A 19 6.19 1.54 3.89
C LEU A 19 7.20 2.19 2.95
N GLY A 20 6.82 2.34 1.69
CA GLY A 20 7.71 2.95 0.71
C GLY A 20 8.11 1.99 -0.38
N ASP A 21 8.22 0.71 -0.03
CA ASP A 21 8.61 -0.32 -0.99
C ASP A 21 7.49 -0.61 -1.97
N ARG A 22 7.85 -1.07 -3.16
CA ARG A 22 6.87 -1.38 -4.20
C ARG A 22 5.96 -2.53 -3.76
N VAL A 23 4.94 -2.81 -4.56
CA VAL A 23 4.00 -3.88 -4.26
C VAL A 23 3.36 -4.43 -5.53
N LEU A 24 3.15 -5.74 -5.57
CA LEU A 24 2.53 -6.38 -6.73
C LEU A 24 1.03 -6.47 -6.57
N LEU A 25 0.31 -5.76 -7.44
CA LEU A 25 -1.15 -5.74 -7.40
C LEU A 25 -1.74 -6.61 -8.52
N ASP A 26 -2.46 -7.66 -8.13
CA ASP A 26 -3.08 -8.56 -9.09
C ASP A 26 -2.04 -9.18 -10.01
N GLY A 27 -0.80 -9.29 -9.52
CA GLY A 27 0.27 -9.86 -10.32
C GLY A 27 0.44 -9.17 -11.66
N GLN A 28 0.02 -7.91 -11.73
CA GLN A 28 0.14 -7.14 -12.96
C GLN A 28 0.39 -5.66 -12.65
N LYS A 29 -0.54 -5.04 -11.92
CA LYS A 29 -0.41 -3.64 -11.56
C LYS A 29 0.68 -3.44 -10.51
N THR A 30 1.65 -2.59 -10.83
CA THR A 30 2.75 -2.32 -9.91
C THR A 30 2.56 -0.97 -9.23
N GLY A 31 2.45 -1.00 -7.90
CA GLY A 31 2.26 0.23 -7.14
C GLY A 31 3.26 0.36 -6.00
N THR A 32 3.02 1.34 -5.13
CA THR A 32 3.91 1.57 -4.00
C THR A 32 3.09 1.70 -2.70
N LEU A 33 3.45 0.90 -1.70
CA LEU A 33 2.76 0.92 -0.42
C LEU A 33 2.91 2.29 0.25
N ARG A 34 1.83 2.77 0.85
CA ARG A 34 1.84 4.06 1.53
C ARG A 34 1.20 3.95 2.91
N PHE A 35 0.04 3.30 2.97
CA PHE A 35 -0.67 3.13 4.23
C PHE A 35 -1.05 1.67 4.44
N CYS A 36 -1.31 1.31 5.70
CA CYS A 36 -1.70 -0.06 6.03
C CYS A 36 -2.48 -0.10 7.34
N GLY A 37 -3.44 -1.01 7.43
CA GLY A 37 -4.24 -1.14 8.64
C GLY A 37 -5.72 -1.06 8.36
N THR A 38 -6.43 -0.30 9.19
CA THR A 38 -7.87 -0.13 9.02
C THR A 38 -8.20 1.19 8.32
N THR A 39 -9.46 1.38 8.00
CA THR A 39 -9.91 2.60 7.33
C THR A 39 -11.15 3.17 8.01
N GLU A 40 -11.66 4.28 7.46
CA GLU A 40 -12.84 4.93 8.01
C GLU A 40 -14.05 4.72 7.10
N PHE A 41 -13.80 4.68 5.80
CA PHE A 41 -14.86 4.50 4.82
C PHE A 41 -15.17 3.02 4.62
N ALA A 42 -14.15 2.18 4.79
CA ALA A 42 -14.31 0.74 4.62
C ALA A 42 -13.91 0.00 5.89
N SER A 43 -14.86 -0.74 6.46
CA SER A 43 -14.60 -1.50 7.68
C SER A 43 -13.83 -2.78 7.36
N GLY A 44 -12.56 -2.81 7.74
CA GLY A 44 -11.74 -3.98 7.49
C GLY A 44 -10.27 -3.63 7.32
N GLN A 45 -9.51 -4.55 6.72
CA GLN A 45 -8.09 -4.33 6.50
C GLN A 45 -7.83 -3.81 5.09
N TRP A 46 -7.12 -2.70 5.00
CA TRP A 46 -6.80 -2.09 3.71
C TRP A 46 -5.41 -1.45 3.73
N VAL A 47 -4.86 -1.21 2.55
CA VAL A 47 -3.54 -0.60 2.43
C VAL A 47 -3.50 0.39 1.27
N GLY A 48 -3.00 1.60 1.55
CA GLY A 48 -2.91 2.61 0.51
C GLY A 48 -1.74 2.39 -0.42
N VAL A 49 -2.03 2.24 -1.71
CA VAL A 49 -0.99 2.02 -2.70
C VAL A 49 -1.12 3.00 -3.87
N GLU A 50 0.02 3.39 -4.43
CA GLU A 50 0.04 4.34 -5.55
C GLU A 50 0.31 3.60 -6.86
N LEU A 51 -0.51 3.90 -7.87
CA LEU A 51 -0.35 3.27 -9.18
C LEU A 51 0.77 3.93 -9.98
N ASP A 52 1.83 3.17 -10.23
CA ASP A 52 2.97 3.67 -10.99
C ASP A 52 2.55 4.12 -12.38
N GLU A 53 1.61 3.38 -12.98
CA GLU A 53 1.12 3.70 -14.31
C GLU A 53 0.17 4.91 -14.27
N PRO A 54 -0.04 5.56 -15.42
CA PRO A 54 -0.92 6.74 -15.51
C PRO A 54 -2.38 6.37 -15.32
N GLU A 55 -2.72 5.87 -14.14
CA GLU A 55 -4.09 5.49 -13.83
C GLU A 55 -4.38 5.64 -12.34
N GLY A 56 -5.53 6.22 -12.02
CA GLY A 56 -5.90 6.41 -10.63
C GLY A 56 -7.24 7.12 -10.49
N LYS A 57 -7.79 7.09 -9.28
CA LYS A 57 -9.07 7.74 -9.00
C LYS A 57 -8.94 8.73 -7.86
N ASN A 58 -8.45 8.26 -6.71
CA ASN A 58 -8.29 9.11 -5.54
C ASN A 58 -6.93 9.81 -5.58
N ASP A 59 -6.88 11.02 -5.02
CA ASP A 59 -5.64 11.79 -4.98
C ASP A 59 -4.97 11.69 -3.61
N GLY A 60 -5.18 10.56 -2.94
CA GLY A 60 -4.59 10.35 -1.64
C GLY A 60 -5.53 10.73 -0.50
N SER A 61 -6.29 11.80 -0.70
CA SER A 61 -7.23 12.26 0.31
C SER A 61 -8.64 11.72 0.04
N VAL A 62 -9.27 11.19 1.08
CA VAL A 62 -10.62 10.64 0.95
C VAL A 62 -11.40 10.79 2.25
N GLY A 63 -12.64 11.27 2.13
CA GLY A 63 -13.47 11.46 3.30
C GLY A 63 -12.86 12.42 4.30
N GLY A 64 -11.98 13.30 3.83
CA GLY A 64 -11.34 14.26 4.70
C GLY A 64 -9.99 13.79 5.19
N VAL A 65 -9.83 12.48 5.33
CA VAL A 65 -8.57 11.90 5.80
C VAL A 65 -7.55 11.84 4.67
N ARG A 66 -6.27 11.91 5.03
CA ARG A 66 -5.19 11.86 4.05
C ARG A 66 -4.21 10.73 4.38
N TYR A 67 -3.83 9.98 3.35
CA TYR A 67 -2.90 8.87 3.52
C TYR A 67 -1.58 9.15 2.83
N PHE A 68 -1.65 9.78 1.66
CA PHE A 68 -0.46 10.11 0.89
C PHE A 68 -0.78 11.15 -0.18
N ILE A 69 0.25 11.56 -0.92
CA ILE A 69 0.08 12.55 -1.97
C ILE A 69 0.63 12.03 -3.30
N CYS A 70 -0.25 11.85 -4.27
CA CYS A 70 0.14 11.37 -5.59
C CYS A 70 -0.38 12.29 -6.70
N PRO A 71 0.23 12.21 -7.90
CA PRO A 71 -0.18 13.05 -9.03
C PRO A 71 -1.67 12.96 -9.31
N PRO A 72 -2.16 13.72 -10.31
CA PRO A 72 -3.59 13.72 -10.67
C PRO A 72 -4.13 12.32 -10.91
N LYS A 73 -4.87 11.80 -9.93
CA LYS A 73 -5.45 10.47 -10.03
C LYS A 73 -4.36 9.41 -10.20
N GLN A 74 -3.75 9.02 -9.08
CA GLN A 74 -2.69 8.02 -9.10
C GLN A 74 -2.63 7.27 -7.78
N GLY A 75 -3.77 7.15 -7.11
CA GLY A 75 -3.82 6.47 -5.83
C GLY A 75 -4.99 5.50 -5.74
N LEU A 76 -4.77 4.37 -5.09
CA LEU A 76 -5.81 3.35 -4.94
C LEU A 76 -5.57 2.52 -3.69
N PHE A 77 -6.65 2.21 -2.97
CA PHE A 77 -6.56 1.42 -1.75
C PHE A 77 -7.09 0.01 -1.98
N ALA A 78 -6.36 -0.98 -1.49
CA ALA A 78 -6.75 -2.38 -1.64
C ALA A 78 -6.45 -3.18 -0.38
N SER A 79 -6.84 -4.45 -0.39
CA SER A 79 -6.61 -5.33 0.76
C SER A 79 -5.28 -6.05 0.63
N VAL A 80 -4.72 -6.45 1.76
CA VAL A 80 -3.43 -7.15 1.78
C VAL A 80 -3.51 -8.44 0.96
N SER A 81 -4.68 -9.05 0.93
CA SER A 81 -4.89 -10.29 0.18
C SER A 81 -4.74 -10.05 -1.32
N LYS A 82 -5.06 -8.83 -1.76
CA LYS A 82 -4.96 -8.48 -3.17
C LYS A 82 -3.65 -7.75 -3.46
N ILE A 83 -2.64 -8.00 -2.64
CA ILE A 83 -1.34 -7.38 -2.82
C ILE A 83 -0.21 -8.29 -2.33
N SER A 84 0.99 -8.08 -2.87
CA SER A 84 2.14 -8.88 -2.48
C SER A 84 3.43 -8.08 -2.62
N LYS A 85 4.54 -8.67 -2.18
CA LYS A 85 5.84 -8.01 -2.26
C LYS A 85 6.33 -7.92 -3.70
N ALA A 86 6.50 -6.70 -4.18
CA ALA A 86 6.96 -6.48 -5.55
C ALA A 86 8.44 -6.84 -5.69
N VAL A 87 8.71 -8.00 -6.27
CA VAL A 87 10.07 -8.47 -6.47
C VAL A 87 10.49 -8.35 -7.93
N ASP A 88 11.38 -7.41 -8.22
CA ASP A 88 11.86 -7.20 -9.57
C ASP A 88 13.39 -7.06 -9.60
N ALA A 89 13.94 -6.96 -10.81
CA ALA A 89 15.38 -6.82 -10.96
C ALA A 89 15.82 -5.38 -10.73
N SER A 90 17.07 -5.20 -10.31
CA SER A 90 17.61 -3.87 -10.06
C SER A 90 19.13 -3.88 -10.09
N GLY A 91 19.71 -3.19 -11.06
CA GLY A 91 21.15 -3.13 -11.19
C GLY A 91 21.67 -4.05 -12.27
N PRO A 92 21.50 -3.68 -13.55
CA PRO A 92 21.97 -4.49 -14.68
C PRO A 92 23.45 -4.85 -14.57
N SER A 93 24.22 -3.95 -13.98
CA SER A 93 25.66 -4.17 -13.80
C SER A 93 26.05 -4.04 -12.34
N SER A 94 25.59 -4.99 -11.53
CA SER A 94 25.89 -4.99 -10.10
C SER A 94 25.40 -3.71 -9.44
N GLY A 95 24.32 -3.15 -9.96
CA GLY A 95 23.76 -1.92 -9.42
C GLY A 95 24.45 -0.68 -9.97
N GLY A 1 -5.62 11.30 19.43
CA GLY A 1 -5.24 10.75 20.76
C GLY A 1 -4.68 9.34 20.67
N SER A 2 -5.00 8.51 21.65
CA SER A 2 -4.53 7.13 21.67
C SER A 2 -5.64 6.17 21.30
N SER A 3 -5.26 4.96 20.88
CA SER A 3 -6.22 3.94 20.49
C SER A 3 -6.53 3.01 21.65
N GLY A 4 -7.58 3.34 22.41
CA GLY A 4 -7.98 2.52 23.53
C GLY A 4 -8.84 1.34 23.13
N SER A 5 -8.32 0.48 22.26
CA SER A 5 -9.06 -0.68 21.80
C SER A 5 -8.13 -1.67 21.11
N SER A 6 -7.25 -1.17 20.26
CA SER A 6 -6.31 -2.01 19.54
C SER A 6 -4.95 -1.31 19.38
N GLY A 7 -4.06 -1.93 18.63
CA GLY A 7 -2.75 -1.36 18.41
C GLY A 7 -2.36 -1.31 16.95
N GLY A 8 -1.49 -0.37 16.59
CA GLY A 8 -1.06 -0.25 15.21
C GLY A 8 0.00 -1.27 14.84
N ASN A 9 0.33 -1.34 13.56
CA ASN A 9 1.32 -2.29 13.07
C ASN A 9 0.89 -3.73 13.35
N LEU A 10 -0.42 -3.95 13.35
CA LEU A 10 -0.96 -5.28 13.60
C LEU A 10 -0.94 -6.13 12.33
N MET A 11 -1.11 -5.47 11.18
CA MET A 11 -1.10 -6.17 9.90
C MET A 11 0.29 -6.16 9.27
N LEU A 12 0.99 -5.04 9.41
CA LEU A 12 2.33 -4.90 8.86
C LEU A 12 3.27 -5.95 9.46
N SER A 13 3.23 -6.09 10.78
CA SER A 13 4.07 -7.05 11.47
C SER A 13 3.70 -8.48 11.08
N ALA A 14 2.43 -8.70 10.80
CA ALA A 14 1.94 -10.02 10.41
C ALA A 14 2.49 -10.42 9.05
N LEU A 15 2.30 -9.57 8.05
CA LEU A 15 2.78 -9.83 6.71
C LEU A 15 4.29 -9.65 6.61
N GLY A 16 4.79 -8.58 7.22
CA GLY A 16 6.22 -8.32 7.20
C GLY A 16 6.61 -7.32 6.13
N LEU A 17 5.72 -6.35 5.88
CA LEU A 17 5.98 -5.34 4.87
C LEU A 17 6.21 -3.98 5.53
N ARG A 18 7.11 -3.19 4.94
CA ARG A 18 7.42 -1.87 5.47
C ARG A 18 6.72 -0.78 4.67
N LEU A 19 6.64 0.42 5.24
CA LEU A 19 5.98 1.54 4.57
C LEU A 19 6.96 2.27 3.65
N GLY A 20 6.72 2.16 2.35
CA GLY A 20 7.58 2.81 1.38
C GLY A 20 8.00 1.88 0.26
N ASP A 21 8.05 0.59 0.54
CA ASP A 21 8.44 -0.41 -0.45
C ASP A 21 7.35 -0.56 -1.51
N ARG A 22 7.72 -1.17 -2.63
CA ARG A 22 6.77 -1.38 -3.73
C ARG A 22 6.01 -2.68 -3.54
N VAL A 23 4.89 -2.82 -4.25
CA VAL A 23 4.06 -4.01 -4.15
C VAL A 23 3.42 -4.33 -5.49
N LEU A 24 2.82 -5.53 -5.59
CA LEU A 24 2.17 -5.95 -6.82
C LEU A 24 0.65 -5.98 -6.64
N LEU A 25 -0.05 -5.25 -7.51
CA LEU A 25 -1.50 -5.18 -7.46
C LEU A 25 -2.13 -6.12 -8.48
N ASP A 26 -3.02 -6.99 -8.01
CA ASP A 26 -3.68 -7.95 -8.88
C ASP A 26 -2.68 -8.89 -9.53
N GLY A 27 -1.54 -9.11 -8.85
CA GLY A 27 -0.52 -9.99 -9.37
C GLY A 27 -0.04 -9.59 -10.75
N GLN A 28 -0.13 -8.29 -11.04
CA GLN A 28 0.30 -7.77 -12.33
C GLN A 28 0.76 -6.33 -12.21
N LYS A 29 -0.19 -5.42 -11.98
CA LYS A 29 0.13 -4.00 -11.84
C LYS A 29 1.08 -3.76 -10.69
N THR A 30 1.85 -2.68 -10.76
CA THR A 30 2.81 -2.35 -9.72
C THR A 30 2.42 -1.04 -9.03
N GLY A 31 2.69 -0.96 -7.73
CA GLY A 31 2.36 0.23 -6.96
C GLY A 31 3.23 0.39 -5.73
N THR A 32 3.30 1.61 -5.22
CA THR A 32 4.10 1.90 -4.03
C THR A 32 3.22 1.98 -2.79
N LEU A 33 3.65 1.33 -1.71
CA LEU A 33 2.89 1.34 -0.46
C LEU A 33 2.98 2.71 0.21
N ARG A 34 1.87 3.13 0.81
CA ARG A 34 1.82 4.42 1.50
C ARG A 34 1.23 4.26 2.90
N PHE A 35 0.13 3.52 3.00
CA PHE A 35 -0.53 3.30 4.28
C PHE A 35 -0.97 1.85 4.41
N CYS A 36 -1.02 1.36 5.65
CA CYS A 36 -1.42 -0.02 5.92
C CYS A 36 -2.14 -0.12 7.26
N GLY A 37 -3.19 -0.94 7.30
CA GLY A 37 -3.95 -1.11 8.52
C GLY A 37 -5.44 -1.06 8.29
N THR A 38 -6.13 -0.27 9.10
CA THR A 38 -7.59 -0.13 8.98
C THR A 38 -7.96 1.26 8.48
N THR A 39 -8.90 1.32 7.54
CA THR A 39 -9.34 2.59 6.98
C THR A 39 -10.61 3.08 7.68
N GLU A 40 -11.11 4.23 7.24
CA GLU A 40 -12.32 4.80 7.82
C GLU A 40 -13.53 4.52 6.93
N PHE A 41 -13.37 4.70 5.63
CA PHE A 41 -14.44 4.47 4.68
C PHE A 41 -14.87 3.01 4.70
N ALA A 42 -13.94 2.12 4.99
CA ALA A 42 -14.22 0.68 5.04
C ALA A 42 -13.58 0.04 6.26
N SER A 43 -14.19 -1.04 6.75
CA SER A 43 -13.68 -1.75 7.91
C SER A 43 -13.02 -3.05 7.51
N GLY A 44 -11.74 -3.21 7.87
CA GLY A 44 -11.02 -4.42 7.53
C GLY A 44 -9.60 -4.13 7.08
N GLN A 45 -8.99 -5.11 6.40
CA GLN A 45 -7.63 -4.95 5.92
C GLN A 45 -7.58 -4.09 4.67
N TRP A 46 -6.91 -2.94 4.76
CA TRP A 46 -6.80 -2.02 3.64
C TRP A 46 -5.41 -1.38 3.61
N VAL A 47 -4.92 -1.11 2.41
CA VAL A 47 -3.61 -0.49 2.24
C VAL A 47 -3.61 0.49 1.07
N GLY A 48 -2.99 1.64 1.27
CA GLY A 48 -2.93 2.65 0.22
C GLY A 48 -1.73 2.45 -0.69
N VAL A 49 -1.99 2.15 -1.96
CA VAL A 49 -0.94 1.95 -2.94
C VAL A 49 -1.05 2.93 -4.09
N GLU A 50 0.09 3.34 -4.64
CA GLU A 50 0.13 4.29 -5.74
C GLU A 50 0.45 3.57 -7.05
N LEU A 51 -0.54 3.47 -7.93
CA LEU A 51 -0.36 2.81 -9.22
C LEU A 51 0.72 3.50 -10.04
N ASP A 52 1.62 2.70 -10.61
CA ASP A 52 2.71 3.24 -11.42
C ASP A 52 2.16 4.02 -12.61
N GLU A 53 1.29 3.39 -13.38
CA GLU A 53 0.69 4.04 -14.54
C GLU A 53 -0.21 5.20 -14.12
N PRO A 54 -0.39 6.19 -15.01
CA PRO A 54 -1.24 7.36 -14.73
C PRO A 54 -2.71 7.00 -14.66
N GLU A 55 -3.08 6.16 -13.70
CA GLU A 55 -4.46 5.74 -13.54
C GLU A 55 -4.79 5.49 -12.07
N GLY A 56 -6.04 5.72 -11.69
CA GLY A 56 -6.46 5.53 -10.32
C GLY A 56 -7.83 6.12 -10.04
N LYS A 57 -8.00 6.67 -8.84
CA LYS A 57 -9.26 7.28 -8.44
C LYS A 57 -9.07 8.24 -7.27
N ASN A 58 -8.32 7.78 -6.27
CA ASN A 58 -8.06 8.60 -5.09
C ASN A 58 -6.77 9.39 -5.25
N ASP A 59 -6.79 10.66 -4.86
CA ASP A 59 -5.62 11.52 -4.95
C ASP A 59 -4.92 11.62 -3.61
N GLY A 60 -4.99 10.57 -2.81
CA GLY A 60 -4.35 10.56 -1.51
C GLY A 60 -5.17 11.29 -0.47
N SER A 61 -6.49 11.30 -0.64
CA SER A 61 -7.39 11.96 0.29
C SER A 61 -8.78 11.36 0.23
N VAL A 62 -9.29 10.93 1.38
CA VAL A 62 -10.62 10.33 1.44
C VAL A 62 -11.41 10.87 2.63
N GLY A 63 -12.48 11.61 2.34
CA GLY A 63 -13.29 12.18 3.40
C GLY A 63 -12.51 13.11 4.30
N GLY A 64 -11.51 13.78 3.74
CA GLY A 64 -10.70 14.70 4.51
C GLY A 64 -9.42 14.07 5.01
N VAL A 65 -9.45 12.75 5.22
CA VAL A 65 -8.28 12.03 5.70
C VAL A 65 -7.25 11.85 4.59
N ARG A 66 -6.10 12.50 4.75
CA ARG A 66 -5.03 12.42 3.76
C ARG A 66 -4.12 11.23 4.05
N TYR A 67 -3.90 10.40 3.04
CA TYR A 67 -3.04 9.23 3.19
C TYR A 67 -1.67 9.48 2.55
N PHE A 68 -1.65 10.29 1.51
CA PHE A 68 -0.41 10.60 0.81
C PHE A 68 -0.64 11.65 -0.27
N ILE A 69 0.44 12.03 -0.96
CA ILE A 69 0.35 13.04 -2.02
C ILE A 69 0.69 12.43 -3.37
N CYS A 70 -0.33 12.16 -4.17
CA CYS A 70 -0.14 11.57 -5.49
C CYS A 70 -0.79 12.45 -6.57
N PRO A 71 -0.29 12.36 -7.82
CA PRO A 71 -0.83 13.14 -8.93
C PRO A 71 -2.30 12.80 -9.22
N PRO A 72 -2.92 13.51 -10.18
CA PRO A 72 -4.32 13.28 -10.55
C PRO A 72 -4.61 11.80 -10.82
N LYS A 73 -5.41 11.18 -9.95
CA LYS A 73 -5.77 9.78 -10.10
C LYS A 73 -4.53 8.89 -10.06
N GLN A 74 -4.39 8.12 -9.00
CA GLN A 74 -3.26 7.23 -8.84
C GLN A 74 -3.38 6.40 -7.56
N GLY A 75 -3.85 7.04 -6.49
CA GLY A 75 -4.01 6.35 -5.23
C GLY A 75 -5.05 5.26 -5.29
N LEU A 76 -4.70 4.08 -4.79
CA LEU A 76 -5.63 2.95 -4.80
C LEU A 76 -5.59 2.22 -3.46
N PHE A 77 -6.77 1.96 -2.90
CA PHE A 77 -6.87 1.27 -1.62
C PHE A 77 -7.46 -0.13 -1.80
N ALA A 78 -6.74 -1.14 -1.34
CA ALA A 78 -7.19 -2.52 -1.46
C ALA A 78 -6.73 -3.35 -0.25
N SER A 79 -7.22 -4.59 -0.18
CA SER A 79 -6.86 -5.48 0.91
C SER A 79 -5.51 -6.14 0.65
N VAL A 80 -4.74 -6.33 1.71
CA VAL A 80 -3.42 -6.95 1.60
C VAL A 80 -3.53 -8.36 1.01
N SER A 81 -4.66 -9.02 1.24
CA SER A 81 -4.88 -10.37 0.73
C SER A 81 -4.77 -10.39 -0.80
N LYS A 82 -5.13 -9.28 -1.43
CA LYS A 82 -5.07 -9.17 -2.88
C LYS A 82 -3.85 -8.35 -3.32
N ILE A 83 -2.79 -8.42 -2.53
CA ILE A 83 -1.58 -7.68 -2.85
C ILE A 83 -0.34 -8.44 -2.36
N SER A 84 0.72 -8.42 -3.18
CA SER A 84 1.97 -9.10 -2.83
C SER A 84 3.12 -8.11 -2.73
N LYS A 85 4.30 -8.62 -2.40
CA LYS A 85 5.48 -7.78 -2.27
C LYS A 85 6.36 -7.88 -3.51
N ALA A 86 5.94 -7.19 -4.57
CA ALA A 86 6.69 -7.20 -5.83
C ALA A 86 8.08 -6.59 -5.64
N VAL A 87 9.05 -7.13 -6.36
CA VAL A 87 10.43 -6.63 -6.28
C VAL A 87 10.98 -6.34 -7.67
N ASP A 88 10.69 -5.15 -8.17
CA ASP A 88 11.17 -4.72 -9.49
C ASP A 88 10.60 -5.63 -10.58
N ALA A 89 9.48 -5.21 -11.16
CA ALA A 89 8.83 -5.98 -12.21
C ALA A 89 9.75 -6.13 -13.43
N SER A 90 10.16 -5.00 -14.00
CA SER A 90 11.04 -5.01 -15.16
C SER A 90 12.47 -5.28 -14.74
N GLY A 91 12.90 -6.54 -14.93
CA GLY A 91 14.25 -6.91 -14.57
C GLY A 91 14.42 -8.42 -14.45
N PRO A 92 15.00 -9.08 -15.47
CA PRO A 92 15.21 -10.53 -15.46
C PRO A 92 16.24 -10.95 -14.40
N SER A 93 16.46 -12.26 -14.31
CA SER A 93 17.40 -12.80 -13.34
C SER A 93 18.84 -12.69 -13.87
N SER A 94 19.80 -12.68 -12.96
CA SER A 94 21.20 -12.59 -13.33
C SER A 94 22.08 -13.38 -12.36
N GLY A 95 23.32 -13.64 -12.77
CA GLY A 95 24.23 -14.39 -11.93
C GLY A 95 23.77 -15.82 -11.70
N GLY A 1 2.16 19.64 12.59
CA GLY A 1 0.83 19.07 12.97
C GLY A 1 0.62 17.67 12.41
N SER A 2 0.71 16.67 13.27
CA SER A 2 0.52 15.28 12.85
C SER A 2 -0.90 14.81 13.14
N SER A 3 -1.87 15.71 12.97
CA SER A 3 -3.27 15.39 13.21
C SER A 3 -3.73 14.27 12.30
N GLY A 4 -3.17 14.22 11.09
CA GLY A 4 -3.54 13.19 10.14
C GLY A 4 -2.97 11.83 10.50
N SER A 5 -2.43 11.14 9.51
CA SER A 5 -1.84 9.82 9.72
C SER A 5 -0.35 9.83 9.41
N SER A 6 0.34 8.76 9.81
CA SER A 6 1.78 8.65 9.57
C SER A 6 2.15 7.22 9.20
N GLY A 7 1.24 6.53 8.53
CA GLY A 7 1.50 5.16 8.12
C GLY A 7 1.25 4.17 9.23
N GLY A 8 2.10 4.19 10.25
CA GLY A 8 1.95 3.28 11.37
C GLY A 8 2.90 2.10 11.29
N ASN A 9 2.61 1.06 12.05
CA ASN A 9 3.45 -0.13 12.07
C ASN A 9 2.71 -1.31 12.69
N LEU A 10 1.39 -1.33 12.52
CA LEU A 10 0.56 -2.41 13.06
C LEU A 10 0.54 -3.60 12.11
N MET A 11 0.09 -3.37 10.88
CA MET A 11 0.02 -4.43 9.88
C MET A 11 1.33 -4.53 9.10
N LEU A 12 2.02 -3.42 8.97
CA LEU A 12 3.29 -3.38 8.25
C LEU A 12 4.31 -4.33 8.88
N SER A 13 4.52 -4.19 10.19
CA SER A 13 5.46 -5.04 10.90
C SER A 13 5.04 -6.50 10.82
N ALA A 14 3.74 -6.74 10.80
CA ALA A 14 3.20 -8.10 10.72
C ALA A 14 3.51 -8.73 9.36
N LEU A 15 3.13 -8.03 8.29
CA LEU A 15 3.37 -8.52 6.94
C LEU A 15 4.87 -8.62 6.65
N GLY A 16 5.57 -7.53 6.90
CA GLY A 16 7.01 -7.51 6.65
C GLY A 16 7.39 -6.54 5.55
N LEU A 17 6.80 -5.35 5.57
CA LEU A 17 7.09 -4.34 4.56
C LEU A 17 7.17 -2.95 5.19
N ARG A 18 7.76 -2.01 4.46
CA ARG A 18 7.90 -0.64 4.96
C ARG A 18 7.31 0.35 3.97
N LEU A 19 7.01 1.56 4.46
CA LEU A 19 6.44 2.60 3.62
C LEU A 19 7.42 3.03 2.54
N GLY A 20 6.91 3.18 1.31
CA GLY A 20 7.76 3.59 0.20
C GLY A 20 8.33 2.41 -0.56
N ASP A 21 7.71 1.25 -0.41
CA ASP A 21 8.16 0.04 -1.10
C ASP A 21 7.20 -0.34 -2.21
N ARG A 22 7.69 -1.11 -3.17
CA ARG A 22 6.87 -1.55 -4.29
C ARG A 22 6.07 -2.81 -3.94
N VAL A 23 4.89 -2.95 -4.52
CA VAL A 23 4.04 -4.10 -4.25
C VAL A 23 3.40 -4.61 -5.54
N LEU A 24 2.97 -5.87 -5.52
CA LEU A 24 2.33 -6.49 -6.69
C LEU A 24 0.82 -6.51 -6.53
N LEU A 25 0.12 -5.83 -7.44
CA LEU A 25 -1.34 -5.78 -7.40
C LEU A 25 -1.94 -6.81 -8.35
N ASP A 26 -2.58 -7.82 -7.78
CA ASP A 26 -3.20 -8.87 -8.56
C ASP A 26 -2.18 -9.58 -9.43
N GLY A 27 -0.94 -9.62 -8.96
CA GLY A 27 0.12 -10.28 -9.71
C GLY A 27 0.29 -9.71 -11.11
N GLN A 28 0.40 -8.38 -11.20
CA GLN A 28 0.57 -7.72 -12.49
C GLN A 28 1.01 -6.27 -12.29
N LYS A 29 0.08 -5.42 -11.86
CA LYS A 29 0.37 -4.02 -11.63
C LYS A 29 1.34 -3.83 -10.47
N THR A 30 2.00 -2.69 -10.43
CA THR A 30 2.96 -2.40 -9.36
C THR A 30 2.70 -1.02 -8.77
N GLY A 31 2.54 -0.96 -7.45
CA GLY A 31 2.29 0.30 -6.79
C GLY A 31 3.20 0.52 -5.59
N THR A 32 3.15 1.71 -5.02
CA THR A 32 3.98 2.04 -3.86
C THR A 32 3.12 2.13 -2.59
N LEU A 33 3.37 1.22 -1.66
CA LEU A 33 2.63 1.20 -0.41
C LEU A 33 2.86 2.47 0.39
N ARG A 34 1.85 3.33 0.45
CA ARG A 34 1.94 4.59 1.18
C ARG A 34 1.36 4.45 2.58
N PHE A 35 0.35 3.60 2.70
CA PHE A 35 -0.30 3.37 4.00
C PHE A 35 -0.58 1.89 4.21
N CYS A 36 -0.84 1.53 5.46
CA CYS A 36 -1.12 0.13 5.81
C CYS A 36 -1.87 0.05 7.14
N GLY A 37 -2.98 -0.69 7.13
CA GLY A 37 -3.77 -0.84 8.34
C GLY A 37 -5.26 -0.83 8.05
N THR A 38 -6.00 -0.04 8.83
CA THR A 38 -7.44 0.06 8.66
C THR A 38 -7.82 1.36 7.98
N THR A 39 -9.10 1.50 7.64
CA THR A 39 -9.58 2.71 6.98
C THR A 39 -10.90 3.18 7.61
N GLU A 40 -11.34 4.36 7.22
CA GLU A 40 -12.58 4.93 7.74
C GLU A 40 -13.76 4.54 6.86
N PHE A 41 -13.60 4.67 5.55
CA PHE A 41 -14.66 4.34 4.61
C PHE A 41 -15.05 2.87 4.73
N ALA A 42 -14.08 2.03 5.08
CA ALA A 42 -14.32 0.60 5.24
C ALA A 42 -13.53 0.03 6.42
N SER A 43 -14.26 -0.34 7.47
CA SER A 43 -13.63 -0.90 8.67
C SER A 43 -13.14 -2.33 8.41
N GLY A 44 -11.86 -2.44 8.06
CA GLY A 44 -11.29 -3.75 7.79
C GLY A 44 -9.82 -3.67 7.40
N GLN A 45 -9.37 -4.65 6.62
CA GLN A 45 -7.99 -4.69 6.18
C GLN A 45 -7.82 -3.94 4.86
N TRP A 46 -7.15 -2.79 4.91
CA TRP A 46 -6.92 -1.99 3.71
C TRP A 46 -5.53 -1.36 3.73
N VAL A 47 -5.00 -1.09 2.55
CA VAL A 47 -3.67 -0.49 2.43
C VAL A 47 -3.60 0.48 1.26
N GLY A 48 -2.93 1.60 1.46
CA GLY A 48 -2.80 2.60 0.42
C GLY A 48 -1.69 2.28 -0.56
N VAL A 49 -2.06 2.06 -1.82
CA VAL A 49 -1.08 1.73 -2.85
C VAL A 49 -1.14 2.74 -4.00
N GLU A 50 0.00 3.34 -4.32
CA GLU A 50 0.07 4.32 -5.41
C GLU A 50 0.45 3.64 -6.72
N LEU A 51 -0.47 3.65 -7.67
CA LEU A 51 -0.23 3.05 -8.98
C LEU A 51 0.89 3.76 -9.71
N ASP A 52 1.88 2.99 -10.16
CA ASP A 52 3.01 3.55 -10.89
C ASP A 52 2.57 4.20 -12.19
N GLU A 53 1.56 3.61 -12.83
CA GLU A 53 1.05 4.13 -14.08
C GLU A 53 0.25 5.41 -13.85
N PRO A 54 0.15 6.28 -14.89
CA PRO A 54 -0.60 7.54 -14.79
C PRO A 54 -2.09 7.33 -14.72
N GLU A 55 -2.55 6.65 -13.67
CA GLU A 55 -3.98 6.39 -13.49
C GLU A 55 -4.29 6.07 -12.03
N GLY A 56 -5.51 6.40 -11.61
CA GLY A 56 -5.91 6.14 -10.24
C GLY A 56 -7.31 6.66 -9.94
N LYS A 57 -7.70 6.57 -8.67
CA LYS A 57 -9.03 7.03 -8.25
C LYS A 57 -8.96 7.72 -6.91
N ASN A 58 -7.87 8.45 -6.67
CA ASN A 58 -7.68 9.16 -5.41
C ASN A 58 -6.40 9.99 -5.45
N ASP A 59 -6.46 11.19 -4.87
CA ASP A 59 -5.30 12.07 -4.83
C ASP A 59 -4.59 11.99 -3.49
N GLY A 60 -4.61 10.80 -2.90
CA GLY A 60 -3.97 10.59 -1.61
C GLY A 60 -4.79 11.12 -0.45
N SER A 61 -6.11 11.14 -0.63
CA SER A 61 -7.02 11.63 0.41
C SER A 61 -8.43 11.11 0.18
N VAL A 62 -9.16 10.87 1.26
CA VAL A 62 -10.52 10.39 1.18
C VAL A 62 -11.44 11.16 2.11
N GLY A 63 -12.29 12.01 1.53
CA GLY A 63 -13.21 12.81 2.33
C GLY A 63 -12.49 13.75 3.27
N GLY A 64 -12.44 13.36 4.55
CA GLY A 64 -11.77 14.20 5.53
C GLY A 64 -10.57 13.52 6.15
N VAL A 65 -9.94 12.63 5.39
CA VAL A 65 -8.76 11.91 5.87
C VAL A 65 -7.68 11.87 4.80
N ARG A 66 -6.43 12.04 5.22
CA ARG A 66 -5.29 12.03 4.31
C ARG A 66 -4.31 10.93 4.69
N TYR A 67 -3.83 10.19 3.69
CA TYR A 67 -2.87 9.12 3.91
C TYR A 67 -1.50 9.47 3.34
N PHE A 68 -1.51 10.19 2.23
CA PHE A 68 -0.26 10.60 1.58
C PHE A 68 -0.52 11.63 0.50
N ILE A 69 0.53 12.07 -0.18
CA ILE A 69 0.42 13.05 -1.24
C ILE A 69 0.88 12.49 -2.58
N CYS A 70 0.04 12.65 -3.60
CA CYS A 70 0.36 12.15 -4.94
C CYS A 70 -0.41 12.93 -6.01
N PRO A 71 0.04 12.85 -7.27
CA PRO A 71 -0.61 13.54 -8.39
C PRO A 71 -2.09 13.18 -8.51
N PRO A 72 -2.84 13.91 -9.36
CA PRO A 72 -4.26 13.66 -9.56
C PRO A 72 -4.52 12.28 -10.18
N LYS A 73 -5.32 11.47 -9.50
CA LYS A 73 -5.64 10.13 -9.98
C LYS A 73 -4.38 9.27 -10.07
N GLN A 74 -4.06 8.59 -8.99
CA GLN A 74 -2.88 7.73 -8.94
C GLN A 74 -2.93 6.80 -7.73
N GLY A 75 -3.31 7.36 -6.58
CA GLY A 75 -3.39 6.57 -5.37
C GLY A 75 -4.64 5.73 -5.30
N LEU A 76 -4.52 4.53 -4.73
CA LEU A 76 -5.66 3.63 -4.61
C LEU A 76 -5.49 2.70 -3.41
N PHE A 77 -6.60 2.34 -2.78
CA PHE A 77 -6.57 1.45 -1.62
C PHE A 77 -7.15 0.08 -1.98
N ALA A 78 -6.62 -0.96 -1.35
CA ALA A 78 -7.08 -2.32 -1.60
C ALA A 78 -6.78 -3.23 -0.42
N SER A 79 -7.22 -4.47 -0.50
CA SER A 79 -7.00 -5.44 0.57
C SER A 79 -5.67 -6.17 0.36
N VAL A 80 -4.98 -6.46 1.46
CA VAL A 80 -3.70 -7.16 1.40
C VAL A 80 -3.84 -8.51 0.70
N SER A 81 -5.02 -9.11 0.79
CA SER A 81 -5.29 -10.40 0.17
C SER A 81 -5.08 -10.32 -1.34
N LYS A 82 -5.35 -9.15 -1.91
CA LYS A 82 -5.19 -8.96 -3.34
C LYS A 82 -3.91 -8.18 -3.66
N ILE A 83 -2.90 -8.36 -2.81
CA ILE A 83 -1.62 -7.68 -3.00
C ILE A 83 -0.46 -8.58 -2.62
N SER A 84 0.70 -8.32 -3.22
CA SER A 84 1.90 -9.11 -2.94
C SER A 84 3.08 -8.22 -2.61
N LYS A 85 4.24 -8.84 -2.34
CA LYS A 85 5.44 -8.10 -2.00
C LYS A 85 6.33 -7.92 -3.24
N ALA A 86 5.71 -7.67 -4.38
CA ALA A 86 6.44 -7.47 -5.62
C ALA A 86 7.26 -8.71 -5.97
N VAL A 87 7.77 -8.76 -7.20
CA VAL A 87 8.59 -9.88 -7.65
C VAL A 87 10.07 -9.53 -7.63
N ASP A 88 10.91 -10.53 -7.82
CA ASP A 88 12.35 -10.34 -7.82
C ASP A 88 13.05 -11.42 -8.63
N ALA A 89 13.96 -11.00 -9.50
CA ALA A 89 14.70 -11.94 -10.35
C ALA A 89 15.89 -11.25 -11.01
N SER A 90 15.68 -10.05 -11.50
CA SER A 90 16.75 -9.29 -12.16
C SER A 90 17.28 -8.19 -11.25
N GLY A 91 17.28 -8.47 -9.95
CA GLY A 91 17.77 -7.49 -8.99
C GLY A 91 16.91 -6.25 -8.94
N PRO A 92 17.15 -5.34 -7.98
CA PRO A 92 16.39 -4.09 -7.85
C PRO A 92 16.35 -3.30 -9.15
N SER A 93 15.71 -2.14 -9.11
CA SER A 93 15.60 -1.28 -10.29
C SER A 93 16.67 -0.20 -10.28
N SER A 94 16.54 0.75 -9.35
CA SER A 94 17.49 1.84 -9.23
C SER A 94 18.86 1.33 -8.82
N GLY A 95 19.70 1.04 -9.82
CA GLY A 95 21.03 0.54 -9.54
C GLY A 95 21.21 -0.91 -9.92
N GLY A 1 15.17 -5.84 14.02
CA GLY A 1 14.31 -5.09 14.96
C GLY A 1 13.20 -5.95 15.54
N SER A 2 13.56 -7.14 16.01
CA SER A 2 12.59 -8.05 16.60
C SER A 2 13.13 -8.68 17.88
N SER A 3 13.94 -7.92 18.60
CA SER A 3 14.52 -8.40 19.85
C SER A 3 14.29 -7.41 20.99
N GLY A 4 14.80 -6.20 20.82
CA GLY A 4 14.64 -5.17 21.84
C GLY A 4 13.37 -4.36 21.65
N SER A 5 13.51 -3.05 21.55
CA SER A 5 12.37 -2.16 21.36
C SER A 5 11.87 -2.21 19.92
N SER A 6 10.55 -2.27 19.76
CA SER A 6 9.95 -2.32 18.42
C SER A 6 8.60 -1.60 18.41
N GLY A 7 8.16 -1.23 17.22
CA GLY A 7 6.89 -0.54 17.09
C GLY A 7 6.44 -0.43 15.64
N GLY A 8 5.49 0.48 15.39
CA GLY A 8 4.99 0.67 14.05
C GLY A 8 3.77 -0.19 13.76
N ASN A 9 3.46 -0.36 12.48
CA ASN A 9 2.31 -1.16 12.08
C ASN A 9 2.56 -2.64 12.35
N LEU A 10 1.49 -3.37 12.65
CA LEU A 10 1.59 -4.80 12.94
C LEU A 10 1.25 -5.62 11.70
N MET A 11 0.33 -5.12 10.89
CA MET A 11 -0.09 -5.81 9.67
C MET A 11 1.09 -6.00 8.73
N LEU A 12 1.91 -4.94 8.59
CA LEU A 12 3.08 -5.00 7.71
C LEU A 12 4.07 -6.05 8.19
N SER A 13 4.46 -5.95 9.46
CA SER A 13 5.41 -6.89 10.05
C SER A 13 4.86 -8.31 10.00
N ALA A 14 3.55 -8.44 10.12
CA ALA A 14 2.89 -9.75 10.09
C ALA A 14 3.08 -10.42 8.73
N LEU A 15 3.06 -9.62 7.67
CA LEU A 15 3.22 -10.15 6.32
C LEU A 15 4.70 -10.30 5.97
N GLY A 16 5.46 -9.22 6.14
CA GLY A 16 6.88 -9.27 5.84
C GLY A 16 7.29 -8.18 4.87
N LEU A 17 6.76 -6.98 5.05
CA LEU A 17 7.08 -5.85 4.18
C LEU A 17 7.08 -4.54 4.97
N ARG A 18 7.76 -3.54 4.44
CA ARG A 18 7.84 -2.23 5.08
C ARG A 18 7.24 -1.15 4.20
N LEU A 19 7.03 0.03 4.77
CA LEU A 19 6.47 1.16 4.03
C LEU A 19 7.48 1.73 3.05
N GLY A 20 6.99 2.32 1.97
CA GLY A 20 7.87 2.91 0.97
C GLY A 20 8.09 1.99 -0.21
N ASP A 21 8.30 0.70 0.07
CA ASP A 21 8.53 -0.28 -0.98
C ASP A 21 7.34 -0.36 -1.93
N ARG A 22 7.47 -1.16 -2.98
CA ARG A 22 6.41 -1.32 -3.96
C ARG A 22 5.75 -2.69 -3.82
N VAL A 23 4.55 -2.81 -4.37
CA VAL A 23 3.80 -4.06 -4.32
C VAL A 23 3.24 -4.43 -5.68
N LEU A 24 2.87 -5.70 -5.84
CA LEU A 24 2.31 -6.18 -7.10
C LEU A 24 0.81 -6.43 -6.98
N LEU A 25 0.03 -5.72 -7.80
CA LEU A 25 -1.41 -5.87 -7.79
C LEU A 25 -1.88 -6.85 -8.85
N ASP A 26 -2.51 -7.94 -8.42
CA ASP A 26 -3.01 -8.96 -9.34
C ASP A 26 -1.86 -9.57 -10.14
N GLY A 27 -0.67 -9.59 -9.54
CA GLY A 27 0.48 -10.15 -10.21
C GLY A 27 0.77 -9.49 -11.55
N GLN A 28 0.59 -8.18 -11.60
CA GLN A 28 0.83 -7.42 -12.83
C GLN A 28 1.12 -5.96 -12.53
N LYS A 29 0.10 -5.22 -12.13
CA LYS A 29 0.26 -3.81 -11.81
C LYS A 29 1.26 -3.62 -10.67
N THR A 30 1.93 -2.47 -10.66
CA THR A 30 2.92 -2.16 -9.64
C THR A 30 2.55 -0.88 -8.90
N GLY A 31 2.54 -0.94 -7.58
CA GLY A 31 2.21 0.23 -6.78
C GLY A 31 3.20 0.47 -5.66
N THR A 32 3.13 1.65 -5.06
CA THR A 32 4.03 2.00 -3.96
C THR A 32 3.26 2.10 -2.65
N LEU A 33 3.52 1.16 -1.75
CA LEU A 33 2.87 1.13 -0.45
C LEU A 33 3.16 2.42 0.33
N ARG A 34 2.19 2.84 1.13
CA ARG A 34 2.35 4.06 1.93
C ARG A 34 1.62 3.93 3.27
N PHE A 35 0.38 3.46 3.22
CA PHE A 35 -0.43 3.28 4.42
C PHE A 35 -0.84 1.83 4.59
N CYS A 36 -1.02 1.41 5.84
CA CYS A 36 -1.43 0.04 6.13
C CYS A 36 -2.17 -0.03 7.47
N GLY A 37 -3.08 -0.99 7.57
CA GLY A 37 -3.84 -1.15 8.80
C GLY A 37 -5.32 -0.88 8.60
N THR A 38 -6.02 -0.56 9.68
CA THR A 38 -7.46 -0.29 9.61
C THR A 38 -7.72 1.14 9.13
N THR A 39 -8.98 1.46 8.89
CA THR A 39 -9.36 2.79 8.42
C THR A 39 -10.57 3.31 9.20
N GLU A 40 -10.86 4.59 9.02
CA GLU A 40 -11.99 5.21 9.72
C GLU A 40 -13.31 4.79 9.09
N PHE A 41 -13.37 4.79 7.77
CA PHE A 41 -14.57 4.40 7.05
C PHE A 41 -14.92 2.94 7.32
N ALA A 42 -13.90 2.09 7.40
CA ALA A 42 -14.10 0.67 7.65
C ALA A 42 -12.97 0.11 8.51
N SER A 43 -13.32 -0.83 9.39
CA SER A 43 -12.33 -1.44 10.27
C SER A 43 -12.00 -2.86 9.80
N GLY A 44 -10.89 -2.99 9.08
CA GLY A 44 -10.48 -4.29 8.58
C GLY A 44 -9.05 -4.29 8.07
N GLN A 45 -8.86 -4.70 6.82
CA GLN A 45 -7.54 -4.74 6.22
C GLN A 45 -7.48 -3.85 4.99
N TRP A 46 -6.69 -2.78 5.09
CA TRP A 46 -6.53 -1.84 3.99
C TRP A 46 -5.09 -1.31 3.92
N VAL A 47 -4.63 -1.05 2.70
CA VAL A 47 -3.27 -0.54 2.50
C VAL A 47 -3.22 0.43 1.33
N GLY A 48 -2.53 1.55 1.52
CA GLY A 48 -2.42 2.54 0.47
C GLY A 48 -1.45 2.13 -0.63
N VAL A 49 -1.94 2.09 -1.85
CA VAL A 49 -1.11 1.71 -2.99
C VAL A 49 -1.10 2.81 -4.06
N GLU A 50 0.10 3.21 -4.45
CA GLU A 50 0.25 4.26 -5.46
C GLU A 50 0.68 3.66 -6.80
N LEU A 51 -0.26 3.60 -7.74
CA LEU A 51 0.01 3.05 -9.06
C LEU A 51 1.12 3.84 -9.76
N ASP A 52 2.14 3.13 -10.23
CA ASP A 52 3.25 3.76 -10.93
C ASP A 52 2.80 4.39 -12.24
N GLU A 53 1.91 3.70 -12.94
CA GLU A 53 1.38 4.19 -14.21
C GLU A 53 0.36 5.31 -13.98
N PRO A 54 0.11 6.12 -15.03
CA PRO A 54 -0.85 7.24 -14.94
C PRO A 54 -2.29 6.75 -14.86
N GLU A 55 -2.60 6.02 -13.79
CA GLU A 55 -3.96 5.50 -13.59
C GLU A 55 -4.34 5.53 -12.11
N GLY A 56 -5.64 5.59 -11.85
CA GLY A 56 -6.12 5.63 -10.48
C GLY A 56 -7.53 6.18 -10.36
N LYS A 57 -7.74 7.07 -9.40
CA LYS A 57 -9.05 7.67 -9.20
C LYS A 57 -8.99 8.72 -8.09
N ASN A 58 -8.25 8.42 -7.03
CA ASN A 58 -8.12 9.34 -5.91
C ASN A 58 -6.71 9.93 -5.85
N ASP A 59 -6.58 11.08 -5.19
CA ASP A 59 -5.30 11.74 -5.07
C ASP A 59 -4.65 11.44 -3.72
N GLY A 60 -4.99 10.29 -3.15
CA GLY A 60 -4.44 9.90 -1.86
C GLY A 60 -5.36 10.26 -0.71
N SER A 61 -6.17 11.29 -0.89
CA SER A 61 -7.11 11.73 0.14
C SER A 61 -8.54 11.36 -0.23
N VAL A 62 -9.32 10.97 0.77
CA VAL A 62 -10.71 10.59 0.56
C VAL A 62 -11.61 11.17 1.64
N GLY A 63 -12.62 11.93 1.21
CA GLY A 63 -13.54 12.54 2.16
C GLY A 63 -12.87 13.57 3.04
N GLY A 64 -12.90 13.33 4.35
CA GLY A 64 -12.28 14.25 5.29
C GLY A 64 -11.04 13.68 5.93
N VAL A 65 -10.37 12.78 5.22
CA VAL A 65 -9.16 12.15 5.74
C VAL A 65 -8.17 11.86 4.60
N ARG A 66 -6.89 12.08 4.87
CA ARG A 66 -5.85 11.83 3.87
C ARG A 66 -4.84 10.80 4.37
N TYR A 67 -4.36 9.96 3.47
CA TYR A 67 -3.39 8.93 3.82
C TYR A 67 -2.00 9.28 3.29
N PHE A 68 -1.97 9.98 2.17
CA PHE A 68 -0.70 10.39 1.55
C PHE A 68 -0.95 11.31 0.37
N ILE A 69 0.14 11.71 -0.29
CA ILE A 69 0.05 12.59 -1.45
C ILE A 69 0.52 11.90 -2.71
N CYS A 70 -0.17 12.15 -3.82
CA CYS A 70 0.18 11.54 -5.10
C CYS A 70 -0.35 12.38 -6.27
N PRO A 71 0.32 12.31 -7.43
CA PRO A 71 -0.07 13.07 -8.61
C PRO A 71 -1.55 12.86 -8.97
N PRO A 72 -2.04 13.56 -10.00
CA PRO A 72 -3.43 13.46 -10.44
C PRO A 72 -3.85 12.01 -10.69
N LYS A 73 -4.71 11.48 -9.82
CA LYS A 73 -5.18 10.11 -9.96
C LYS A 73 -4.03 9.13 -9.87
N GLN A 74 -3.99 8.36 -8.78
CA GLN A 74 -2.93 7.37 -8.58
C GLN A 74 -3.17 6.58 -7.31
N GLY A 75 -3.62 7.27 -6.26
CA GLY A 75 -3.88 6.61 -5.00
C GLY A 75 -4.90 5.50 -5.11
N LEU A 76 -4.53 4.30 -4.68
CA LEU A 76 -5.42 3.15 -4.75
C LEU A 76 -5.31 2.32 -3.47
N PHE A 77 -6.41 2.26 -2.71
CA PHE A 77 -6.44 1.50 -1.47
C PHE A 77 -7.11 0.14 -1.69
N ALA A 78 -6.56 -0.88 -1.04
CA ALA A 78 -7.10 -2.23 -1.17
C ALA A 78 -6.69 -3.10 0.02
N SER A 79 -7.13 -4.35 0.00
CA SER A 79 -6.81 -5.28 1.09
C SER A 79 -5.49 -6.00 0.80
N VAL A 80 -4.76 -6.31 1.88
CA VAL A 80 -3.47 -6.99 1.75
C VAL A 80 -3.63 -8.32 1.02
N SER A 81 -4.76 -8.98 1.22
CA SER A 81 -5.03 -10.26 0.57
C SER A 81 -5.11 -10.11 -0.94
N LYS A 82 -5.52 -8.92 -1.39
CA LYS A 82 -5.64 -8.65 -2.82
C LYS A 82 -4.40 -7.93 -3.35
N ILE A 83 -3.26 -8.17 -2.72
CA ILE A 83 -2.01 -7.54 -3.14
C ILE A 83 -0.83 -8.44 -2.82
N SER A 84 0.25 -8.27 -3.59
CA SER A 84 1.46 -9.07 -3.40
C SER A 84 2.61 -8.18 -2.94
N LYS A 85 3.72 -8.81 -2.56
CA LYS A 85 4.90 -8.08 -2.09
C LYS A 85 5.94 -7.97 -3.20
N ALA A 86 5.50 -7.58 -4.39
CA ALA A 86 6.40 -7.43 -5.52
C ALA A 86 7.10 -8.73 -5.84
N VAL A 87 6.50 -9.53 -6.72
CA VAL A 87 7.07 -10.81 -7.12
C VAL A 87 7.43 -10.83 -8.60
N ASP A 88 8.56 -11.43 -8.92
CA ASP A 88 9.02 -11.52 -10.31
C ASP A 88 8.38 -12.71 -11.01
N ALA A 89 8.47 -12.72 -12.35
CA ALA A 89 7.90 -13.79 -13.15
C ALA A 89 8.99 -14.67 -13.75
N SER A 90 9.59 -15.53 -12.92
CA SER A 90 10.65 -16.41 -13.38
C SER A 90 10.12 -17.81 -13.64
N GLY A 91 10.44 -18.36 -14.82
CA GLY A 91 9.99 -19.69 -15.17
C GLY A 91 11.12 -20.67 -15.32
N PRO A 92 11.60 -21.27 -14.21
CA PRO A 92 12.70 -22.23 -14.24
C PRO A 92 12.46 -23.36 -15.24
N SER A 93 11.37 -24.09 -15.04
CA SER A 93 11.02 -25.20 -15.92
C SER A 93 10.00 -24.76 -16.97
N SER A 94 8.87 -24.22 -16.52
CA SER A 94 7.84 -23.76 -17.41
C SER A 94 7.73 -22.24 -17.39
N GLY A 95 6.81 -21.70 -18.19
CA GLY A 95 6.63 -20.27 -18.25
C GLY A 95 5.42 -19.80 -17.46
N GLY A 1 15.09 -8.69 2.86
CA GLY A 1 16.23 -9.12 3.72
C GLY A 1 15.78 -9.68 5.05
N SER A 2 15.51 -10.99 5.08
CA SER A 2 15.06 -11.65 6.29
C SER A 2 13.75 -11.05 6.79
N SER A 3 13.10 -11.74 7.73
CA SER A 3 11.84 -11.29 8.28
C SER A 3 11.49 -12.06 9.55
N GLY A 4 11.16 -11.34 10.61
CA GLY A 4 10.81 -11.98 11.86
C GLY A 4 10.16 -11.02 12.84
N SER A 5 10.99 -10.29 13.58
CA SER A 5 10.50 -9.33 14.56
C SER A 5 9.65 -10.02 15.63
N SER A 6 9.24 -9.27 16.64
CA SER A 6 8.43 -9.81 17.72
C SER A 6 7.23 -8.92 18.00
N GLY A 7 6.73 -8.26 16.96
CA GLY A 7 5.58 -7.39 17.11
C GLY A 7 5.62 -6.21 16.15
N GLY A 8 5.25 -5.03 16.65
CA GLY A 8 5.24 -3.84 15.82
C GLY A 8 3.89 -3.58 15.20
N ASN A 9 3.79 -3.74 13.89
CA ASN A 9 2.55 -3.51 13.18
C ASN A 9 1.60 -4.69 13.35
N LEU A 10 0.34 -4.50 12.95
CA LEU A 10 -0.66 -5.54 13.06
C LEU A 10 -0.88 -6.24 11.72
N MET A 11 -0.86 -5.46 10.65
CA MET A 11 -1.06 -6.01 9.31
C MET A 11 0.29 -6.23 8.62
N LEU A 12 1.09 -5.18 8.53
CA LEU A 12 2.40 -5.27 7.89
C LEU A 12 3.28 -6.31 8.58
N SER A 13 3.06 -6.50 9.88
CA SER A 13 3.82 -7.45 10.66
C SER A 13 3.30 -8.87 10.46
N ALA A 14 1.98 -8.97 10.24
CA ALA A 14 1.34 -10.27 10.03
C ALA A 14 1.76 -10.88 8.70
N LEU A 15 2.01 -10.02 7.72
CA LEU A 15 2.40 -10.48 6.38
C LEU A 15 3.93 -10.49 6.25
N GLY A 16 4.54 -9.33 6.44
CA GLY A 16 5.97 -9.22 6.34
C GLY A 16 6.42 -8.18 5.32
N LEU A 17 5.71 -7.05 5.30
CA LEU A 17 6.04 -5.98 4.37
C LEU A 17 6.18 -4.65 5.10
N ARG A 18 6.81 -3.68 4.44
CA ARG A 18 7.01 -2.36 5.03
C ARG A 18 6.52 -1.27 4.09
N LEU A 19 6.29 -0.09 4.65
CA LEU A 19 5.82 1.05 3.85
C LEU A 19 6.96 1.66 3.04
N GLY A 20 6.62 2.24 1.90
CA GLY A 20 7.63 2.86 1.06
C GLY A 20 8.09 1.94 -0.05
N ASP A 21 8.05 0.63 0.20
CA ASP A 21 8.47 -0.36 -0.79
C ASP A 21 7.42 -0.51 -1.88
N ARG A 22 7.78 -1.20 -2.96
CA ARG A 22 6.87 -1.42 -4.07
C ARG A 22 6.12 -2.75 -3.91
N VAL A 23 4.91 -2.80 -4.43
CA VAL A 23 4.08 -4.00 -4.35
C VAL A 23 3.52 -4.38 -5.71
N LEU A 24 2.95 -5.58 -5.80
CA LEU A 24 2.36 -6.06 -7.05
C LEU A 24 0.86 -6.23 -6.91
N LEU A 25 0.09 -5.31 -7.48
CA LEU A 25 -1.36 -5.37 -7.42
C LEU A 25 -1.91 -6.32 -8.48
N ASP A 26 -2.71 -7.29 -8.04
CA ASP A 26 -3.31 -8.26 -8.95
C ASP A 26 -2.23 -9.06 -9.68
N GLY A 27 -1.06 -9.17 -9.05
CA GLY A 27 0.03 -9.91 -9.67
C GLY A 27 0.39 -9.39 -11.05
N GLN A 28 0.44 -8.08 -11.19
CA GLN A 28 0.77 -7.46 -12.48
C GLN A 28 1.08 -5.97 -12.30
N LYS A 29 0.07 -5.20 -11.95
CA LYS A 29 0.23 -3.76 -11.74
C LYS A 29 1.26 -3.48 -10.65
N THR A 30 2.15 -2.54 -10.92
CA THR A 30 3.18 -2.18 -9.95
C THR A 30 2.80 -0.91 -9.19
N GLY A 31 2.76 -1.01 -7.86
CA GLY A 31 2.40 0.12 -7.04
C GLY A 31 3.35 0.31 -5.88
N THR A 32 3.12 1.38 -5.09
CA THR A 32 3.96 1.67 -3.94
C THR A 32 3.12 1.80 -2.68
N LEU A 33 3.46 1.02 -1.66
CA LEU A 33 2.75 1.06 -0.39
C LEU A 33 2.95 2.39 0.32
N ARG A 34 1.89 2.90 0.92
CA ARG A 34 1.95 4.16 1.64
C ARG A 34 1.32 4.05 3.02
N PHE A 35 0.08 3.56 3.06
CA PHE A 35 -0.63 3.40 4.32
C PHE A 35 -0.78 1.92 4.68
N CYS A 36 -1.10 1.65 5.94
CA CYS A 36 -1.27 0.27 6.41
C CYS A 36 -2.18 0.22 7.63
N GLY A 37 -3.31 -0.44 7.47
CA GLY A 37 -4.27 -0.54 8.57
C GLY A 37 -5.70 -0.41 8.12
N THR A 38 -6.55 0.13 8.99
CA THR A 38 -7.96 0.31 8.67
C THR A 38 -8.18 1.62 7.92
N THR A 39 -9.44 1.91 7.60
CA THR A 39 -9.79 3.14 6.89
C THR A 39 -10.91 3.88 7.60
N GLU A 40 -11.27 5.04 7.06
CA GLU A 40 -12.33 5.86 7.65
C GLU A 40 -13.68 5.55 7.00
N PHE A 41 -13.67 5.43 5.67
CA PHE A 41 -14.89 5.14 4.92
C PHE A 41 -15.35 3.70 5.18
N ALA A 42 -14.40 2.82 5.42
CA ALA A 42 -14.71 1.41 5.68
C ALA A 42 -13.91 0.88 6.86
N SER A 43 -14.11 -0.39 7.18
CA SER A 43 -13.40 -1.01 8.29
C SER A 43 -12.85 -2.38 7.89
N GLY A 44 -11.62 -2.68 8.32
CA GLY A 44 -11.01 -3.94 7.99
C GLY A 44 -9.53 -3.80 7.65
N GLN A 45 -9.01 -4.75 6.88
CA GLN A 45 -7.60 -4.74 6.49
C GLN A 45 -7.43 -4.05 5.14
N TRP A 46 -6.91 -2.83 5.17
CA TRP A 46 -6.69 -2.06 3.94
C TRP A 46 -5.27 -1.47 3.92
N VAL A 47 -4.77 -1.21 2.72
CA VAL A 47 -3.45 -0.64 2.56
C VAL A 47 -3.39 0.32 1.38
N GLY A 48 -2.73 1.46 1.58
CA GLY A 48 -2.63 2.45 0.52
C GLY A 48 -1.54 2.10 -0.49
N VAL A 49 -1.93 2.01 -1.75
CA VAL A 49 -0.99 1.69 -2.82
C VAL A 49 -1.08 2.69 -3.96
N GLU A 50 0.07 3.18 -4.42
CA GLU A 50 0.11 4.14 -5.52
C GLU A 50 0.57 3.48 -6.81
N LEU A 51 -0.32 3.44 -7.80
CA LEU A 51 0.00 2.84 -9.08
C LEU A 51 0.95 3.73 -9.89
N ASP A 52 1.93 3.11 -10.53
CA ASP A 52 2.90 3.84 -11.33
C ASP A 52 2.24 4.51 -12.52
N GLU A 53 1.44 3.75 -13.26
CA GLU A 53 0.73 4.27 -14.42
C GLU A 53 -0.29 5.33 -14.01
N PRO A 54 -0.58 6.29 -14.91
CA PRO A 54 -1.54 7.36 -14.64
C PRO A 54 -2.98 6.86 -14.63
N GLU A 55 -3.28 5.96 -13.69
CA GLU A 55 -4.63 5.40 -13.58
C GLU A 55 -4.87 4.89 -12.16
N GLY A 56 -5.59 5.70 -11.37
CA GLY A 56 -5.88 5.31 -10.01
C GLY A 56 -7.36 5.45 -9.68
N LYS A 57 -7.68 6.38 -8.78
CA LYS A 57 -9.07 6.61 -8.38
C LYS A 57 -9.16 7.78 -7.41
N ASN A 58 -8.30 7.78 -6.40
CA ASN A 58 -8.29 8.85 -5.41
C ASN A 58 -7.03 9.69 -5.52
N ASP A 59 -7.08 10.91 -5.00
CA ASP A 59 -5.94 11.81 -5.04
C ASP A 59 -5.17 11.78 -3.73
N GLY A 60 -5.19 10.64 -3.06
CA GLY A 60 -4.49 10.51 -1.80
C GLY A 60 -5.41 10.72 -0.60
N SER A 61 -6.45 11.52 -0.80
CA SER A 61 -7.40 11.80 0.27
C SER A 61 -8.74 11.12 0.01
N VAL A 62 -9.37 10.64 1.08
CA VAL A 62 -10.66 9.96 0.97
C VAL A 62 -11.56 10.31 2.14
N GLY A 63 -12.69 10.94 1.83
CA GLY A 63 -13.63 11.33 2.87
C GLY A 63 -13.04 12.34 3.84
N GLY A 64 -12.09 13.13 3.36
CA GLY A 64 -11.46 14.13 4.21
C GLY A 64 -10.13 13.69 4.75
N VAL A 65 -9.97 12.37 4.92
CA VAL A 65 -8.72 11.81 5.44
C VAL A 65 -7.66 11.74 4.36
N ARG A 66 -6.55 12.43 4.57
CA ARG A 66 -5.45 12.44 3.61
C ARG A 66 -4.41 11.39 3.97
N TYR A 67 -4.22 10.42 3.09
CA TYR A 67 -3.24 9.36 3.31
C TYR A 67 -1.90 9.72 2.70
N PHE A 68 -1.93 10.48 1.61
CA PHE A 68 -0.71 10.88 0.93
C PHE A 68 -1.01 11.86 -0.19
N ILE A 69 0.04 12.30 -0.88
CA ILE A 69 -0.12 13.25 -1.99
C ILE A 69 0.45 12.67 -3.29
N CYS A 70 -0.38 12.61 -4.32
CA CYS A 70 0.03 12.08 -5.61
C CYS A 70 -0.77 12.72 -6.75
N PRO A 71 -0.26 12.64 -7.99
CA PRO A 71 -0.93 13.21 -9.16
C PRO A 71 -2.40 12.78 -9.24
N PRO A 72 -3.19 13.44 -10.11
CA PRO A 72 -4.61 13.13 -10.28
C PRO A 72 -4.84 11.67 -10.68
N LYS A 73 -5.61 10.96 -9.88
CA LYS A 73 -5.91 9.55 -10.14
C LYS A 73 -4.64 8.72 -10.14
N GLN A 74 -4.30 8.17 -8.98
CA GLN A 74 -3.11 7.35 -8.84
C GLN A 74 -3.17 6.50 -7.56
N GLY A 75 -3.58 7.13 -6.46
CA GLY A 75 -3.68 6.42 -5.21
C GLY A 75 -4.84 5.45 -5.17
N LEU A 76 -4.58 4.21 -4.77
CA LEU A 76 -5.60 3.18 -4.69
C LEU A 76 -5.50 2.39 -3.39
N PHE A 77 -6.56 2.41 -2.60
CA PHE A 77 -6.59 1.71 -1.33
C PHE A 77 -7.32 0.37 -1.47
N ALA A 78 -6.61 -0.72 -1.24
CA ALA A 78 -7.20 -2.06 -1.34
C ALA A 78 -6.72 -2.95 -0.21
N SER A 79 -7.32 -4.13 -0.09
CA SER A 79 -6.96 -5.08 0.95
C SER A 79 -5.73 -5.87 0.54
N VAL A 80 -4.94 -6.29 1.54
CA VAL A 80 -3.73 -7.06 1.29
C VAL A 80 -4.04 -8.37 0.56
N SER A 81 -5.26 -8.86 0.73
CA SER A 81 -5.69 -10.10 0.09
C SER A 81 -5.51 -10.01 -1.43
N LYS A 82 -5.67 -8.81 -1.97
CA LYS A 82 -5.53 -8.60 -3.41
C LYS A 82 -4.23 -7.88 -3.72
N ILE A 83 -3.21 -8.10 -2.90
CA ILE A 83 -1.91 -7.46 -3.10
C ILE A 83 -0.78 -8.42 -2.75
N SER A 84 0.32 -8.31 -3.49
CA SER A 84 1.48 -9.16 -3.27
C SER A 84 2.77 -8.36 -3.37
N LYS A 85 3.90 -9.03 -3.13
CA LYS A 85 5.21 -8.38 -3.19
C LYS A 85 5.65 -8.21 -4.64
N ALA A 86 6.15 -7.02 -4.95
CA ALA A 86 6.62 -6.73 -6.31
C ALA A 86 8.02 -7.29 -6.54
N VAL A 87 8.50 -7.17 -7.77
CA VAL A 87 9.81 -7.68 -8.13
C VAL A 87 10.84 -6.56 -8.19
N ASP A 88 11.86 -6.64 -7.34
CA ASP A 88 12.90 -5.62 -7.30
C ASP A 88 14.23 -6.18 -7.80
N ALA A 89 14.77 -5.56 -8.85
CA ALA A 89 16.02 -6.00 -9.43
C ALA A 89 17.05 -4.87 -9.41
N SER A 90 16.62 -3.66 -9.74
CA SER A 90 17.50 -2.50 -9.76
C SER A 90 18.12 -2.27 -8.38
N GLY A 91 19.43 -2.46 -8.28
CA GLY A 91 20.12 -2.27 -7.03
C GLY A 91 21.63 -2.23 -7.19
N PRO A 92 22.32 -3.37 -7.01
CA PRO A 92 23.78 -3.45 -7.14
C PRO A 92 24.22 -3.38 -8.60
N SER A 93 25.51 -3.65 -8.83
CA SER A 93 26.06 -3.61 -10.18
C SER A 93 25.57 -4.81 -11.01
N SER A 94 25.54 -5.97 -10.37
CA SER A 94 25.09 -7.19 -11.05
C SER A 94 24.72 -8.27 -10.04
N GLY A 95 25.71 -8.71 -9.27
CA GLY A 95 25.47 -9.75 -8.28
C GLY A 95 26.75 -10.21 -7.61
N GLY A 1 20.69 4.18 15.66
CA GLY A 1 19.72 5.27 15.42
C GLY A 1 19.98 6.02 14.13
N SER A 2 20.23 5.27 13.05
CA SER A 2 20.50 5.87 11.75
C SER A 2 19.21 6.34 11.10
N SER A 3 18.27 5.42 10.92
CA SER A 3 16.99 5.74 10.30
C SER A 3 16.02 4.56 10.41
N GLY A 4 14.95 4.75 11.17
CA GLY A 4 13.97 3.69 11.33
C GLY A 4 12.84 4.10 12.25
N SER A 5 11.64 3.57 11.98
CA SER A 5 10.47 3.89 12.79
C SER A 5 9.50 2.72 12.81
N SER A 6 9.54 1.94 13.90
CA SER A 6 8.65 0.80 14.04
C SER A 6 7.57 1.06 15.09
N GLY A 7 7.18 2.33 15.21
CA GLY A 7 6.16 2.69 16.18
C GLY A 7 4.82 2.97 15.53
N GLY A 8 4.28 1.97 14.84
CA GLY A 8 2.99 2.14 14.17
C GLY A 8 2.61 0.93 13.34
N ASN A 9 3.60 0.28 12.75
CA ASN A 9 3.36 -0.90 11.93
C ASN A 9 2.66 -1.99 12.73
N LEU A 10 1.34 -2.08 12.59
CA LEU A 10 0.56 -3.07 13.29
C LEU A 10 0.31 -4.30 12.42
N MET A 11 -0.26 -4.08 11.25
CA MET A 11 -0.54 -5.17 10.31
C MET A 11 0.65 -5.42 9.39
N LEU A 12 1.33 -4.34 9.00
CA LEU A 12 2.49 -4.44 8.13
C LEU A 12 3.57 -5.33 8.74
N SER A 13 3.64 -5.32 10.07
CA SER A 13 4.63 -6.12 10.79
C SER A 13 4.30 -7.60 10.69
N ALA A 14 3.07 -7.95 11.02
CA ALA A 14 2.63 -9.34 10.98
C ALA A 14 2.71 -9.90 9.57
N LEU A 15 2.49 -9.03 8.58
CA LEU A 15 2.54 -9.43 7.18
C LEU A 15 3.98 -9.64 6.73
N GLY A 16 4.74 -8.56 6.71
CA GLY A 16 6.13 -8.62 6.29
C GLY A 16 6.48 -7.60 5.22
N LEU A 17 5.99 -6.37 5.41
CA LEU A 17 6.25 -5.30 4.46
C LEU A 17 6.30 -3.95 5.16
N ARG A 18 7.01 -3.01 4.57
CA ARG A 18 7.14 -1.66 5.14
C ARG A 18 6.50 -0.62 4.24
N LEU A 19 6.07 0.49 4.83
CA LEU A 19 5.43 1.56 4.08
C LEU A 19 6.38 2.12 3.03
N GLY A 20 5.89 2.25 1.80
CA GLY A 20 6.71 2.77 0.73
C GLY A 20 7.25 1.68 -0.18
N ASP A 21 7.36 0.47 0.36
CA ASP A 21 7.87 -0.66 -0.40
C ASP A 21 7.00 -0.93 -1.63
N ARG A 22 7.61 -1.49 -2.67
CA ARG A 22 6.90 -1.80 -3.90
C ARG A 22 5.95 -2.98 -3.71
N VAL A 23 4.81 -2.93 -4.39
CA VAL A 23 3.83 -4.00 -4.29
C VAL A 23 3.29 -4.37 -5.67
N LEU A 24 3.07 -5.66 -5.89
CA LEU A 24 2.55 -6.15 -7.16
C LEU A 24 1.06 -6.44 -7.07
N LEU A 25 0.27 -5.72 -7.86
CA LEU A 25 -1.17 -5.89 -7.87
C LEU A 25 -1.62 -6.70 -9.09
N ASP A 26 -2.52 -7.65 -8.86
CA ASP A 26 -3.02 -8.49 -9.94
C ASP A 26 -1.89 -9.26 -10.61
N GLY A 27 -0.80 -9.48 -9.88
CA GLY A 27 0.34 -10.19 -10.43
C GLY A 27 0.86 -9.57 -11.71
N GLN A 28 0.87 -8.25 -11.76
CA GLN A 28 1.35 -7.54 -12.94
C GLN A 28 1.52 -6.06 -12.65
N LYS A 29 0.44 -5.40 -12.25
CA LYS A 29 0.47 -3.97 -11.94
C LYS A 29 1.45 -3.69 -10.80
N THR A 30 2.20 -2.61 -10.93
CA THR A 30 3.17 -2.22 -9.92
C THR A 30 2.66 -1.03 -9.11
N GLY A 31 2.51 -1.23 -7.80
CA GLY A 31 2.03 -0.17 -6.93
C GLY A 31 3.01 0.14 -5.82
N THR A 32 2.90 1.35 -5.25
CA THR A 32 3.77 1.77 -4.18
C THR A 32 2.99 1.97 -2.88
N LEU A 33 3.32 1.19 -1.87
CA LEU A 33 2.64 1.28 -0.58
C LEU A 33 2.82 2.67 0.03
N ARG A 34 1.84 3.09 0.82
CA ARG A 34 1.89 4.40 1.47
C ARG A 34 1.31 4.33 2.87
N PHE A 35 0.07 3.87 2.98
CA PHE A 35 -0.61 3.76 4.27
C PHE A 35 -1.12 2.34 4.50
N CYS A 36 -1.41 2.02 5.75
CA CYS A 36 -1.92 0.70 6.11
C CYS A 36 -2.76 0.76 7.37
N GLY A 37 -3.67 -0.20 7.51
CA GLY A 37 -4.53 -0.23 8.69
C GLY A 37 -6.00 -0.28 8.33
N THR A 38 -6.82 0.37 9.15
CA THR A 38 -8.26 0.41 8.91
C THR A 38 -8.69 1.76 8.35
N THR A 39 -9.79 1.77 7.61
CA THR A 39 -10.30 2.99 7.01
C THR A 39 -11.51 3.51 7.78
N GLU A 40 -12.06 4.64 7.33
CA GLU A 40 -13.21 5.24 7.98
C GLU A 40 -14.49 4.92 7.22
N PHE A 41 -14.44 5.08 5.90
CA PHE A 41 -15.60 4.82 5.05
C PHE A 41 -15.98 3.34 5.11
N ALA A 42 -14.99 2.48 5.30
CA ALA A 42 -15.23 1.05 5.39
C ALA A 42 -14.47 0.43 6.56
N SER A 43 -14.75 -0.84 6.83
CA SER A 43 -14.10 -1.55 7.92
C SER A 43 -13.32 -2.75 7.41
N GLY A 44 -12.14 -2.98 7.98
CA GLY A 44 -11.32 -4.10 7.57
C GLY A 44 -9.85 -3.74 7.48
N GLN A 45 -9.12 -4.43 6.60
CA GLN A 45 -7.69 -4.17 6.43
C GLN A 45 -7.41 -3.62 5.03
N TRP A 46 -7.07 -2.33 4.97
CA TRP A 46 -6.77 -1.67 3.70
C TRP A 46 -5.35 -1.12 3.69
N VAL A 47 -4.86 -0.79 2.51
CA VAL A 47 -3.52 -0.24 2.36
C VAL A 47 -3.42 0.68 1.15
N GLY A 48 -2.79 1.83 1.33
CA GLY A 48 -2.64 2.78 0.24
C GLY A 48 -1.59 2.34 -0.76
N VAL A 49 -2.03 2.09 -1.99
CA VAL A 49 -1.11 1.66 -3.05
C VAL A 49 -1.17 2.62 -4.24
N GLU A 50 -0.03 3.21 -4.57
CA GLU A 50 0.05 4.15 -5.67
C GLU A 50 0.49 3.44 -6.95
N LEU A 51 -0.40 3.41 -7.94
CA LEU A 51 -0.11 2.75 -9.21
C LEU A 51 0.90 3.56 -10.01
N ASP A 52 1.96 2.89 -10.46
CA ASP A 52 3.02 3.54 -11.24
C ASP A 52 2.44 4.13 -12.52
N GLU A 53 1.58 3.37 -13.19
CA GLU A 53 0.96 3.82 -14.44
C GLU A 53 -0.16 4.82 -14.15
N PRO A 54 -0.59 5.57 -15.19
CA PRO A 54 -1.66 6.57 -15.04
C PRO A 54 -3.02 5.92 -14.82
N GLU A 55 -3.27 5.50 -13.58
CA GLU A 55 -4.53 4.86 -13.23
C GLU A 55 -4.77 4.91 -11.72
N GLY A 56 -6.01 5.19 -11.34
CA GLY A 56 -6.35 5.26 -9.93
C GLY A 56 -7.75 5.78 -9.69
N LYS A 57 -8.22 5.66 -8.45
CA LYS A 57 -9.56 6.13 -8.09
C LYS A 57 -9.50 7.28 -7.10
N ASN A 58 -8.53 7.22 -6.20
CA ASN A 58 -8.36 8.26 -5.18
C ASN A 58 -7.15 9.13 -5.50
N ASP A 59 -7.04 10.26 -4.81
CA ASP A 59 -5.93 11.18 -5.01
C ASP A 59 -5.09 11.32 -3.74
N GLY A 60 -5.07 10.25 -2.94
CA GLY A 60 -4.30 10.28 -1.71
C GLY A 60 -5.14 10.64 -0.50
N SER A 61 -6.13 11.50 -0.71
CA SER A 61 -7.02 11.94 0.36
C SER A 61 -8.44 11.45 0.13
N VAL A 62 -9.11 11.07 1.22
CA VAL A 62 -10.49 10.58 1.13
C VAL A 62 -11.36 11.21 2.21
N GLY A 63 -12.28 12.07 1.80
CA GLY A 63 -13.17 12.73 2.76
C GLY A 63 -12.42 13.59 3.75
N GLY A 64 -12.49 13.22 5.02
CA GLY A 64 -11.80 13.98 6.05
C GLY A 64 -10.61 13.24 6.63
N VAL A 65 -10.01 12.38 5.81
CA VAL A 65 -8.85 11.60 6.24
C VAL A 65 -7.74 11.64 5.20
N ARG A 66 -6.51 11.89 5.65
CA ARG A 66 -5.37 11.95 4.75
C ARG A 66 -4.39 10.82 5.04
N TYR A 67 -4.01 10.10 3.99
CA TYR A 67 -3.08 8.98 4.13
C TYR A 67 -1.77 9.27 3.38
N PHE A 68 -1.88 9.90 2.22
CA PHE A 68 -0.72 10.24 1.41
C PHE A 68 -1.09 11.23 0.31
N ILE A 69 -0.10 11.57 -0.51
CA ILE A 69 -0.31 12.51 -1.60
C ILE A 69 0.13 11.91 -2.93
N CYS A 70 -0.78 11.91 -3.91
CA CYS A 70 -0.48 11.38 -5.23
C CYS A 70 -1.23 12.15 -6.31
N PRO A 71 -0.62 12.28 -7.52
CA PRO A 71 -1.23 13.00 -8.63
C PRO A 71 -2.64 12.50 -8.94
N PRO A 72 -3.36 13.20 -9.85
CA PRO A 72 -4.72 12.83 -10.23
C PRO A 72 -4.82 11.37 -10.66
N LYS A 73 -5.63 10.60 -9.93
CA LYS A 73 -5.81 9.19 -10.23
C LYS A 73 -4.49 8.43 -10.14
N GLN A 74 -4.26 7.76 -9.02
CA GLN A 74 -3.04 7.01 -8.82
C GLN A 74 -3.12 6.17 -7.54
N GLY A 75 -3.67 6.76 -6.48
CA GLY A 75 -3.80 6.06 -5.22
C GLY A 75 -5.01 5.14 -5.18
N LEU A 76 -4.78 3.88 -4.82
CA LEU A 76 -5.86 2.91 -4.74
C LEU A 76 -5.78 2.12 -3.44
N PHE A 77 -6.85 2.18 -2.65
CA PHE A 77 -6.91 1.48 -1.38
C PHE A 77 -7.33 0.03 -1.58
N ALA A 78 -6.39 -0.89 -1.36
CA ALA A 78 -6.66 -2.31 -1.53
C ALA A 78 -6.35 -3.07 -0.24
N SER A 79 -6.61 -4.38 -0.27
CA SER A 79 -6.36 -5.22 0.90
C SER A 79 -5.06 -5.98 0.75
N VAL A 80 -4.28 -6.05 1.84
CA VAL A 80 -3.01 -6.76 1.82
C VAL A 80 -3.16 -8.19 1.34
N SER A 81 -4.33 -8.77 1.60
CA SER A 81 -4.61 -10.14 1.20
C SER A 81 -4.64 -10.27 -0.33
N LYS A 82 -5.00 -9.18 -1.00
CA LYS A 82 -5.07 -9.19 -2.46
C LYS A 82 -3.86 -8.47 -3.07
N ILE A 83 -2.74 -8.50 -2.35
CA ILE A 83 -1.52 -7.85 -2.83
C ILE A 83 -0.30 -8.71 -2.54
N SER A 84 0.74 -8.54 -3.35
CA SER A 84 1.98 -9.29 -3.18
C SER A 84 3.20 -8.37 -3.21
N LYS A 85 4.38 -8.95 -3.06
CA LYS A 85 5.62 -8.18 -3.06
C LYS A 85 6.18 -8.07 -4.48
N ALA A 86 6.52 -6.86 -4.88
CA ALA A 86 7.08 -6.61 -6.21
C ALA A 86 8.56 -6.27 -6.14
N VAL A 87 9.29 -6.99 -5.28
CA VAL A 87 10.72 -6.77 -5.11
C VAL A 87 11.53 -7.80 -5.89
N ASP A 88 11.03 -8.18 -7.06
CA ASP A 88 11.71 -9.15 -7.90
C ASP A 88 11.08 -9.22 -9.29
N ALA A 89 9.77 -9.42 -9.34
CA ALA A 89 9.04 -9.49 -10.60
C ALA A 89 9.57 -10.63 -11.46
N SER A 90 10.01 -11.71 -10.80
CA SER A 90 10.53 -12.87 -11.51
C SER A 90 9.80 -14.14 -11.09
N GLY A 91 10.01 -14.56 -9.85
CA GLY A 91 9.37 -15.75 -9.34
C GLY A 91 9.13 -15.70 -7.84
N PRO A 92 9.00 -16.87 -7.19
CA PRO A 92 8.79 -16.93 -5.74
C PRO A 92 10.02 -16.51 -4.95
N SER A 93 9.95 -15.33 -4.35
CA SER A 93 11.07 -14.81 -3.56
C SER A 93 10.56 -13.91 -2.45
N SER A 94 11.13 -14.07 -1.25
CA SER A 94 10.74 -13.27 -0.10
C SER A 94 11.71 -13.46 1.05
N GLY A 95 12.04 -12.37 1.75
CA GLY A 95 12.95 -12.44 2.87
C GLY A 95 13.46 -11.08 3.30
N GLY A 1 18.55 10.96 14.66
CA GLY A 1 18.48 12.37 14.16
C GLY A 1 17.08 12.93 14.15
N SER A 2 16.49 13.06 12.96
CA SER A 2 15.14 13.58 12.81
C SER A 2 14.12 12.55 13.28
N SER A 3 12.88 13.02 13.49
CA SER A 3 11.81 12.14 13.93
C SER A 3 10.66 12.13 12.93
N GLY A 4 10.06 10.95 12.74
CA GLY A 4 8.96 10.83 11.79
C GLY A 4 8.44 9.41 11.69
N SER A 5 7.12 9.26 11.74
CA SER A 5 6.50 7.94 11.65
C SER A 5 6.95 7.06 12.81
N SER A 6 6.19 7.09 13.89
CA SER A 6 6.51 6.29 15.07
C SER A 6 6.26 4.81 14.79
N GLY A 7 6.87 3.95 15.61
CA GLY A 7 6.71 2.52 15.43
C GLY A 7 5.31 2.05 15.81
N GLY A 8 5.19 0.78 16.18
CA GLY A 8 3.91 0.23 16.56
C GLY A 8 3.22 -0.47 15.41
N ASN A 9 4.00 -1.07 14.53
CA ASN A 9 3.45 -1.79 13.38
C ASN A 9 2.59 -2.96 13.82
N LEU A 10 1.29 -2.85 13.60
CA LEU A 10 0.34 -3.89 13.98
C LEU A 10 -0.03 -4.75 12.78
N MET A 11 -0.24 -4.10 11.64
CA MET A 11 -0.60 -4.81 10.41
C MET A 11 0.61 -4.98 9.51
N LEU A 12 1.48 -3.97 9.47
CA LEU A 12 2.68 -4.01 8.65
C LEU A 12 3.64 -5.09 9.14
N SER A 13 3.62 -5.35 10.44
CA SER A 13 4.48 -6.36 11.04
C SER A 13 3.85 -7.74 10.94
N ALA A 14 2.53 -7.78 11.01
CA ALA A 14 1.80 -9.04 10.93
C ALA A 14 1.88 -9.64 9.54
N LEU A 15 1.92 -8.77 8.53
CA LEU A 15 1.99 -9.21 7.14
C LEU A 15 3.44 -9.46 6.72
N GLY A 16 4.31 -8.49 7.00
CA GLY A 16 5.70 -8.63 6.66
C GLY A 16 6.14 -7.64 5.60
N LEU A 17 5.62 -6.41 5.69
CA LEU A 17 5.96 -5.36 4.74
C LEU A 17 5.90 -3.99 5.40
N ARG A 18 6.69 -3.05 4.88
CA ARG A 18 6.74 -1.70 5.42
C ARG A 18 6.15 -0.70 4.43
N LEU A 19 5.87 0.51 4.90
CA LEU A 19 5.30 1.56 4.07
C LEU A 19 6.38 2.17 3.17
N GLY A 20 5.99 2.52 1.94
CA GLY A 20 6.93 3.10 1.01
C GLY A 20 7.53 2.08 0.06
N ASP A 21 7.61 0.84 0.51
CA ASP A 21 8.17 -0.23 -0.30
C ASP A 21 7.35 -0.44 -1.57
N ARG A 22 7.76 -1.39 -2.40
CA ARG A 22 7.07 -1.69 -3.64
C ARG A 22 6.14 -2.88 -3.47
N VAL A 23 5.00 -2.85 -4.16
CA VAL A 23 4.03 -3.93 -4.09
C VAL A 23 3.41 -4.22 -5.46
N LEU A 24 3.07 -5.47 -5.70
CA LEU A 24 2.47 -5.87 -6.98
C LEU A 24 0.97 -6.10 -6.82
N LEU A 25 0.18 -5.32 -7.55
CA LEU A 25 -1.27 -5.43 -7.49
C LEU A 25 -1.78 -6.42 -8.53
N ASP A 26 -2.50 -7.45 -8.07
CA ASP A 26 -3.04 -8.46 -8.97
C ASP A 26 -1.92 -9.16 -9.75
N GLY A 27 -0.71 -9.13 -9.20
CA GLY A 27 0.42 -9.76 -9.86
C GLY A 27 0.60 -9.29 -11.29
N GLN A 28 0.67 -7.98 -11.48
CA GLN A 28 0.85 -7.40 -12.80
C GLN A 28 1.19 -5.92 -12.71
N LYS A 29 0.40 -5.18 -11.94
CA LYS A 29 0.63 -3.75 -11.77
C LYS A 29 1.55 -3.48 -10.59
N THR A 30 2.54 -2.62 -10.80
CA THR A 30 3.49 -2.28 -9.75
C THR A 30 3.07 -0.99 -9.03
N GLY A 31 2.79 -1.12 -7.74
CA GLY A 31 2.38 0.03 -6.96
C GLY A 31 3.30 0.30 -5.78
N THR A 32 3.25 1.52 -5.26
CA THR A 32 4.08 1.89 -4.13
C THR A 32 3.24 2.05 -2.86
N LEU A 33 3.55 1.25 -1.85
CA LEU A 33 2.83 1.29 -0.59
C LEU A 33 2.94 2.67 0.05
N ARG A 34 1.83 3.16 0.60
CA ARG A 34 1.81 4.46 1.25
C ARG A 34 1.21 4.37 2.65
N PHE A 35 0.04 3.75 2.75
CA PHE A 35 -0.64 3.59 4.03
C PHE A 35 -0.96 2.12 4.30
N CYS A 36 -1.13 1.78 5.56
CA CYS A 36 -1.45 0.40 5.95
C CYS A 36 -2.09 0.36 7.33
N GLY A 37 -3.05 -0.54 7.50
CA GLY A 37 -3.74 -0.67 8.78
C GLY A 37 -5.24 -0.59 8.64
N THR A 38 -5.89 0.08 9.59
CA THR A 38 -7.33 0.23 9.57
C THR A 38 -7.74 1.55 8.93
N THR A 39 -9.01 1.66 8.55
CA THR A 39 -9.51 2.88 7.93
C THR A 39 -10.53 3.56 8.84
N GLU A 40 -10.77 4.84 8.58
CA GLU A 40 -11.73 5.62 9.38
C GLU A 40 -13.14 5.48 8.82
N PHE A 41 -13.26 5.56 7.50
CA PHE A 41 -14.55 5.45 6.84
C PHE A 41 -15.13 4.04 7.02
N ALA A 42 -14.25 3.04 7.02
CA ALA A 42 -14.67 1.65 7.18
C ALA A 42 -13.77 0.92 8.17
N SER A 43 -14.02 -0.37 8.34
CA SER A 43 -13.23 -1.20 9.24
C SER A 43 -12.63 -2.40 8.52
N GLY A 44 -11.61 -3.00 9.13
CA GLY A 44 -10.97 -4.15 8.52
C GLY A 44 -9.49 -3.94 8.31
N GLN A 45 -8.98 -4.40 7.17
CA GLN A 45 -7.56 -4.25 6.85
C GLN A 45 -7.37 -3.75 5.42
N TRP A 46 -6.94 -2.49 5.29
CA TRP A 46 -6.73 -1.90 3.98
C TRP A 46 -5.30 -1.37 3.85
N VAL A 47 -4.89 -1.08 2.63
CA VAL A 47 -3.54 -0.56 2.36
C VAL A 47 -3.53 0.32 1.14
N GLY A 48 -2.94 1.52 1.27
CA GLY A 48 -2.86 2.44 0.16
C GLY A 48 -1.74 2.10 -0.80
N VAL A 49 -2.09 1.99 -2.08
CA VAL A 49 -1.11 1.67 -3.11
C VAL A 49 -1.13 2.69 -4.24
N GLU A 50 0.05 3.05 -4.73
CA GLU A 50 0.16 4.02 -5.81
C GLU A 50 0.57 3.33 -7.11
N LEU A 51 -0.40 3.10 -7.98
CA LEU A 51 -0.14 2.44 -9.26
C LEU A 51 0.83 3.27 -10.09
N ASP A 52 1.79 2.59 -10.72
CA ASP A 52 2.79 3.25 -11.55
C ASP A 52 2.15 3.84 -12.80
N GLU A 53 1.40 3.01 -13.52
CA GLU A 53 0.72 3.45 -14.74
C GLU A 53 -0.34 4.50 -14.42
N PRO A 54 -0.80 5.23 -15.45
CA PRO A 54 -1.83 6.27 -15.29
C PRO A 54 -3.20 5.68 -14.98
N GLU A 55 -3.30 5.01 -13.83
CA GLU A 55 -4.56 4.40 -13.42
C GLU A 55 -4.73 4.48 -11.90
N GLY A 56 -5.95 4.74 -11.46
CA GLY A 56 -6.22 4.85 -10.05
C GLY A 56 -7.68 5.18 -9.75
N LYS A 57 -7.92 5.74 -8.58
CA LYS A 57 -9.29 6.11 -8.18
C LYS A 57 -9.28 7.32 -7.25
N ASN A 58 -8.45 7.26 -6.22
CA ASN A 58 -8.34 8.35 -5.26
C ASN A 58 -6.97 9.00 -5.30
N ASP A 59 -6.88 10.22 -4.81
CA ASP A 59 -5.61 10.96 -4.80
C ASP A 59 -5.00 10.98 -3.40
N GLY A 60 -5.22 9.89 -2.65
CA GLY A 60 -4.69 9.81 -1.31
C GLY A 60 -5.45 10.68 -0.32
N SER A 61 -6.71 10.99 -0.65
CA SER A 61 -7.54 11.81 0.20
C SER A 61 -8.98 11.32 0.20
N VAL A 62 -9.43 10.78 1.32
CA VAL A 62 -10.79 10.27 1.45
C VAL A 62 -11.50 10.85 2.66
N GLY A 63 -12.70 11.38 2.45
CA GLY A 63 -13.45 11.97 3.54
C GLY A 63 -12.72 13.11 4.21
N GLY A 64 -12.25 12.87 5.44
CA GLY A 64 -11.53 13.89 6.17
C GLY A 64 -10.17 13.42 6.65
N VAL A 65 -9.59 12.48 5.91
CA VAL A 65 -8.28 11.94 6.26
C VAL A 65 -7.39 11.79 5.03
N ARG A 66 -6.17 12.29 5.12
CA ARG A 66 -5.22 12.21 4.01
C ARG A 66 -4.15 11.17 4.28
N TYR A 67 -4.04 10.19 3.38
CA TYR A 67 -3.06 9.12 3.53
C TYR A 67 -1.77 9.47 2.80
N PHE A 68 -1.89 10.22 1.71
CA PHE A 68 -0.72 10.62 0.92
C PHE A 68 -1.15 11.54 -0.22
N ILE A 69 -0.16 12.08 -0.93
CA ILE A 69 -0.42 12.97 -2.05
C ILE A 69 0.11 12.39 -3.37
N CYS A 70 -0.79 12.18 -4.33
CA CYS A 70 -0.40 11.63 -5.61
C CYS A 70 -1.18 12.32 -6.74
N PRO A 71 -0.63 12.29 -7.97
CA PRO A 71 -1.27 12.91 -9.14
C PRO A 71 -2.72 12.46 -9.31
N PRO A 72 -3.48 13.15 -10.18
CA PRO A 72 -4.89 12.82 -10.43
C PRO A 72 -5.08 11.36 -10.82
N LYS A 73 -5.83 10.62 -10.00
CA LYS A 73 -6.09 9.22 -10.25
C LYS A 73 -4.79 8.42 -10.29
N GLN A 74 -4.53 7.67 -9.22
CA GLN A 74 -3.31 6.87 -9.15
C GLN A 74 -3.28 6.06 -7.85
N GLY A 75 -3.72 6.68 -6.76
CA GLY A 75 -3.74 6.01 -5.47
C GLY A 75 -4.99 5.17 -5.29
N LEU A 76 -4.80 3.86 -5.14
CA LEU A 76 -5.92 2.94 -4.94
C LEU A 76 -5.76 2.15 -3.64
N PHE A 77 -6.78 2.16 -2.82
CA PHE A 77 -6.76 1.45 -1.55
C PHE A 77 -7.45 0.09 -1.67
N ALA A 78 -6.68 -0.98 -1.46
CA ALA A 78 -7.22 -2.33 -1.55
C ALA A 78 -6.74 -3.19 -0.38
N SER A 79 -7.36 -4.36 -0.22
CA SER A 79 -7.00 -5.27 0.86
C SER A 79 -5.69 -5.98 0.56
N VAL A 80 -4.92 -6.28 1.60
CA VAL A 80 -3.65 -6.97 1.45
C VAL A 80 -3.84 -8.33 0.78
N SER A 81 -4.99 -8.95 1.01
CA SER A 81 -5.29 -10.25 0.45
C SER A 81 -5.28 -10.19 -1.08
N LYS A 82 -5.61 -9.03 -1.63
CA LYS A 82 -5.65 -8.85 -3.07
C LYS A 82 -4.36 -8.17 -3.56
N ILE A 83 -3.26 -8.42 -2.86
CA ILE A 83 -1.98 -7.85 -3.23
C ILE A 83 -0.83 -8.79 -2.88
N SER A 84 0.28 -8.66 -3.60
CA SER A 84 1.44 -9.51 -3.38
C SER A 84 2.72 -8.66 -3.32
N LYS A 85 3.69 -9.13 -2.55
CA LYS A 85 4.96 -8.42 -2.41
C LYS A 85 5.66 -8.29 -3.77
N ALA A 86 6.09 -7.08 -4.08
CA ALA A 86 6.78 -6.82 -5.35
C ALA A 86 8.29 -6.78 -5.15
N VAL A 87 8.83 -7.85 -4.58
CA VAL A 87 10.28 -7.94 -4.34
C VAL A 87 10.88 -9.13 -5.09
N ASP A 88 10.29 -9.46 -6.24
CA ASP A 88 10.77 -10.57 -7.04
C ASP A 88 10.74 -11.88 -6.26
N ALA A 89 11.10 -12.97 -6.92
CA ALA A 89 11.12 -14.28 -6.28
C ALA A 89 12.26 -15.15 -6.82
N SER A 90 13.46 -14.92 -6.28
CA SER A 90 14.63 -15.68 -6.71
C SER A 90 14.68 -17.04 -6.03
N GLY A 91 14.22 -17.09 -4.79
CA GLY A 91 14.22 -18.33 -4.03
C GLY A 91 14.33 -18.12 -2.54
N PRO A 92 13.20 -18.08 -1.82
CA PRO A 92 13.20 -17.87 -0.37
C PRO A 92 13.78 -19.07 0.38
N SER A 93 15.08 -19.31 0.18
CA SER A 93 15.75 -20.43 0.83
C SER A 93 17.02 -19.95 1.54
N SER A 94 16.88 -19.56 2.80
CA SER A 94 18.02 -19.08 3.58
C SER A 94 18.51 -20.16 4.54
N GLY A 95 19.76 -20.55 4.41
CA GLY A 95 20.33 -21.57 5.27
C GLY A 95 21.64 -22.11 4.75
N GLY A 1 -1.27 7.97 20.48
CA GLY A 1 -2.70 7.70 20.78
C GLY A 1 -3.43 7.09 19.60
N SER A 2 -4.02 7.94 18.75
CA SER A 2 -4.76 7.48 17.58
C SER A 2 -4.20 8.12 16.31
N SER A 3 -3.93 9.41 16.37
CA SER A 3 -3.39 10.13 15.22
C SER A 3 -2.03 10.74 15.55
N GLY A 4 -1.28 10.06 16.41
CA GLY A 4 0.04 10.54 16.79
C GLY A 4 1.10 10.21 15.75
N SER A 5 1.95 9.24 16.08
CA SER A 5 3.01 8.83 15.17
C SER A 5 2.64 7.53 14.46
N SER A 6 3.13 7.39 13.23
CA SER A 6 2.85 6.19 12.43
C SER A 6 3.83 5.08 12.76
N GLY A 7 3.64 3.93 12.14
CA GLY A 7 4.52 2.80 12.38
C GLY A 7 3.88 1.74 13.27
N GLY A 8 4.38 0.51 13.18
CA GLY A 8 3.83 -0.56 13.98
C GLY A 8 2.57 -1.15 13.39
N ASN A 9 2.71 -1.85 12.27
CA ASN A 9 1.56 -2.47 11.61
C ASN A 9 1.62 -3.98 11.73
N LEU A 10 0.73 -4.54 12.55
CA LEU A 10 0.68 -5.98 12.75
C LEU A 10 0.39 -6.70 11.44
N MET A 11 -0.36 -6.05 10.57
CA MET A 11 -0.71 -6.64 9.26
C MET A 11 0.55 -6.96 8.46
N LEU A 12 1.34 -5.93 8.17
CA LEU A 12 2.56 -6.11 7.40
C LEU A 12 3.60 -6.88 8.22
N SER A 13 3.55 -6.73 9.54
CA SER A 13 4.50 -7.41 10.42
C SER A 13 4.42 -8.92 10.24
N ALA A 14 3.20 -9.46 10.26
CA ALA A 14 3.00 -10.90 10.09
C ALA A 14 3.30 -11.33 8.66
N LEU A 15 2.81 -10.56 7.69
CA LEU A 15 3.02 -10.86 6.28
C LEU A 15 4.51 -10.78 5.93
N GLY A 16 5.22 -9.90 6.62
CA GLY A 16 6.65 -9.75 6.36
C GLY A 16 6.94 -8.66 5.35
N LEU A 17 6.07 -7.66 5.30
CA LEU A 17 6.23 -6.54 4.37
C LEU A 17 6.52 -5.25 5.12
N ARG A 18 7.02 -4.25 4.39
CA ARG A 18 7.33 -2.95 4.98
C ARG A 18 6.55 -1.83 4.30
N LEU A 19 6.57 -0.66 4.91
CA LEU A 19 5.86 0.49 4.35
C LEU A 19 6.78 1.33 3.48
N GLY A 20 6.23 1.86 2.38
CA GLY A 20 7.01 2.67 1.48
C GLY A 20 7.54 1.87 0.30
N ASP A 21 7.76 0.57 0.51
CA ASP A 21 8.27 -0.30 -0.54
C ASP A 21 7.25 -0.44 -1.66
N ARG A 22 7.61 -1.23 -2.68
CA ARG A 22 6.73 -1.45 -3.82
C ARG A 22 5.94 -2.74 -3.65
N VAL A 23 4.80 -2.83 -4.33
CA VAL A 23 3.95 -4.01 -4.25
C VAL A 23 3.42 -4.40 -5.63
N LEU A 24 2.91 -5.62 -5.73
CA LEU A 24 2.37 -6.12 -7.00
C LEU A 24 0.88 -6.37 -6.89
N LEU A 25 0.09 -5.65 -7.67
CA LEU A 25 -1.36 -5.79 -7.67
C LEU A 25 -1.82 -6.73 -8.77
N ASP A 26 -2.65 -7.70 -8.42
CA ASP A 26 -3.17 -8.67 -9.38
C ASP A 26 -2.03 -9.46 -10.00
N GLY A 27 -0.93 -9.58 -9.29
CA GLY A 27 0.22 -10.32 -9.80
C GLY A 27 0.69 -9.82 -11.15
N GLN A 28 0.80 -8.50 -11.28
CA GLN A 28 1.24 -7.89 -12.53
C GLN A 28 1.50 -6.40 -12.35
N LYS A 29 0.45 -5.65 -12.05
CA LYS A 29 0.57 -4.22 -11.85
C LYS A 29 1.53 -3.89 -10.70
N THR A 30 2.20 -2.75 -10.80
CA THR A 30 3.14 -2.33 -9.76
C THR A 30 2.68 -1.05 -9.09
N GLY A 31 2.74 -1.02 -7.76
CA GLY A 31 2.32 0.14 -7.00
C GLY A 31 3.24 0.45 -5.86
N THR A 32 3.03 1.60 -5.22
CA THR A 32 3.85 2.02 -4.09
C THR A 32 3.00 2.14 -2.82
N LEU A 33 3.36 1.38 -1.80
CA LEU A 33 2.63 1.40 -0.54
C LEU A 33 2.98 2.65 0.26
N ARG A 34 1.98 3.25 0.89
CA ARG A 34 2.18 4.45 1.69
C ARG A 34 1.48 4.32 3.05
N PHE A 35 0.23 3.88 3.03
CA PHE A 35 -0.54 3.73 4.25
C PHE A 35 -0.89 2.26 4.49
N CYS A 36 -1.23 1.93 5.73
CA CYS A 36 -1.58 0.56 6.10
C CYS A 36 -2.37 0.53 7.40
N GLY A 37 -3.18 -0.51 7.56
CA GLY A 37 -3.98 -0.64 8.77
C GLY A 37 -5.47 -0.54 8.48
N THR A 38 -6.23 -0.11 9.48
CA THR A 38 -7.68 0.02 9.33
C THR A 38 -8.05 1.41 8.83
N THR A 39 -9.17 1.51 8.12
CA THR A 39 -9.64 2.78 7.59
C THR A 39 -10.72 3.38 8.48
N GLU A 40 -11.24 4.53 8.08
CA GLU A 40 -12.29 5.21 8.84
C GLU A 40 -13.67 4.79 8.36
N PHE A 41 -13.93 4.99 7.07
CA PHE A 41 -15.21 4.63 6.47
C PHE A 41 -15.48 3.13 6.62
N ALA A 42 -14.42 2.35 6.63
CA ALA A 42 -14.54 0.90 6.76
C ALA A 42 -13.57 0.36 7.80
N SER A 43 -13.67 -0.93 8.10
CA SER A 43 -12.79 -1.57 9.07
C SER A 43 -12.27 -2.90 8.54
N GLY A 44 -11.07 -3.28 8.99
CA GLY A 44 -10.48 -4.52 8.54
C GLY A 44 -9.04 -4.34 8.07
N GLN A 45 -8.67 -5.08 7.03
CA GLN A 45 -7.32 -5.00 6.48
C GLN A 45 -7.31 -4.18 5.20
N TRP A 46 -6.69 -3.01 5.27
CA TRP A 46 -6.60 -2.12 4.10
C TRP A 46 -5.20 -1.56 3.96
N VAL A 47 -4.80 -1.29 2.72
CA VAL A 47 -3.48 -0.73 2.44
C VAL A 47 -3.51 0.19 1.23
N GLY A 48 -3.01 1.41 1.41
CA GLY A 48 -2.99 2.37 0.32
C GLY A 48 -1.80 2.18 -0.60
N VAL A 49 -2.07 1.98 -1.89
CA VAL A 49 -1.02 1.78 -2.87
C VAL A 49 -1.18 2.74 -4.04
N GLU A 50 -0.06 3.30 -4.50
CA GLU A 50 -0.08 4.23 -5.62
C GLU A 50 0.28 3.52 -6.92
N LEU A 51 -0.65 3.53 -7.87
CA LEU A 51 -0.43 2.89 -9.17
C LEU A 51 0.57 3.68 -10.00
N ASP A 52 1.61 3.00 -10.49
CA ASP A 52 2.62 3.65 -11.30
C ASP A 52 2.05 4.09 -12.65
N GLU A 53 1.11 3.30 -13.17
CA GLU A 53 0.49 3.62 -14.45
C GLU A 53 -0.51 4.77 -14.30
N PRO A 54 -0.81 5.47 -15.40
CA PRO A 54 -1.74 6.60 -15.39
C PRO A 54 -3.19 6.14 -15.19
N GLU A 55 -3.46 5.54 -14.04
CA GLU A 55 -4.80 5.06 -13.73
C GLU A 55 -5.02 4.99 -12.23
N GLY A 56 -6.22 5.37 -11.79
CA GLY A 56 -6.54 5.35 -10.37
C GLY A 56 -7.98 5.69 -10.09
N LYS A 57 -8.20 6.62 -9.18
CA LYS A 57 -9.56 7.04 -8.82
C LYS A 57 -9.53 8.18 -7.81
N ASN A 58 -8.61 8.09 -6.85
CA ASN A 58 -8.48 9.12 -5.82
C ASN A 58 -7.12 9.81 -5.92
N ASP A 59 -6.87 10.75 -5.01
CA ASP A 59 -5.62 11.49 -5.00
C ASP A 59 -4.87 11.29 -3.69
N GLY A 60 -5.07 10.12 -3.07
CA GLY A 60 -4.41 9.82 -1.82
C GLY A 60 -5.27 10.15 -0.62
N SER A 61 -5.96 11.29 -0.68
CA SER A 61 -6.82 11.72 0.42
C SER A 61 -8.29 11.47 0.09
N VAL A 62 -9.05 11.01 1.07
CA VAL A 62 -10.46 10.73 0.88
C VAL A 62 -11.31 11.45 1.94
N GLY A 63 -12.15 12.37 1.48
CA GLY A 63 -13.00 13.12 2.40
C GLY A 63 -12.20 13.89 3.42
N GLY A 64 -12.44 13.60 4.69
CA GLY A 64 -11.74 14.28 5.76
C GLY A 64 -10.55 13.49 6.27
N VAL A 65 -10.02 12.60 5.43
CA VAL A 65 -8.87 11.78 5.81
C VAL A 65 -7.77 11.86 4.75
N ARG A 66 -6.53 12.02 5.20
CA ARG A 66 -5.39 12.10 4.30
C ARG A 66 -4.43 10.95 4.53
N TYR A 67 -4.13 10.20 3.47
CA TYR A 67 -3.22 9.07 3.55
C TYR A 67 -1.89 9.39 2.87
N PHE A 68 -1.97 10.14 1.78
CA PHE A 68 -0.77 10.52 1.03
C PHE A 68 -1.12 11.44 -0.14
N ILE A 69 -0.10 11.92 -0.83
CA ILE A 69 -0.31 12.82 -1.96
C ILE A 69 0.21 12.19 -3.25
N CYS A 70 -0.69 12.04 -4.23
CA CYS A 70 -0.34 11.46 -5.51
C CYS A 70 -0.99 12.22 -6.66
N PRO A 71 -0.44 12.10 -7.88
CA PRO A 71 -0.97 12.79 -9.06
C PRO A 71 -2.46 12.53 -9.26
N PRO A 72 -3.13 13.34 -10.10
CA PRO A 72 -4.55 13.19 -10.36
C PRO A 72 -4.92 11.77 -10.79
N LYS A 73 -5.76 11.11 -9.99
CA LYS A 73 -6.18 9.75 -10.30
C LYS A 73 -4.98 8.81 -10.36
N GLN A 74 -4.66 8.20 -9.22
CA GLN A 74 -3.53 7.27 -9.15
C GLN A 74 -3.54 6.50 -7.84
N GLY A 75 -3.82 7.20 -6.74
CA GLY A 75 -3.86 6.56 -5.44
C GLY A 75 -5.09 5.71 -5.25
N LEU A 76 -4.88 4.42 -5.05
CA LEU A 76 -5.98 3.47 -4.86
C LEU A 76 -5.68 2.51 -3.73
N PHE A 77 -6.64 2.35 -2.82
CA PHE A 77 -6.48 1.45 -1.68
C PHE A 77 -7.10 0.10 -1.97
N ALA A 78 -6.61 -0.93 -1.28
CA ALA A 78 -7.12 -2.29 -1.46
C ALA A 78 -6.77 -3.17 -0.28
N SER A 79 -7.47 -4.29 -0.15
CA SER A 79 -7.23 -5.22 0.95
C SER A 79 -5.93 -5.99 0.73
N VAL A 80 -5.26 -6.34 1.82
CA VAL A 80 -4.00 -7.08 1.76
C VAL A 80 -4.16 -8.37 0.97
N SER A 81 -5.36 -8.94 1.02
CA SER A 81 -5.64 -10.19 0.31
C SER A 81 -5.39 -10.04 -1.18
N LYS A 82 -5.50 -8.82 -1.68
CA LYS A 82 -5.29 -8.55 -3.09
C LYS A 82 -3.97 -7.79 -3.31
N ILE A 83 -2.94 -8.21 -2.60
CA ILE A 83 -1.63 -7.58 -2.71
C ILE A 83 -0.51 -8.62 -2.77
N SER A 84 0.48 -8.37 -3.61
CA SER A 84 1.61 -9.29 -3.77
C SER A 84 2.93 -8.56 -3.54
N LYS A 85 3.96 -9.31 -3.17
CA LYS A 85 5.28 -8.75 -2.93
C LYS A 85 5.99 -8.44 -4.24
N ALA A 86 6.41 -7.19 -4.40
CA ALA A 86 7.12 -6.77 -5.61
C ALA A 86 8.55 -6.36 -5.30
N VAL A 87 9.23 -7.16 -4.49
CA VAL A 87 10.61 -6.88 -4.12
C VAL A 87 11.55 -7.14 -5.28
N ASP A 88 12.84 -6.87 -5.06
CA ASP A 88 13.85 -7.07 -6.10
C ASP A 88 14.26 -8.55 -6.19
N ALA A 89 14.30 -9.06 -7.40
CA ALA A 89 14.68 -10.46 -7.62
C ALA A 89 15.73 -10.58 -8.73
N SER A 90 16.97 -10.28 -8.39
CA SER A 90 18.07 -10.36 -9.34
C SER A 90 18.43 -11.81 -9.64
N GLY A 91 18.52 -12.13 -10.93
CA GLY A 91 18.86 -13.49 -11.32
C GLY A 91 19.69 -13.54 -12.59
N PRO A 92 19.06 -13.75 -13.77
CA PRO A 92 19.78 -13.81 -15.04
C PRO A 92 20.50 -12.51 -15.37
N SER A 93 19.74 -11.43 -15.50
CA SER A 93 20.31 -10.12 -15.80
C SER A 93 19.79 -9.05 -14.85
N SER A 94 20.54 -7.96 -14.73
CA SER A 94 20.15 -6.86 -13.85
C SER A 94 19.55 -5.71 -14.65
N GLY A 95 18.83 -6.04 -15.70
CA GLY A 95 18.22 -5.02 -16.53
C GLY A 95 18.94 -4.83 -17.85
N GLY A 1 16.92 2.97 17.39
CA GLY A 1 17.03 1.87 18.38
C GLY A 1 15.67 1.33 18.78
N SER A 2 14.80 2.21 19.26
CA SER A 2 13.45 1.81 19.67
C SER A 2 13.52 0.80 20.82
N SER A 3 13.31 1.28 22.04
CA SER A 3 13.34 0.43 23.21
C SER A 3 12.55 1.05 24.36
N GLY A 4 11.31 0.62 24.53
CA GLY A 4 10.47 1.13 25.59
C GLY A 4 9.01 0.76 25.43
N SER A 5 8.58 0.64 24.18
CA SER A 5 7.20 0.28 23.88
C SER A 5 7.13 -0.99 23.03
N SER A 6 7.89 -1.00 21.94
CA SER A 6 7.92 -2.15 21.05
C SER A 6 6.53 -2.43 20.47
N GLY A 7 6.15 -1.65 19.46
CA GLY A 7 4.84 -1.83 18.85
C GLY A 7 4.69 -1.02 17.57
N GLY A 8 5.11 -1.61 16.45
CA GLY A 8 5.01 -0.92 15.18
C GLY A 8 3.71 -1.23 14.45
N ASN A 9 3.82 -1.71 13.22
CA ASN A 9 2.64 -2.03 12.42
C ASN A 9 2.01 -3.34 12.90
N LEU A 10 0.70 -3.45 12.73
CA LEU A 10 -0.02 -4.65 13.13
C LEU A 10 -0.29 -5.57 11.94
N MET A 11 -0.46 -4.97 10.77
CA MET A 11 -0.72 -5.72 9.55
C MET A 11 0.58 -6.07 8.84
N LEU A 12 1.44 -5.07 8.66
CA LEU A 12 2.72 -5.27 7.99
C LEU A 12 3.57 -6.30 8.73
N SER A 13 3.39 -6.37 10.04
CA SER A 13 4.14 -7.33 10.85
C SER A 13 3.87 -8.77 10.40
N ALA A 14 2.66 -9.01 9.90
CA ALA A 14 2.27 -10.33 9.45
C ALA A 14 2.60 -10.51 7.97
N LEU A 15 2.54 -9.43 7.21
CA LEU A 15 2.83 -9.46 5.78
C LEU A 15 4.31 -9.66 5.54
N GLY A 16 5.14 -8.94 6.30
CA GLY A 16 6.58 -9.05 6.14
C GLY A 16 7.14 -8.03 5.17
N LEU A 17 6.59 -6.82 5.19
CA LEU A 17 7.03 -5.75 4.30
C LEU A 17 7.09 -4.43 5.04
N ARG A 18 7.79 -3.46 4.45
CA ARG A 18 7.92 -2.13 5.05
C ARG A 18 7.21 -1.09 4.21
N LEU A 19 6.92 0.05 4.83
CA LEU A 19 6.23 1.14 4.13
C LEU A 19 7.17 1.84 3.15
N GLY A 20 6.61 2.29 2.03
CA GLY A 20 7.42 2.96 1.03
C GLY A 20 7.86 2.03 -0.09
N ASP A 21 8.16 0.79 0.27
CA ASP A 21 8.59 -0.20 -0.72
C ASP A 21 7.52 -0.42 -1.77
N ARG A 22 7.92 -0.97 -2.91
CA ARG A 22 6.99 -1.24 -4.01
C ARG A 22 6.20 -2.51 -3.75
N VAL A 23 5.07 -2.65 -4.44
CA VAL A 23 4.22 -3.82 -4.29
C VAL A 23 3.75 -4.35 -5.64
N LEU A 24 2.99 -5.44 -5.61
CA LEU A 24 2.48 -6.04 -6.84
C LEU A 24 0.95 -6.12 -6.82
N LEU A 25 0.33 -5.39 -7.74
CA LEU A 25 -1.13 -5.38 -7.82
C LEU A 25 -1.63 -6.34 -8.90
N ASP A 26 -2.58 -7.18 -8.53
CA ASP A 26 -3.14 -8.16 -9.47
C ASP A 26 -2.05 -9.11 -9.98
N GLY A 27 -1.02 -9.31 -9.18
CA GLY A 27 0.07 -10.19 -9.57
C GLY A 27 0.69 -9.80 -10.90
N GLN A 28 0.59 -8.51 -11.23
CA GLN A 28 1.16 -8.02 -12.49
C GLN A 28 1.51 -6.54 -12.36
N LYS A 29 0.51 -5.71 -12.07
CA LYS A 29 0.72 -4.28 -11.92
C LYS A 29 1.71 -3.98 -10.81
N THR A 30 2.33 -2.80 -10.87
CA THR A 30 3.31 -2.40 -9.86
C THR A 30 2.88 -1.10 -9.19
N GLY A 31 3.17 -0.99 -7.89
CA GLY A 31 2.81 0.20 -7.15
C GLY A 31 3.74 0.47 -5.99
N THR A 32 3.45 1.52 -5.23
CA THR A 32 4.26 1.88 -4.07
C THR A 32 3.42 1.94 -2.80
N LEU A 33 3.79 1.13 -1.81
CA LEU A 33 3.06 1.10 -0.55
C LEU A 33 3.24 2.41 0.22
N ARG A 34 2.12 3.06 0.51
CA ARG A 34 2.15 4.33 1.24
C ARG A 34 1.46 4.20 2.58
N PHE A 35 0.36 3.45 2.60
CA PHE A 35 -0.40 3.25 3.84
C PHE A 35 -0.74 1.78 4.03
N CYS A 36 -0.91 1.37 5.28
CA CYS A 36 -1.25 -0.02 5.59
C CYS A 36 -1.86 -0.13 6.98
N GLY A 37 -2.90 -0.95 7.10
CA GLY A 37 -3.57 -1.13 8.38
C GLY A 37 -5.07 -0.97 8.27
N THR A 38 -5.64 -0.17 9.17
CA THR A 38 -7.07 0.07 9.18
C THR A 38 -7.41 1.47 8.67
N THR A 39 -8.67 1.69 8.34
CA THR A 39 -9.11 2.99 7.84
C THR A 39 -10.24 3.55 8.70
N GLU A 40 -10.71 4.73 8.34
CA GLU A 40 -11.79 5.37 9.08
C GLU A 40 -13.15 5.02 8.50
N PHE A 41 -13.19 4.78 7.19
CA PHE A 41 -14.43 4.42 6.51
C PHE A 41 -14.52 2.91 6.32
N ALA A 42 -13.94 2.16 7.24
CA ALA A 42 -13.96 0.70 7.16
C ALA A 42 -13.43 0.07 8.45
N SER A 43 -13.96 -1.09 8.80
CA SER A 43 -13.53 -1.79 10.01
C SER A 43 -12.84 -3.11 9.66
N GLY A 44 -12.10 -3.11 8.56
CA GLY A 44 -11.41 -4.32 8.14
C GLY A 44 -9.95 -4.06 7.78
N GLN A 45 -9.41 -4.89 6.91
CA GLN A 45 -8.02 -4.75 6.49
C GLN A 45 -7.93 -4.01 5.15
N TRP A 46 -7.17 -2.93 5.13
CA TRP A 46 -7.00 -2.12 3.92
C TRP A 46 -5.56 -1.63 3.79
N VAL A 47 -5.19 -1.25 2.58
CA VAL A 47 -3.84 -0.76 2.31
C VAL A 47 -3.82 0.22 1.15
N GLY A 48 -3.11 1.34 1.33
CA GLY A 48 -3.03 2.34 0.29
C GLY A 48 -1.75 2.23 -0.52
N VAL A 49 -1.90 2.07 -1.83
CA VAL A 49 -0.74 1.97 -2.72
C VAL A 49 -0.92 2.82 -3.95
N GLU A 50 0.15 3.53 -4.33
CA GLU A 50 0.11 4.40 -5.51
C GLU A 50 0.32 3.59 -6.79
N LEU A 51 -0.60 3.73 -7.72
CA LEU A 51 -0.52 3.01 -8.99
C LEU A 51 0.55 3.62 -9.90
N ASP A 52 1.40 2.77 -10.45
CA ASP A 52 2.47 3.23 -11.34
C ASP A 52 1.89 3.92 -12.58
N GLU A 53 0.76 3.43 -13.05
CA GLU A 53 0.11 4.00 -14.22
C GLU A 53 -0.94 5.03 -13.81
N PRO A 54 -1.29 5.96 -14.71
CA PRO A 54 -2.28 7.00 -14.44
C PRO A 54 -3.69 6.44 -14.33
N GLU A 55 -3.91 5.62 -13.30
CA GLU A 55 -5.22 5.01 -13.08
C GLU A 55 -5.63 5.12 -11.61
N GLY A 56 -6.93 5.09 -11.36
CA GLY A 56 -7.43 5.19 -10.00
C GLY A 56 -8.69 6.02 -9.90
N LYS A 57 -8.97 6.53 -8.70
CA LYS A 57 -10.15 7.36 -8.48
C LYS A 57 -9.87 8.43 -7.43
N ASN A 58 -9.28 8.02 -6.32
CA ASN A 58 -8.96 8.95 -5.25
C ASN A 58 -7.56 9.55 -5.44
N ASP A 59 -7.36 10.75 -4.89
CA ASP A 59 -6.07 11.43 -5.01
C ASP A 59 -5.25 11.25 -3.73
N GLY A 60 -5.46 10.13 -3.05
CA GLY A 60 -4.74 9.86 -1.83
C GLY A 60 -5.53 10.25 -0.59
N SER A 61 -6.34 11.28 -0.70
CA SER A 61 -7.15 11.75 0.41
C SER A 61 -8.64 11.45 0.17
N VAL A 62 -9.35 11.17 1.25
CA VAL A 62 -10.78 10.87 1.15
C VAL A 62 -11.60 11.76 2.10
N GLY A 63 -12.29 12.74 1.51
CA GLY A 63 -13.10 13.64 2.31
C GLY A 63 -12.27 14.47 3.28
N GLY A 64 -12.20 14.03 4.53
CA GLY A 64 -11.42 14.75 5.52
C GLY A 64 -10.30 13.90 6.11
N VAL A 65 -9.81 12.96 5.31
CA VAL A 65 -8.72 12.09 5.77
C VAL A 65 -7.63 11.98 4.72
N ARG A 66 -6.42 12.43 5.07
CA ARG A 66 -5.29 12.38 4.16
C ARG A 66 -4.40 11.18 4.45
N TYR A 67 -4.14 10.38 3.42
CA TYR A 67 -3.31 9.19 3.57
C TYR A 67 -1.93 9.43 2.96
N PHE A 68 -1.89 10.21 1.89
CA PHE A 68 -0.63 10.51 1.21
C PHE A 68 -0.84 11.48 0.06
N ILE A 69 0.23 11.81 -0.65
CA ILE A 69 0.16 12.74 -1.77
C ILE A 69 0.48 12.03 -3.08
N CYS A 70 -0.49 12.00 -3.99
CA CYS A 70 -0.30 11.35 -5.28
C CYS A 70 -0.98 12.16 -6.38
N PRO A 71 -0.52 12.00 -7.64
CA PRO A 71 -1.09 12.71 -8.79
C PRO A 71 -2.58 12.44 -8.95
N PRO A 72 -3.24 13.15 -9.89
CA PRO A 72 -4.68 12.98 -10.14
C PRO A 72 -5.02 11.54 -10.51
N LYS A 73 -5.80 10.88 -9.66
CA LYS A 73 -6.20 9.50 -9.91
C LYS A 73 -4.99 8.57 -9.97
N GLN A 74 -4.44 8.24 -8.81
CA GLN A 74 -3.28 7.37 -8.74
C GLN A 74 -3.15 6.74 -7.35
N GLY A 75 -4.28 6.57 -6.68
CA GLY A 75 -4.28 5.99 -5.36
C GLY A 75 -5.43 5.01 -5.14
N LEU A 76 -5.10 3.79 -4.72
CA LEU A 76 -6.12 2.77 -4.49
C LEU A 76 -5.99 2.19 -3.08
N PHE A 77 -7.13 1.83 -2.50
CA PHE A 77 -7.16 1.26 -1.16
C PHE A 77 -7.91 -0.07 -1.14
N ALA A 78 -7.16 -1.16 -1.02
CA ALA A 78 -7.76 -2.49 -0.98
C ALA A 78 -7.23 -3.32 0.17
N SER A 79 -7.76 -4.52 0.34
CA SER A 79 -7.34 -5.41 1.41
C SER A 79 -6.00 -6.05 1.08
N VAL A 80 -5.36 -6.64 2.09
CA VAL A 80 -4.08 -7.31 1.91
C VAL A 80 -4.18 -8.48 0.94
N SER A 81 -5.36 -9.10 0.90
CA SER A 81 -5.59 -10.24 0.02
C SER A 81 -5.37 -9.85 -1.45
N LYS A 82 -5.64 -8.59 -1.76
CA LYS A 82 -5.46 -8.09 -3.12
C LYS A 82 -4.13 -7.38 -3.28
N ILE A 83 -3.11 -7.89 -2.60
CA ILE A 83 -1.77 -7.30 -2.67
C ILE A 83 -0.69 -8.38 -2.73
N SER A 84 0.43 -8.03 -3.34
CA SER A 84 1.54 -8.98 -3.46
C SER A 84 2.89 -8.25 -3.37
N LYS A 85 3.94 -9.00 -3.08
CA LYS A 85 5.27 -8.42 -2.96
C LYS A 85 5.88 -8.18 -4.34
N ALA A 86 6.47 -7.00 -4.52
CA ALA A 86 7.09 -6.64 -5.79
C ALA A 86 8.60 -6.86 -5.75
N VAL A 87 9.01 -7.91 -5.02
CA VAL A 87 10.43 -8.22 -4.90
C VAL A 87 10.64 -9.73 -4.84
N ASP A 88 9.94 -10.39 -3.92
CA ASP A 88 10.04 -11.84 -3.77
C ASP A 88 11.44 -12.23 -3.30
N ALA A 89 12.39 -12.26 -4.25
CA ALA A 89 13.77 -12.62 -3.93
C ALA A 89 14.51 -11.45 -3.31
N SER A 90 14.17 -11.13 -2.07
CA SER A 90 14.81 -10.03 -1.35
C SER A 90 15.76 -10.55 -0.28
N GLY A 91 16.74 -9.72 0.09
CA GLY A 91 17.70 -10.11 1.10
C GLY A 91 18.70 -9.02 1.40
N PRO A 92 19.29 -9.03 2.62
CA PRO A 92 20.28 -8.02 3.01
C PRO A 92 21.41 -7.88 2.00
N SER A 93 21.69 -8.96 1.28
CA SER A 93 22.75 -8.96 0.27
C SER A 93 22.18 -8.67 -1.10
N SER A 94 22.82 -7.74 -1.82
CA SER A 94 22.38 -7.37 -3.16
C SER A 94 23.55 -6.93 -4.02
N GLY A 95 24.28 -5.93 -3.55
CA GLY A 95 25.44 -5.44 -4.29
C GLY A 95 26.68 -6.26 -4.04
N GLY A 1 11.40 -7.07 18.20
CA GLY A 1 11.30 -8.55 18.35
C GLY A 1 10.24 -8.97 19.35
N SER A 2 10.58 -8.91 20.64
CA SER A 2 9.65 -9.30 21.70
C SER A 2 8.96 -8.06 22.27
N SER A 3 7.68 -7.91 21.94
CA SER A 3 6.90 -6.77 22.43
C SER A 3 5.76 -7.24 23.33
N GLY A 4 4.80 -7.95 22.74
CA GLY A 4 3.67 -8.45 23.51
C GLY A 4 2.42 -7.63 23.28
N SER A 5 2.51 -6.32 23.50
CA SER A 5 1.37 -5.43 23.32
C SER A 5 1.83 -4.00 23.08
N SER A 6 2.96 -3.85 22.39
CA SER A 6 3.52 -2.54 22.10
C SER A 6 3.52 -2.28 20.59
N GLY A 7 3.62 -1.00 20.22
CA GLY A 7 3.63 -0.64 18.83
C GLY A 7 2.26 -0.25 18.31
N GLY A 8 2.22 0.44 17.18
CA GLY A 8 0.95 0.85 16.59
C GLY A 8 0.66 0.16 15.28
N ASN A 9 1.68 0.09 14.41
CA ASN A 9 1.52 -0.55 13.11
C ASN A 9 1.82 -2.04 13.21
N LEU A 10 0.82 -2.81 13.62
CA LEU A 10 0.96 -4.26 13.75
C LEU A 10 0.66 -4.97 12.43
N MET A 11 -0.15 -4.33 11.58
CA MET A 11 -0.52 -4.89 10.29
C MET A 11 0.72 -5.22 9.46
N LEU A 12 1.52 -4.19 9.18
CA LEU A 12 2.74 -4.36 8.40
C LEU A 12 3.68 -5.35 9.07
N SER A 13 3.65 -5.38 10.40
CA SER A 13 4.51 -6.28 11.16
C SER A 13 4.07 -7.72 10.99
N ALA A 14 2.77 -7.97 11.11
CA ALA A 14 2.22 -9.31 10.95
C ALA A 14 2.17 -9.73 9.49
N LEU A 15 2.00 -8.74 8.61
CA LEU A 15 1.93 -9.01 7.17
C LEU A 15 3.32 -9.34 6.62
N GLY A 16 4.25 -8.42 6.78
CA GLY A 16 5.59 -8.64 6.28
C GLY A 16 5.97 -7.70 5.16
N LEU A 17 5.79 -6.41 5.38
CA LEU A 17 6.11 -5.40 4.38
C LEU A 17 6.41 -4.06 5.03
N ARG A 18 7.09 -3.18 4.29
CA ARG A 18 7.44 -1.86 4.80
C ARG A 18 6.75 -0.77 3.98
N LEU A 19 6.78 0.46 4.52
CA LEU A 19 6.15 1.58 3.85
C LEU A 19 7.05 2.11 2.73
N GLY A 20 6.45 2.83 1.79
CA GLY A 20 7.22 3.39 0.69
C GLY A 20 7.91 2.32 -0.14
N ASP A 21 7.40 1.10 -0.08
CA ASP A 21 7.97 -0.02 -0.82
C ASP A 21 7.09 -0.37 -2.02
N ARG A 22 7.69 -1.02 -3.02
CA ARG A 22 6.96 -1.41 -4.21
C ARG A 22 6.22 -2.73 -3.98
N VAL A 23 5.02 -2.83 -4.54
CA VAL A 23 4.20 -4.03 -4.40
C VAL A 23 3.65 -4.47 -5.74
N LEU A 24 3.15 -5.71 -5.79
CA LEU A 24 2.59 -6.25 -7.02
C LEU A 24 1.06 -6.33 -6.93
N LEU A 25 0.39 -5.50 -7.71
CA LEU A 25 -1.07 -5.47 -7.72
C LEU A 25 -1.62 -6.40 -8.80
N ASP A 26 -2.59 -7.24 -8.42
CA ASP A 26 -3.20 -8.16 -9.36
C ASP A 26 -2.16 -9.12 -9.95
N GLY A 27 -1.08 -9.33 -9.22
CA GLY A 27 -0.03 -10.22 -9.69
C GLY A 27 0.51 -9.81 -11.05
N GLN A 28 0.59 -8.52 -11.29
CA GLN A 28 1.09 -8.00 -12.55
C GLN A 28 1.43 -6.51 -12.46
N LYS A 29 0.48 -5.73 -11.96
CA LYS A 29 0.66 -4.29 -11.80
C LYS A 29 1.62 -4.00 -10.65
N THR A 30 2.16 -2.79 -10.64
CA THR A 30 3.08 -2.36 -9.58
C THR A 30 2.59 -1.09 -8.89
N GLY A 31 2.81 -1.02 -7.58
CA GLY A 31 2.37 0.15 -6.84
C GLY A 31 3.36 0.54 -5.75
N THR A 32 3.04 1.60 -5.02
CA THR A 32 3.91 2.09 -3.96
C THR A 32 3.15 2.16 -2.63
N LEU A 33 3.50 1.29 -1.70
CA LEU A 33 2.85 1.25 -0.39
C LEU A 33 3.04 2.58 0.34
N ARG A 34 1.95 3.19 0.75
CA ARG A 34 2.00 4.46 1.47
C ARG A 34 1.33 4.34 2.83
N PHE A 35 0.19 3.67 2.87
CA PHE A 35 -0.55 3.48 4.12
C PHE A 35 -0.94 2.03 4.31
N CYS A 36 -1.14 1.63 5.57
CA CYS A 36 -1.51 0.26 5.89
C CYS A 36 -2.23 0.19 7.22
N GLY A 37 -3.24 -0.67 7.31
CA GLY A 37 -4.00 -0.81 8.53
C GLY A 37 -5.50 -0.66 8.33
N THR A 38 -6.16 0.02 9.26
CA THR A 38 -7.60 0.24 9.18
C THR A 38 -7.91 1.52 8.40
N THR A 39 -9.15 1.64 7.95
CA THR A 39 -9.57 2.81 7.19
C THR A 39 -10.84 3.42 7.79
N GLU A 40 -11.18 4.62 7.36
CA GLU A 40 -12.36 5.31 7.86
C GLU A 40 -13.61 4.85 7.12
N PHE A 41 -13.44 4.49 5.85
CA PHE A 41 -14.56 4.03 5.02
C PHE A 41 -14.83 2.54 5.25
N ALA A 42 -13.78 1.80 5.55
CA ALA A 42 -13.89 0.36 5.78
C ALA A 42 -12.99 -0.09 6.92
N SER A 43 -13.58 -0.37 8.08
CA SER A 43 -12.82 -0.82 9.24
C SER A 43 -12.46 -2.30 9.12
N GLY A 44 -11.16 -2.59 9.07
CA GLY A 44 -10.71 -3.95 8.96
C GLY A 44 -9.25 -4.05 8.56
N GLN A 45 -9.00 -4.55 7.35
CA GLN A 45 -7.64 -4.69 6.84
C GLN A 45 -7.51 -4.11 5.44
N TRP A 46 -6.91 -2.93 5.36
CA TRP A 46 -6.72 -2.26 4.07
C TRP A 46 -5.33 -1.66 3.96
N VAL A 47 -4.94 -1.28 2.75
CA VAL A 47 -3.64 -0.69 2.52
C VAL A 47 -3.68 0.31 1.36
N GLY A 48 -3.13 1.50 1.58
CA GLY A 48 -3.12 2.51 0.54
C GLY A 48 -1.90 2.41 -0.37
N VAL A 49 -2.14 2.12 -1.64
CA VAL A 49 -1.06 1.99 -2.61
C VAL A 49 -1.24 2.95 -3.76
N GLU A 50 -0.12 3.38 -4.36
CA GLU A 50 -0.17 4.31 -5.48
C GLU A 50 0.16 3.59 -6.79
N LEU A 51 -0.81 3.56 -7.69
CA LEU A 51 -0.64 2.91 -8.99
C LEU A 51 0.46 3.59 -9.80
N ASP A 52 1.39 2.79 -10.31
CA ASP A 52 2.50 3.32 -11.10
C ASP A 52 2.01 3.88 -12.42
N GLU A 53 0.97 3.25 -12.98
CA GLU A 53 0.41 3.68 -14.25
C GLU A 53 -0.65 4.76 -14.02
N PRO A 54 -0.91 5.60 -15.04
CA PRO A 54 -1.91 6.67 -14.96
C PRO A 54 -3.31 6.14 -14.72
N GLU A 55 -3.59 5.72 -13.49
CA GLU A 55 -4.90 5.19 -13.13
C GLU A 55 -5.12 5.24 -11.62
N GLY A 56 -6.33 5.56 -11.21
CA GLY A 56 -6.65 5.63 -9.79
C GLY A 56 -8.05 6.14 -9.54
N LYS A 57 -8.35 6.45 -8.29
CA LYS A 57 -9.67 6.94 -7.91
C LYS A 57 -9.55 8.20 -7.03
N ASN A 58 -8.67 8.13 -6.03
CA ASN A 58 -8.47 9.25 -5.13
C ASN A 58 -7.09 9.87 -5.32
N ASP A 59 -6.90 11.05 -4.75
CA ASP A 59 -5.62 11.76 -4.87
C ASP A 59 -4.86 11.73 -3.55
N GLY A 60 -4.99 10.62 -2.82
CA GLY A 60 -4.31 10.48 -1.55
C GLY A 60 -5.24 10.69 -0.37
N SER A 61 -6.04 11.75 -0.43
CA SER A 61 -6.98 12.06 0.64
C SER A 61 -8.40 11.68 0.25
N VAL A 62 -9.11 11.02 1.16
CA VAL A 62 -10.48 10.59 0.91
C VAL A 62 -11.38 10.88 2.10
N GLY A 63 -12.54 11.46 1.83
CA GLY A 63 -13.47 11.77 2.89
C GLY A 63 -12.88 12.73 3.91
N GLY A 64 -11.93 13.55 3.48
CA GLY A 64 -11.29 14.49 4.37
C GLY A 64 -9.99 13.98 4.94
N VAL A 65 -9.90 12.66 5.09
CA VAL A 65 -8.69 12.04 5.63
C VAL A 65 -7.55 12.08 4.62
N ARG A 66 -6.32 12.14 5.12
CA ARG A 66 -5.15 12.18 4.26
C ARG A 66 -4.17 11.08 4.62
N TYR A 67 -3.89 10.19 3.67
CA TYR A 67 -2.97 9.08 3.90
C TYR A 67 -1.64 9.34 3.21
N PHE A 68 -1.68 10.03 2.07
CA PHE A 68 -0.48 10.34 1.32
C PHE A 68 -0.79 11.29 0.18
N ILE A 69 0.24 11.61 -0.61
CA ILE A 69 0.08 12.53 -1.73
C ILE A 69 0.39 11.82 -3.06
N CYS A 70 -0.35 12.20 -4.10
CA CYS A 70 -0.15 11.60 -5.42
C CYS A 70 -0.92 12.38 -6.49
N PRO A 71 -0.42 12.37 -7.74
CA PRO A 71 -1.06 13.08 -8.85
C PRO A 71 -2.53 12.73 -8.99
N PRO A 72 -3.26 13.45 -9.86
CA PRO A 72 -4.68 13.22 -10.09
C PRO A 72 -4.98 11.75 -10.41
N LYS A 73 -5.76 11.11 -9.55
CA LYS A 73 -6.13 9.71 -9.74
C LYS A 73 -4.88 8.83 -9.77
N GLN A 74 -4.62 8.14 -8.67
CA GLN A 74 -3.47 7.25 -8.57
C GLN A 74 -3.51 6.44 -7.28
N GLY A 75 -3.90 7.09 -6.18
CA GLY A 75 -3.98 6.41 -4.90
C GLY A 75 -5.10 5.39 -4.85
N LEU A 76 -4.73 4.12 -4.98
CA LEU A 76 -5.72 3.04 -4.96
C LEU A 76 -5.67 2.29 -3.63
N PHE A 77 -6.83 2.16 -2.99
CA PHE A 77 -6.93 1.47 -1.71
C PHE A 77 -7.52 0.07 -1.89
N ALA A 78 -6.78 -0.94 -1.46
CA ALA A 78 -7.22 -2.32 -1.57
C ALA A 78 -6.83 -3.12 -0.34
N SER A 79 -7.19 -4.41 -0.33
CA SER A 79 -6.88 -5.29 0.78
C SER A 79 -5.59 -6.06 0.52
N VAL A 80 -4.84 -6.32 1.59
CA VAL A 80 -3.58 -7.04 1.48
C VAL A 80 -3.79 -8.41 0.83
N SER A 81 -4.97 -8.98 1.05
CA SER A 81 -5.29 -10.30 0.48
C SER A 81 -5.21 -10.27 -1.04
N LYS A 82 -5.50 -9.11 -1.63
CA LYS A 82 -5.47 -8.96 -3.08
C LYS A 82 -4.19 -8.25 -3.51
N ILE A 83 -3.11 -8.47 -2.79
CA ILE A 83 -1.82 -7.86 -3.11
C ILE A 83 -0.67 -8.79 -2.76
N SER A 84 0.39 -8.74 -3.57
CA SER A 84 1.56 -9.58 -3.35
C SER A 84 2.81 -8.73 -3.18
N LYS A 85 3.92 -9.37 -2.83
CA LYS A 85 5.19 -8.67 -2.63
C LYS A 85 5.95 -8.57 -3.95
N ALA A 86 6.29 -7.34 -4.34
CA ALA A 86 7.02 -7.11 -5.58
C ALA A 86 8.49 -7.51 -5.42
N VAL A 87 9.16 -7.77 -6.55
CA VAL A 87 10.55 -8.15 -6.53
C VAL A 87 11.46 -6.97 -6.21
N ASP A 88 12.00 -6.95 -5.00
CA ASP A 88 12.88 -5.87 -4.57
C ASP A 88 14.28 -6.40 -4.27
N ALA A 89 15.26 -5.94 -5.04
CA ALA A 89 16.64 -6.36 -4.86
C ALA A 89 17.40 -5.39 -3.96
N SER A 90 17.38 -4.11 -4.33
CA SER A 90 18.06 -3.09 -3.55
C SER A 90 17.71 -1.69 -4.07
N GLY A 91 16.47 -1.52 -4.52
CA GLY A 91 16.03 -0.24 -5.03
C GLY A 91 16.50 0.00 -6.46
N PRO A 92 15.68 -0.36 -7.45
CA PRO A 92 16.02 -0.17 -8.87
C PRO A 92 16.05 1.30 -9.27
N SER A 93 17.25 1.83 -9.48
CA SER A 93 17.42 3.22 -9.86
C SER A 93 18.47 3.36 -10.96
N SER A 94 18.17 4.18 -11.97
CA SER A 94 19.08 4.40 -13.08
C SER A 94 19.88 5.68 -12.87
N GLY A 95 20.73 6.00 -13.84
CA GLY A 95 21.54 7.21 -13.75
C GLY A 95 20.72 8.47 -13.96
N GLY A 1 2.38 -7.43 26.06
CA GLY A 1 2.71 -5.98 26.04
C GLY A 1 3.69 -5.63 24.93
N SER A 2 3.74 -4.35 24.58
CA SER A 2 4.63 -3.88 23.53
C SER A 2 4.34 -4.58 22.21
N SER A 3 5.14 -4.28 21.19
CA SER A 3 4.97 -4.89 19.88
C SER A 3 5.66 -6.26 19.82
N GLY A 4 6.95 -6.28 20.14
CA GLY A 4 7.71 -7.52 20.11
C GLY A 4 9.20 -7.28 19.97
N SER A 5 9.60 -6.62 18.89
CA SER A 5 11.01 -6.33 18.64
C SER A 5 11.27 -4.84 18.66
N SER A 6 10.58 -4.11 17.78
CA SER A 6 10.74 -2.66 17.70
C SER A 6 9.38 -1.97 17.64
N GLY A 7 8.60 -2.30 16.61
CA GLY A 7 7.29 -1.70 16.45
C GLY A 7 6.90 -1.54 14.99
N GLY A 8 6.40 -0.36 14.65
CA GLY A 8 5.99 -0.10 13.28
C GLY A 8 4.53 -0.41 13.04
N ASN A 9 4.27 -1.34 12.12
CA ASN A 9 2.91 -1.73 11.79
C ASN A 9 2.61 -3.14 12.28
N LEU A 10 1.33 -3.48 12.38
CA LEU A 10 0.92 -4.80 12.85
C LEU A 10 0.79 -5.77 11.67
N MET A 11 0.24 -5.27 10.57
CA MET A 11 0.04 -6.09 9.37
C MET A 11 1.37 -6.32 8.65
N LEU A 12 2.13 -5.24 8.46
CA LEU A 12 3.41 -5.32 7.78
C LEU A 12 4.37 -6.23 8.53
N SER A 13 4.23 -6.26 9.86
CA SER A 13 5.09 -7.09 10.69
C SER A 13 4.96 -8.57 10.32
N ALA A 14 3.78 -8.95 9.86
CA ALA A 14 3.52 -10.33 9.46
C ALA A 14 3.95 -10.59 8.03
N LEU A 15 3.70 -9.61 7.16
CA LEU A 15 4.07 -9.73 5.75
C LEU A 15 5.58 -9.68 5.57
N GLY A 16 6.26 -8.96 6.46
CA GLY A 16 7.70 -8.84 6.38
C GLY A 16 8.14 -7.75 5.44
N LEU A 17 7.30 -6.74 5.27
CA LEU A 17 7.61 -5.61 4.38
C LEU A 17 7.55 -4.29 5.13
N ARG A 18 8.12 -3.24 4.52
CA ARG A 18 8.13 -1.92 5.13
C ARG A 18 7.53 -0.89 4.19
N LEU A 19 6.90 0.13 4.77
CA LEU A 19 6.28 1.19 3.97
C LEU A 19 7.31 1.87 3.07
N GLY A 20 6.85 2.40 1.94
CA GLY A 20 7.73 3.06 1.01
C GLY A 20 8.12 2.18 -0.16
N ASP A 21 8.13 0.87 0.07
CA ASP A 21 8.49 -0.08 -0.97
C ASP A 21 7.32 -0.30 -1.93
N ARG A 22 7.57 -1.00 -3.03
CA ARG A 22 6.55 -1.27 -4.03
C ARG A 22 5.86 -2.60 -3.75
N VAL A 23 4.68 -2.78 -4.32
CA VAL A 23 3.92 -4.01 -4.13
C VAL A 23 3.36 -4.52 -5.45
N LEU A 24 3.01 -5.81 -5.48
CA LEU A 24 2.47 -6.42 -6.69
C LEU A 24 0.94 -6.43 -6.65
N LEU A 25 0.33 -5.79 -7.65
CA LEU A 25 -1.12 -5.72 -7.73
C LEU A 25 -1.66 -6.64 -8.82
N ASP A 26 -2.38 -7.67 -8.40
CA ASP A 26 -2.96 -8.64 -9.33
C ASP A 26 -1.89 -9.27 -10.21
N GLY A 27 -0.65 -9.27 -9.72
CA GLY A 27 0.45 -9.85 -10.47
C GLY A 27 0.56 -9.26 -11.87
N GLN A 28 0.38 -7.95 -11.98
CA GLN A 28 0.47 -7.27 -13.27
C GLN A 28 0.83 -5.80 -13.08
N LYS A 29 0.11 -5.13 -12.18
CA LYS A 29 0.35 -3.72 -11.91
C LYS A 29 1.24 -3.55 -10.68
N THR A 30 2.13 -2.55 -10.73
CA THR A 30 3.04 -2.28 -9.63
C THR A 30 2.72 -0.95 -8.98
N GLY A 31 2.67 -0.93 -7.65
CA GLY A 31 2.37 0.29 -6.93
C GLY A 31 3.34 0.54 -5.79
N THR A 32 3.07 1.58 -5.00
CA THR A 32 3.92 1.92 -3.86
C THR A 32 3.12 1.96 -2.57
N LEU A 33 3.54 1.16 -1.59
CA LEU A 33 2.85 1.10 -0.30
C LEU A 33 3.04 2.41 0.46
N ARG A 34 1.92 3.03 0.84
CA ARG A 34 1.95 4.28 1.58
C ARG A 34 1.42 4.09 2.99
N PHE A 35 0.17 3.65 3.09
CA PHE A 35 -0.46 3.43 4.39
C PHE A 35 -0.81 1.96 4.58
N CYS A 36 -0.97 1.55 5.84
CA CYS A 36 -1.31 0.17 6.15
C CYS A 36 -2.04 0.08 7.50
N GLY A 37 -2.93 -0.90 7.61
CA GLY A 37 -3.69 -1.07 8.84
C GLY A 37 -5.18 -1.01 8.62
N THR A 38 -5.90 -0.47 9.61
CA THR A 38 -7.35 -0.35 9.51
C THR A 38 -7.76 1.09 9.28
N THR A 39 -8.78 1.29 8.44
CA THR A 39 -9.27 2.62 8.14
C THR A 39 -10.26 3.10 9.20
N GLU A 40 -10.80 4.30 8.99
CA GLU A 40 -11.75 4.87 9.93
C GLU A 40 -13.17 4.80 9.38
N PHE A 41 -13.31 5.09 8.08
CA PHE A 41 -14.61 5.06 7.43
C PHE A 41 -15.15 3.63 7.34
N ALA A 42 -14.23 2.68 7.22
CA ALA A 42 -14.62 1.27 7.13
C ALA A 42 -13.81 0.41 8.09
N SER A 43 -13.98 -0.90 8.00
CA SER A 43 -13.26 -1.83 8.86
C SER A 43 -12.58 -2.92 8.04
N GLY A 44 -11.38 -3.33 8.47
CA GLY A 44 -10.65 -4.35 7.77
C GLY A 44 -9.22 -3.94 7.49
N GLN A 45 -8.40 -4.90 7.04
CA GLN A 45 -7.00 -4.63 6.74
C GLN A 45 -6.86 -3.95 5.37
N TRP A 46 -6.66 -2.63 5.40
CA TRP A 46 -6.51 -1.87 4.17
C TRP A 46 -5.07 -1.38 4.00
N VAL A 47 -4.67 -1.17 2.75
CA VAL A 47 -3.31 -0.70 2.46
C VAL A 47 -3.32 0.26 1.28
N GLY A 48 -2.71 1.43 1.50
CA GLY A 48 -2.65 2.44 0.44
C GLY A 48 -1.55 2.16 -0.56
N VAL A 49 -1.92 2.02 -1.82
CA VAL A 49 -0.95 1.75 -2.88
C VAL A 49 -0.98 2.84 -3.94
N GLU A 50 0.20 3.33 -4.31
CA GLU A 50 0.32 4.38 -5.31
C GLU A 50 0.60 3.79 -6.69
N LEU A 51 -0.35 3.95 -7.60
CA LEU A 51 -0.19 3.43 -8.96
C LEU A 51 1.01 4.06 -9.65
N ASP A 52 2.00 3.23 -9.97
CA ASP A 52 3.20 3.70 -10.64
C ASP A 52 2.87 4.32 -11.99
N GLU A 53 1.82 3.82 -12.63
CA GLU A 53 1.40 4.31 -13.92
C GLU A 53 0.30 5.37 -13.77
N PRO A 54 0.08 6.19 -14.82
CA PRO A 54 -0.95 7.24 -14.79
C PRO A 54 -2.36 6.67 -14.82
N GLU A 55 -2.87 6.29 -13.66
CA GLU A 55 -4.21 5.73 -13.55
C GLU A 55 -4.73 5.83 -12.13
N GLY A 56 -6.00 5.46 -11.94
CA GLY A 56 -6.60 5.53 -10.62
C GLY A 56 -7.74 6.52 -10.54
N LYS A 57 -8.38 6.60 -9.37
CA LYS A 57 -9.48 7.52 -9.17
C LYS A 57 -9.40 8.18 -7.79
N ASN A 58 -8.18 8.35 -7.30
CA ASN A 58 -7.96 8.97 -6.00
C ASN A 58 -6.70 9.82 -5.99
N ASP A 59 -6.53 10.62 -4.95
CA ASP A 59 -5.36 11.49 -4.83
C ASP A 59 -4.68 11.32 -3.47
N GLY A 60 -4.86 10.15 -2.87
CA GLY A 60 -4.26 9.89 -1.57
C GLY A 60 -5.20 10.18 -0.42
N SER A 61 -6.17 11.06 -0.66
CA SER A 61 -7.14 11.43 0.37
C SER A 61 -8.55 10.99 -0.03
N VAL A 62 -9.31 10.52 0.96
CA VAL A 62 -10.67 10.07 0.72
C VAL A 62 -11.66 10.82 1.60
N GLY A 63 -12.52 11.62 0.97
CA GLY A 63 -13.50 12.39 1.72
C GLY A 63 -12.86 13.40 2.65
N GLY A 64 -12.60 12.98 3.89
CA GLY A 64 -11.98 13.88 4.85
C GLY A 64 -10.77 13.26 5.52
N VAL A 65 -10.16 12.28 4.86
CA VAL A 65 -8.98 11.61 5.40
C VAL A 65 -7.85 11.59 4.39
N ARG A 66 -6.66 12.02 4.82
CA ARG A 66 -5.50 12.05 3.94
C ARG A 66 -4.47 11.02 4.38
N TYR A 67 -3.93 10.28 3.42
CA TYR A 67 -2.93 9.25 3.70
C TYR A 67 -1.59 9.61 3.05
N PHE A 68 -1.65 10.09 1.82
CA PHE A 68 -0.45 10.47 1.08
C PHE A 68 -0.79 11.43 -0.05
N ILE A 69 0.23 11.82 -0.82
CA ILE A 69 0.04 12.73 -1.95
C ILE A 69 0.59 12.13 -3.24
N CYS A 70 -0.10 12.39 -4.34
CA CYS A 70 0.32 11.89 -5.64
C CYS A 70 -0.34 12.67 -6.77
N PRO A 71 0.22 12.60 -7.99
CA PRO A 71 -0.31 13.31 -9.15
C PRO A 71 -1.79 13.01 -9.37
N PRO A 72 -2.43 13.74 -10.32
CA PRO A 72 -3.85 13.54 -10.62
C PRO A 72 -4.19 12.09 -10.90
N LYS A 73 -4.86 11.44 -9.95
CA LYS A 73 -5.25 10.04 -10.10
C LYS A 73 -4.02 9.15 -10.28
N GLN A 74 -3.41 8.77 -9.16
CA GLN A 74 -2.23 7.92 -9.19
C GLN A 74 -2.11 7.10 -7.90
N GLY A 75 -3.25 6.81 -7.29
CA GLY A 75 -3.25 6.04 -6.06
C GLY A 75 -4.59 5.38 -5.79
N LEU A 76 -4.56 4.23 -5.14
CA LEU A 76 -5.78 3.49 -4.81
C LEU A 76 -5.61 2.68 -3.54
N PHE A 77 -6.71 2.48 -2.81
CA PHE A 77 -6.67 1.73 -1.57
C PHE A 77 -7.32 0.36 -1.76
N ALA A 78 -6.56 -0.69 -1.44
CA ALA A 78 -7.06 -2.05 -1.58
C ALA A 78 -6.77 -2.88 -0.32
N SER A 79 -7.18 -4.13 -0.33
CA SER A 79 -6.96 -5.03 0.80
C SER A 79 -5.74 -5.91 0.57
N VAL A 80 -5.20 -6.45 1.66
CA VAL A 80 -4.03 -7.32 1.58
C VAL A 80 -4.30 -8.52 0.67
N SER A 81 -5.54 -9.00 0.71
CA SER A 81 -5.92 -10.16 -0.11
C SER A 81 -5.91 -9.80 -1.60
N LYS A 82 -6.11 -8.53 -1.91
CA LYS A 82 -6.12 -8.07 -3.28
C LYS A 82 -4.75 -7.51 -3.69
N ILE A 83 -3.70 -7.93 -2.98
CA ILE A 83 -2.35 -7.47 -3.26
C ILE A 83 -1.32 -8.52 -2.88
N SER A 84 -0.15 -8.46 -3.51
CA SER A 84 0.92 -9.41 -3.24
C SER A 84 2.26 -8.70 -3.09
N LYS A 85 3.08 -9.16 -2.15
CA LYS A 85 4.39 -8.57 -1.91
C LYS A 85 5.26 -8.65 -3.15
N ALA A 86 5.73 -7.50 -3.61
CA ALA A 86 6.58 -7.45 -4.80
C ALA A 86 8.04 -7.70 -4.44
N VAL A 87 8.47 -8.94 -4.60
CA VAL A 87 9.85 -9.32 -4.30
C VAL A 87 10.83 -8.63 -5.24
N ASP A 88 11.37 -7.49 -4.80
CA ASP A 88 12.32 -6.73 -5.59
C ASP A 88 13.51 -6.29 -4.75
N ALA A 89 13.22 -5.74 -3.57
CA ALA A 89 14.25 -5.28 -2.66
C ALA A 89 14.37 -6.18 -1.45
N SER A 90 15.22 -7.20 -1.56
CA SER A 90 15.43 -8.14 -0.46
C SER A 90 16.07 -7.46 0.74
N GLY A 91 17.15 -6.72 0.48
CA GLY A 91 17.84 -6.03 1.55
C GLY A 91 18.75 -4.92 1.03
N PRO A 92 19.50 -4.25 1.93
CA PRO A 92 20.42 -3.17 1.54
C PRO A 92 21.37 -3.59 0.43
N SER A 93 21.78 -4.85 0.46
CA SER A 93 22.70 -5.38 -0.55
C SER A 93 22.68 -6.91 -0.55
N SER A 94 22.64 -7.49 -1.75
CA SER A 94 22.62 -8.94 -1.89
C SER A 94 23.82 -9.43 -2.69
N GLY A 95 24.88 -9.81 -1.98
CA GLY A 95 26.09 -10.28 -2.65
C GLY A 95 27.35 -9.76 -2.01
N GLY A 1 8.49 14.03 16.86
CA GLY A 1 8.78 13.41 18.18
C GLY A 1 7.56 12.75 18.80
N SER A 2 6.38 13.24 18.44
CA SER A 2 5.13 12.68 18.95
C SER A 2 4.13 12.44 17.81
N SER A 3 3.26 11.45 18.01
CA SER A 3 2.25 11.12 17.00
C SER A 3 1.18 10.22 17.58
N GLY A 4 -0.07 10.55 17.31
CA GLY A 4 -1.18 9.76 17.82
C GLY A 4 -1.88 8.96 16.73
N SER A 5 -1.14 8.65 15.67
CA SER A 5 -1.70 7.89 14.56
C SER A 5 -0.59 7.28 13.70
N SER A 6 0.54 6.98 14.33
CA SER A 6 1.68 6.40 13.62
C SER A 6 2.84 6.15 14.59
N GLY A 7 2.69 5.14 15.44
CA GLY A 7 3.73 4.82 16.40
C GLY A 7 4.40 3.50 16.10
N GLY A 8 3.62 2.53 15.64
CA GLY A 8 4.16 1.22 15.32
C GLY A 8 3.49 0.58 14.13
N ASN A 9 3.93 -0.61 13.76
CA ASN A 9 3.36 -1.33 12.63
C ASN A 9 3.10 -2.79 12.98
N LEU A 10 1.83 -3.13 13.15
CA LEU A 10 1.44 -4.50 13.50
C LEU A 10 0.99 -5.26 12.26
N MET A 11 0.13 -4.64 11.47
CA MET A 11 -0.38 -5.27 10.25
C MET A 11 0.75 -5.58 9.28
N LEU A 12 1.69 -4.64 9.15
CA LEU A 12 2.82 -4.81 8.26
C LEU A 12 3.83 -5.81 8.84
N SER A 13 3.99 -5.77 10.16
CA SER A 13 4.92 -6.67 10.85
C SER A 13 4.47 -8.12 10.70
N ALA A 14 3.16 -8.34 10.79
CA ALA A 14 2.60 -9.67 10.68
C ALA A 14 2.85 -10.26 9.28
N LEU A 15 2.49 -9.49 8.26
CA LEU A 15 2.66 -9.92 6.88
C LEU A 15 4.14 -10.10 6.55
N GLY A 16 4.87 -8.99 6.53
CA GLY A 16 6.29 -9.05 6.22
C GLY A 16 6.70 -8.03 5.18
N LEU A 17 6.19 -6.80 5.33
CA LEU A 17 6.51 -5.73 4.39
C LEU A 17 6.73 -4.42 5.13
N ARG A 18 7.52 -3.53 4.53
CA ARG A 18 7.82 -2.23 5.13
C ARG A 18 7.24 -1.09 4.29
N LEU A 19 6.87 -0.01 4.94
CA LEU A 19 6.30 1.15 4.27
C LEU A 19 7.27 1.70 3.22
N GLY A 20 6.78 2.58 2.37
CA GLY A 20 7.62 3.17 1.34
C GLY A 20 8.19 2.12 0.39
N ASP A 21 7.58 0.94 0.37
CA ASP A 21 8.03 -0.13 -0.50
C ASP A 21 7.06 -0.35 -1.65
N ARG A 22 7.50 -1.12 -2.65
CA ARG A 22 6.67 -1.41 -3.81
C ARG A 22 5.95 -2.74 -3.65
N VAL A 23 4.82 -2.89 -4.34
CA VAL A 23 4.03 -4.11 -4.28
C VAL A 23 3.52 -4.50 -5.66
N LEU A 24 2.98 -5.72 -5.75
CA LEU A 24 2.46 -6.22 -7.02
C LEU A 24 0.94 -6.33 -6.97
N LEU A 25 0.26 -5.52 -7.78
CA LEU A 25 -1.19 -5.53 -7.82
C LEU A 25 -1.70 -6.51 -8.89
N ASP A 26 -2.52 -7.45 -8.46
CA ASP A 26 -3.08 -8.45 -9.37
C ASP A 26 -1.96 -9.29 -10.00
N GLY A 27 -0.85 -9.43 -9.30
CA GLY A 27 0.26 -10.20 -9.81
C GLY A 27 0.76 -9.68 -11.15
N GLN A 28 0.55 -8.40 -11.40
CA GLN A 28 0.98 -7.79 -12.65
C GLN A 28 1.28 -6.31 -12.47
N LYS A 29 0.24 -5.54 -12.13
CA LYS A 29 0.39 -4.10 -11.93
C LYS A 29 1.36 -3.82 -10.79
N THR A 30 2.01 -2.65 -10.85
CA THR A 30 2.96 -2.26 -9.82
C THR A 30 2.46 -1.05 -9.05
N GLY A 31 2.53 -1.12 -7.72
CA GLY A 31 2.07 -0.02 -6.90
C GLY A 31 2.97 0.21 -5.69
N THR A 32 2.95 1.43 -5.17
CA THR A 32 3.77 1.78 -4.01
C THR A 32 2.91 1.89 -2.75
N LEU A 33 3.33 1.19 -1.70
CA LEU A 33 2.60 1.21 -0.44
C LEU A 33 2.87 2.50 0.33
N ARG A 34 1.87 2.96 1.07
CA ARG A 34 1.99 4.19 1.85
C ARG A 34 1.27 4.05 3.19
N PHE A 35 0.05 3.55 3.15
CA PHE A 35 -0.74 3.37 4.37
C PHE A 35 -0.98 1.90 4.66
N CYS A 36 -1.11 1.56 5.93
CA CYS A 36 -1.34 0.18 6.34
C CYS A 36 -2.30 0.11 7.52
N GLY A 37 -3.15 -0.91 7.53
CA GLY A 37 -4.12 -1.07 8.61
C GLY A 37 -5.54 -0.85 8.15
N THR A 38 -6.49 -1.01 9.07
CA THR A 38 -7.90 -0.83 8.75
C THR A 38 -8.17 0.57 8.23
N THR A 39 -9.32 0.74 7.58
CA THR A 39 -9.69 2.04 7.03
C THR A 39 -10.77 2.69 7.88
N GLU A 40 -11.21 3.88 7.45
CA GLU A 40 -12.25 4.61 8.18
C GLU A 40 -13.60 4.44 7.51
N PHE A 41 -13.59 4.21 6.20
CA PHE A 41 -14.83 4.04 5.44
C PHE A 41 -14.93 2.62 4.89
N ALA A 42 -14.49 1.65 5.69
CA ALA A 42 -14.54 0.24 5.29
C ALA A 42 -14.10 -0.66 6.43
N SER A 43 -14.48 -1.94 6.33
CA SER A 43 -14.12 -2.92 7.35
C SER A 43 -12.99 -3.83 6.87
N GLY A 44 -12.19 -4.31 7.81
CA GLY A 44 -11.07 -5.19 7.46
C GLY A 44 -9.77 -4.43 7.30
N GLN A 45 -8.69 -5.16 7.01
CA GLN A 45 -7.39 -4.55 6.84
C GLN A 45 -7.22 -4.00 5.42
N TRP A 46 -6.77 -2.75 5.34
CA TRP A 46 -6.57 -2.10 4.05
C TRP A 46 -5.18 -1.50 3.95
N VAL A 47 -4.74 -1.21 2.73
CA VAL A 47 -3.42 -0.63 2.51
C VAL A 47 -3.43 0.32 1.30
N GLY A 48 -2.90 1.52 1.51
CA GLY A 48 -2.86 2.50 0.42
C GLY A 48 -1.76 2.20 -0.58
N VAL A 49 -2.14 2.05 -1.84
CA VAL A 49 -1.19 1.76 -2.90
C VAL A 49 -1.26 2.82 -4.00
N GLU A 50 -0.11 3.13 -4.59
CA GLU A 50 -0.05 4.13 -5.65
C GLU A 50 0.32 3.47 -6.98
N LEU A 51 -0.63 3.42 -7.90
CA LEU A 51 -0.41 2.82 -9.20
C LEU A 51 0.71 3.54 -9.95
N ASP A 52 1.50 2.78 -10.70
CA ASP A 52 2.60 3.34 -11.46
C ASP A 52 2.10 3.97 -12.76
N GLU A 53 1.36 3.20 -13.54
CA GLU A 53 0.81 3.69 -14.80
C GLU A 53 -0.35 4.64 -14.57
N PRO A 54 -0.64 5.51 -15.53
CA PRO A 54 -1.74 6.49 -15.43
C PRO A 54 -3.09 5.81 -15.24
N GLU A 55 -3.38 5.42 -14.00
CA GLU A 55 -4.64 4.76 -13.68
C GLU A 55 -5.05 5.02 -12.24
N GLY A 56 -6.33 5.27 -12.03
CA GLY A 56 -6.82 5.53 -10.69
C GLY A 56 -8.01 6.48 -10.68
N LYS A 57 -8.63 6.63 -9.51
CA LYS A 57 -9.80 7.50 -9.37
C LYS A 57 -9.76 8.25 -8.04
N ASN A 58 -8.55 8.54 -7.56
CA ASN A 58 -8.37 9.25 -6.30
C ASN A 58 -7.00 9.90 -6.23
N ASP A 59 -6.84 10.85 -5.30
CA ASP A 59 -5.57 11.53 -5.13
C ASP A 59 -4.86 11.07 -3.87
N GLY A 60 -5.04 9.80 -3.53
CA GLY A 60 -4.41 9.25 -2.34
C GLY A 60 -4.93 9.88 -1.06
N SER A 61 -6.18 10.33 -1.10
CA SER A 61 -6.79 10.96 0.07
C SER A 61 -8.32 10.90 -0.02
N VAL A 62 -8.98 11.06 1.12
CA VAL A 62 -10.44 11.02 1.18
C VAL A 62 -10.99 12.21 1.94
N GLY A 63 -12.24 12.55 1.66
CA GLY A 63 -12.87 13.67 2.33
C GLY A 63 -12.92 13.50 3.84
N GLY A 64 -11.89 13.99 4.52
CA GLY A 64 -11.83 13.89 5.96
C GLY A 64 -10.53 13.27 6.44
N VAL A 65 -9.94 12.42 5.61
CA VAL A 65 -8.68 11.76 5.97
C VAL A 65 -7.72 11.74 4.78
N ARG A 66 -6.48 12.16 5.02
CA ARG A 66 -5.47 12.19 3.98
C ARG A 66 -4.44 11.09 4.19
N TYR A 67 -4.41 10.12 3.28
CA TYR A 67 -3.46 9.02 3.37
C TYR A 67 -2.12 9.38 2.76
N PHE A 68 -2.17 10.04 1.60
CA PHE A 68 -0.95 10.46 0.91
C PHE A 68 -1.28 11.41 -0.24
N ILE A 69 -0.24 11.89 -0.92
CA ILE A 69 -0.41 12.79 -2.04
C ILE A 69 0.15 12.20 -3.33
N CYS A 70 -0.56 12.41 -4.43
CA CYS A 70 -0.13 11.89 -5.72
C CYS A 70 -0.86 12.60 -6.87
N PRO A 71 -0.31 12.52 -8.09
CA PRO A 71 -0.92 13.15 -9.27
C PRO A 71 -2.39 12.77 -9.43
N PRO A 72 -3.12 13.48 -10.32
CA PRO A 72 -4.54 13.20 -10.57
C PRO A 72 -4.77 11.78 -11.09
N LYS A 73 -5.61 11.03 -10.38
CA LYS A 73 -5.92 9.66 -10.77
C LYS A 73 -4.65 8.79 -10.75
N GLN A 74 -4.37 8.21 -9.59
CA GLN A 74 -3.19 7.36 -9.43
C GLN A 74 -3.27 6.54 -8.15
N GLY A 75 -3.69 7.19 -7.07
CA GLY A 75 -3.81 6.50 -5.80
C GLY A 75 -4.97 5.52 -5.77
N LEU A 76 -4.70 4.32 -5.24
CA LEU A 76 -5.73 3.29 -5.15
C LEU A 76 -5.62 2.52 -3.84
N PHE A 77 -6.76 2.31 -3.19
CA PHE A 77 -6.79 1.58 -1.92
C PHE A 77 -7.26 0.15 -2.13
N ALA A 78 -6.64 -0.78 -1.40
CA ALA A 78 -6.98 -2.19 -1.50
C ALA A 78 -6.52 -2.96 -0.27
N SER A 79 -6.86 -4.25 -0.23
CA SER A 79 -6.48 -5.10 0.90
C SER A 79 -5.26 -5.94 0.55
N VAL A 80 -4.55 -6.38 1.57
CA VAL A 80 -3.35 -7.20 1.38
C VAL A 80 -3.66 -8.46 0.58
N SER A 81 -4.90 -8.93 0.67
CA SER A 81 -5.32 -10.13 -0.05
C SER A 81 -5.22 -9.92 -1.56
N LYS A 82 -5.41 -8.67 -2.00
CA LYS A 82 -5.33 -8.35 -3.42
C LYS A 82 -4.04 -7.59 -3.73
N ILE A 83 -3.00 -7.83 -2.94
CA ILE A 83 -1.72 -7.17 -3.15
C ILE A 83 -0.57 -8.07 -2.72
N SER A 84 0.50 -8.08 -3.51
CA SER A 84 1.67 -8.90 -3.20
C SER A 84 2.84 -8.04 -2.75
N LYS A 85 3.94 -8.68 -2.39
CA LYS A 85 5.13 -7.97 -1.94
C LYS A 85 6.11 -7.73 -3.09
N ALA A 86 5.56 -7.31 -4.23
CA ALA A 86 6.39 -7.05 -5.41
C ALA A 86 7.15 -8.30 -5.83
N VAL A 87 7.79 -8.23 -7.00
CA VAL A 87 8.56 -9.34 -7.52
C VAL A 87 9.93 -9.42 -6.87
N ASP A 88 10.03 -10.15 -5.77
CA ASP A 88 11.29 -10.30 -5.05
C ASP A 88 11.66 -11.77 -4.89
N ALA A 89 12.76 -12.03 -4.20
CA ALA A 89 13.22 -13.39 -3.96
C ALA A 89 12.39 -14.06 -2.87
N SER A 90 11.19 -14.51 -3.23
CA SER A 90 10.30 -15.17 -2.28
C SER A 90 10.58 -16.67 -2.24
N GLY A 91 10.81 -17.18 -1.04
CA GLY A 91 11.09 -18.59 -0.87
C GLY A 91 9.94 -19.34 -0.23
N PRO A 92 9.02 -19.90 -1.04
CA PRO A 92 7.87 -20.64 -0.53
C PRO A 92 8.27 -21.97 0.12
N SER A 93 7.79 -22.20 1.33
CA SER A 93 8.10 -23.43 2.05
C SER A 93 6.97 -24.43 1.93
N SER A 94 6.32 -24.45 0.76
CA SER A 94 5.22 -25.36 0.51
C SER A 94 5.71 -26.60 -0.22
N GLY A 95 6.74 -26.44 -1.04
CA GLY A 95 7.28 -27.57 -1.78
C GLY A 95 6.96 -27.48 -3.27
N GLY A 1 15.01 -9.93 27.77
CA GLY A 1 15.66 -9.60 26.48
C GLY A 1 15.22 -8.26 25.92
N SER A 2 15.06 -8.17 24.61
CA SER A 2 14.64 -6.94 23.96
C SER A 2 13.16 -6.99 23.60
N SER A 3 12.47 -5.87 23.74
CA SER A 3 11.06 -5.79 23.43
C SER A 3 10.58 -4.34 23.39
N GLY A 4 9.32 -4.13 23.05
CA GLY A 4 8.76 -2.80 22.99
C GLY A 4 7.34 -2.78 22.47
N SER A 5 6.60 -1.72 22.81
CA SER A 5 5.22 -1.58 22.37
C SER A 5 5.01 -0.26 21.66
N SER A 6 4.75 -0.33 20.35
CA SER A 6 4.52 0.86 19.54
C SER A 6 3.43 0.62 18.50
N GLY A 7 3.06 1.67 17.78
CA GLY A 7 2.04 1.55 16.76
C GLY A 7 2.55 1.93 15.38
N GLY A 8 3.84 1.72 15.15
CA GLY A 8 4.43 2.05 13.87
C GLY A 8 3.94 1.14 12.75
N ASN A 9 3.79 -0.15 13.06
CA ASN A 9 3.32 -1.12 12.08
C ASN A 9 2.51 -2.22 12.76
N LEU A 10 1.25 -2.35 12.37
CA LEU A 10 0.37 -3.37 12.94
C LEU A 10 0.44 -4.66 12.11
N MET A 11 0.00 -4.58 10.86
CA MET A 11 0.01 -5.73 9.98
C MET A 11 1.29 -5.77 9.15
N LEU A 12 1.86 -4.61 8.89
CA LEU A 12 3.10 -4.52 8.11
C LEU A 12 4.21 -5.31 8.77
N SER A 13 4.18 -5.39 10.10
CA SER A 13 5.19 -6.12 10.86
C SER A 13 4.91 -7.62 10.81
N ALA A 14 3.64 -7.99 10.73
CA ALA A 14 3.25 -9.39 10.68
C ALA A 14 3.40 -9.95 9.27
N LEU A 15 2.92 -9.21 8.29
CA LEU A 15 2.99 -9.63 6.89
C LEU A 15 4.43 -9.80 6.46
N GLY A 16 5.19 -8.71 6.46
CA GLY A 16 6.59 -8.75 6.07
C GLY A 16 6.93 -7.72 5.03
N LEU A 17 6.41 -6.49 5.22
CA LEU A 17 6.67 -5.41 4.28
C LEU A 17 6.53 -4.05 4.97
N ARG A 18 7.30 -3.07 4.51
CA ARG A 18 7.26 -1.74 5.09
C ARG A 18 6.75 -0.72 4.07
N LEU A 19 6.43 0.48 4.55
CA LEU A 19 5.93 1.54 3.67
C LEU A 19 7.06 2.14 2.86
N GLY A 20 6.73 2.60 1.65
CA GLY A 20 7.74 3.19 0.78
C GLY A 20 8.16 2.27 -0.35
N ASP A 21 8.16 0.98 -0.07
CA ASP A 21 8.56 -0.01 -1.08
C ASP A 21 7.42 -0.26 -2.06
N ARG A 22 7.73 -0.92 -3.17
CA ARG A 22 6.74 -1.22 -4.19
C ARG A 22 5.99 -2.50 -3.87
N VAL A 23 4.80 -2.66 -4.44
CA VAL A 23 3.98 -3.84 -4.21
C VAL A 23 3.41 -4.37 -5.52
N LEU A 24 3.08 -5.66 -5.54
CA LEU A 24 2.53 -6.29 -6.73
C LEU A 24 1.00 -6.40 -6.63
N LEU A 25 0.31 -5.72 -7.53
CA LEU A 25 -1.15 -5.73 -7.54
C LEU A 25 -1.67 -6.65 -8.64
N ASP A 26 -2.46 -7.64 -8.24
CA ASP A 26 -3.03 -8.60 -9.19
C ASP A 26 -1.94 -9.34 -9.95
N GLY A 27 -0.76 -9.43 -9.34
CA GLY A 27 0.36 -10.12 -9.97
C GLY A 27 0.69 -9.56 -11.35
N GLN A 28 0.83 -8.24 -11.42
CA GLN A 28 1.15 -7.59 -12.69
C GLN A 28 1.40 -6.09 -12.48
N LYS A 29 0.33 -5.36 -12.17
CA LYS A 29 0.43 -3.92 -11.95
C LYS A 29 1.29 -3.62 -10.72
N THR A 30 2.18 -2.64 -10.85
CA THR A 30 3.06 -2.26 -9.76
C THR A 30 2.49 -1.09 -8.98
N GLY A 31 2.71 -1.08 -7.67
CA GLY A 31 2.19 -0.01 -6.84
C GLY A 31 3.16 0.38 -5.73
N THR A 32 2.89 1.50 -5.08
CA THR A 32 3.75 1.98 -4.00
C THR A 32 2.97 2.04 -2.69
N LEU A 33 3.48 1.35 -1.68
CA LEU A 33 2.84 1.33 -0.36
C LEU A 33 2.84 2.72 0.27
N ARG A 34 1.71 3.09 0.86
CA ARG A 34 1.58 4.40 1.50
C ARG A 34 1.00 4.26 2.91
N PHE A 35 -0.06 3.47 3.03
CA PHE A 35 -0.72 3.26 4.32
C PHE A 35 -1.12 1.79 4.48
N CYS A 36 -1.28 1.37 5.73
CA CYS A 36 -1.67 -0.01 6.03
C CYS A 36 -2.48 -0.08 7.31
N GLY A 37 -3.39 -1.04 7.37
CA GLY A 37 -4.23 -1.21 8.55
C GLY A 37 -5.70 -0.99 8.25
N THR A 38 -6.42 -0.42 9.20
CA THR A 38 -7.85 -0.16 9.03
C THR A 38 -8.08 1.12 8.23
N THR A 39 -9.34 1.47 8.04
CA THR A 39 -9.71 2.67 7.28
C THR A 39 -10.86 3.40 7.96
N GLU A 40 -11.30 4.49 7.34
CA GLU A 40 -12.40 5.29 7.87
C GLU A 40 -13.72 4.92 7.18
N PHE A 41 -13.63 4.56 5.90
CA PHE A 41 -14.81 4.19 5.13
C PHE A 41 -14.87 2.69 4.90
N ALA A 42 -14.28 1.92 5.82
CA ALA A 42 -14.27 0.48 5.71
C ALA A 42 -13.85 -0.17 7.03
N SER A 43 -14.21 -1.44 7.20
CA SER A 43 -13.86 -2.16 8.42
C SER A 43 -13.16 -3.47 8.08
N GLY A 44 -11.92 -3.62 8.57
CA GLY A 44 -11.16 -4.82 8.30
C GLY A 44 -9.72 -4.53 7.96
N GLN A 45 -9.23 -5.14 6.88
CA GLN A 45 -7.85 -4.93 6.44
C GLN A 45 -7.81 -4.15 5.13
N TRP A 46 -7.11 -3.02 5.14
CA TRP A 46 -6.99 -2.18 3.95
C TRP A 46 -5.62 -1.50 3.91
N VAL A 47 -5.13 -1.24 2.70
CA VAL A 47 -3.84 -0.60 2.53
C VAL A 47 -3.86 0.37 1.34
N GLY A 48 -3.10 1.45 1.45
CA GLY A 48 -3.05 2.43 0.38
C GLY A 48 -1.90 2.18 -0.58
N VAL A 49 -2.22 1.96 -1.84
CA VAL A 49 -1.20 1.71 -2.86
C VAL A 49 -1.29 2.74 -3.98
N GLU A 50 -0.14 3.15 -4.48
CA GLU A 50 -0.08 4.13 -5.57
C GLU A 50 0.28 3.46 -6.90
N LEU A 51 -0.67 3.44 -7.81
CA LEU A 51 -0.46 2.82 -9.12
C LEU A 51 0.61 3.56 -9.90
N ASP A 52 1.57 2.82 -10.45
CA ASP A 52 2.65 3.40 -11.22
C ASP A 52 2.15 3.93 -12.56
N GLU A 53 1.15 3.26 -13.11
CA GLU A 53 0.56 3.66 -14.38
C GLU A 53 -0.39 4.85 -14.20
N PRO A 54 -0.59 5.65 -15.26
CA PRO A 54 -1.49 6.80 -15.20
C PRO A 54 -2.95 6.41 -15.04
N GLU A 55 -3.27 5.83 -13.89
CA GLU A 55 -4.64 5.40 -13.60
C GLU A 55 -4.87 5.30 -12.10
N GLY A 56 -6.10 5.59 -11.68
CA GLY A 56 -6.43 5.52 -10.27
C GLY A 56 -7.87 5.91 -10.00
N LYS A 57 -8.11 6.48 -8.82
CA LYS A 57 -9.46 6.90 -8.44
C LYS A 57 -9.41 8.01 -7.40
N ASN A 58 -8.57 7.82 -6.38
CA ASN A 58 -8.43 8.81 -5.32
C ASN A 58 -7.13 9.60 -5.48
N ASP A 59 -7.09 10.79 -4.87
CA ASP A 59 -5.92 11.64 -4.95
C ASP A 59 -5.09 11.54 -3.66
N GLY A 60 -5.21 10.42 -2.96
CA GLY A 60 -4.47 10.23 -1.73
C GLY A 60 -5.27 10.61 -0.50
N SER A 61 -6.14 11.60 -0.64
CA SER A 61 -6.96 12.05 0.48
C SER A 61 -8.44 11.74 0.23
N VAL A 62 -9.13 11.30 1.28
CA VAL A 62 -10.54 10.96 1.17
C VAL A 62 -11.25 11.14 2.50
N GLY A 63 -12.48 11.62 2.46
CA GLY A 63 -13.25 11.83 3.67
C GLY A 63 -12.57 12.80 4.64
N GLY A 64 -11.70 13.65 4.09
CA GLY A 64 -11.00 14.61 4.92
C GLY A 64 -9.62 14.13 5.34
N VAL A 65 -9.49 12.82 5.50
CA VAL A 65 -8.20 12.23 5.89
C VAL A 65 -7.27 12.08 4.70
N ARG A 66 -6.00 12.39 4.90
CA ARG A 66 -5.01 12.30 3.84
C ARG A 66 -4.02 11.17 4.12
N TYR A 67 -3.98 10.19 3.22
CA TYR A 67 -3.07 9.06 3.37
C TYR A 67 -1.71 9.35 2.74
N PHE A 68 -1.73 10.12 1.65
CA PHE A 68 -0.50 10.47 0.95
C PHE A 68 -0.79 11.44 -0.19
N ILE A 69 0.25 11.82 -0.91
CA ILE A 69 0.12 12.74 -2.04
C ILE A 69 0.57 12.09 -3.33
N CYS A 70 -0.22 12.27 -4.40
CA CYS A 70 0.10 11.69 -5.69
C CYS A 70 -0.67 12.40 -6.81
N PRO A 71 -0.21 12.27 -8.06
CA PRO A 71 -0.86 12.90 -9.22
C PRO A 71 -2.35 12.59 -9.27
N PRO A 72 -3.11 13.31 -10.12
CA PRO A 72 -4.56 13.10 -10.27
C PRO A 72 -4.89 11.69 -10.73
N LYS A 73 -5.74 11.02 -9.96
CA LYS A 73 -6.15 9.66 -10.28
C LYS A 73 -4.94 8.71 -10.26
N GLN A 74 -4.64 8.15 -9.10
CA GLN A 74 -3.52 7.24 -8.96
C GLN A 74 -3.59 6.49 -7.64
N GLY A 75 -3.92 7.20 -6.58
CA GLY A 75 -4.02 6.59 -5.27
C GLY A 75 -5.18 5.61 -5.16
N LEU A 76 -4.87 4.33 -5.05
CA LEU A 76 -5.88 3.29 -4.94
C LEU A 76 -5.70 2.48 -3.66
N PHE A 77 -6.82 2.12 -3.02
CA PHE A 77 -6.77 1.34 -1.79
C PHE A 77 -7.18 -0.10 -2.06
N ALA A 78 -6.45 -1.04 -1.46
CA ALA A 78 -6.73 -2.46 -1.63
C ALA A 78 -6.41 -3.25 -0.37
N SER A 79 -6.88 -4.49 -0.31
CA SER A 79 -6.64 -5.34 0.85
C SER A 79 -5.28 -6.03 0.75
N VAL A 80 -4.68 -6.29 1.90
CA VAL A 80 -3.37 -6.95 1.94
C VAL A 80 -3.41 -8.29 1.22
N SER A 81 -4.52 -9.00 1.38
CA SER A 81 -4.67 -10.31 0.75
C SER A 81 -4.69 -10.19 -0.78
N LYS A 82 -5.08 -9.02 -1.27
CA LYS A 82 -5.13 -8.77 -2.71
C LYS A 82 -3.87 -8.06 -3.20
N ILE A 83 -2.76 -8.29 -2.50
CA ILE A 83 -1.49 -7.67 -2.86
C ILE A 83 -0.31 -8.55 -2.46
N SER A 84 0.72 -8.58 -3.30
CA SER A 84 1.90 -9.38 -3.03
C SER A 84 3.14 -8.50 -2.92
N LYS A 85 4.29 -9.12 -2.66
CA LYS A 85 5.55 -8.40 -2.54
C LYS A 85 6.24 -8.27 -3.89
N ALA A 86 6.50 -7.04 -4.30
CA ALA A 86 7.16 -6.78 -5.58
C ALA A 86 8.56 -6.20 -5.36
N VAL A 87 9.50 -7.05 -4.97
CA VAL A 87 10.87 -6.62 -4.73
C VAL A 87 11.76 -6.92 -5.93
N ASP A 88 12.70 -6.03 -6.20
CA ASP A 88 13.61 -6.20 -7.33
C ASP A 88 12.85 -6.26 -8.64
N ALA A 89 13.59 -6.39 -9.75
CA ALA A 89 12.98 -6.45 -11.07
C ALA A 89 13.81 -7.33 -12.00
N SER A 90 14.41 -8.38 -11.45
CA SER A 90 15.23 -9.29 -12.24
C SER A 90 14.74 -10.73 -12.08
N GLY A 91 15.03 -11.56 -13.08
CA GLY A 91 14.62 -12.95 -13.03
C GLY A 91 15.71 -13.86 -12.48
N PRO A 92 15.54 -15.19 -12.61
CA PRO A 92 16.52 -16.16 -12.12
C PRO A 92 17.81 -16.14 -12.93
N SER A 93 17.70 -15.78 -14.21
CA SER A 93 18.85 -15.72 -15.10
C SER A 93 19.43 -14.31 -15.15
N SER A 94 18.55 -13.33 -15.35
CA SER A 94 18.98 -11.93 -15.42
C SER A 94 19.96 -11.72 -16.57
N GLY A 95 19.42 -11.45 -17.76
CA GLY A 95 20.26 -11.23 -18.92
C GLY A 95 20.66 -9.79 -19.07
N GLY A 1 4.07 10.08 7.32
CA GLY A 1 5.52 10.30 7.11
C GLY A 1 6.27 9.03 6.82
N SER A 2 7.57 9.15 6.58
CA SER A 2 8.41 7.99 6.28
C SER A 2 9.36 7.70 7.43
N SER A 3 10.12 8.71 7.84
CA SER A 3 11.07 8.56 8.93
C SER A 3 12.19 7.59 8.56
N GLY A 4 11.88 6.30 8.62
CA GLY A 4 12.87 5.29 8.28
C GLY A 4 13.57 4.73 9.51
N SER A 5 12.85 4.67 10.62
CA SER A 5 13.41 4.16 11.87
C SER A 5 13.01 2.70 12.09
N SER A 6 11.70 2.46 12.19
CA SER A 6 11.18 1.12 12.39
C SER A 6 9.73 1.02 11.96
N GLY A 7 9.51 0.66 10.70
CA GLY A 7 8.16 0.54 10.18
C GLY A 7 7.56 -0.83 10.45
N GLY A 8 6.83 -0.94 11.56
CA GLY A 8 6.21 -2.20 11.92
C GLY A 8 4.77 -2.29 11.45
N ASN A 9 3.95 -1.33 11.87
CA ASN A 9 2.55 -1.29 11.50
C ASN A 9 1.83 -2.55 12.01
N LEU A 10 0.61 -2.77 11.51
CA LEU A 10 -0.18 -3.92 11.92
C LEU A 10 -0.04 -5.07 10.92
N MET A 11 -0.60 -4.89 9.73
CA MET A 11 -0.54 -5.90 8.68
C MET A 11 0.87 -6.03 8.13
N LEU A 12 1.58 -4.91 8.04
CA LEU A 12 2.94 -4.90 7.53
C LEU A 12 3.84 -5.84 8.34
N SER A 13 3.59 -5.92 9.64
CA SER A 13 4.37 -6.77 10.52
C SER A 13 4.15 -8.25 10.19
N ALA A 14 2.94 -8.56 9.74
CA ALA A 14 2.59 -9.93 9.38
C ALA A 14 3.15 -10.31 8.01
N LEU A 15 3.24 -9.32 7.13
CA LEU A 15 3.75 -9.55 5.79
C LEU A 15 5.28 -9.48 5.77
N GLY A 16 5.83 -8.42 6.36
CA GLY A 16 7.28 -8.27 6.39
C GLY A 16 7.77 -7.23 5.41
N LEU A 17 7.03 -6.13 5.30
CA LEU A 17 7.40 -5.05 4.38
C LEU A 17 7.30 -3.69 5.09
N ARG A 18 7.88 -2.67 4.45
CA ARG A 18 7.87 -1.32 5.02
C ARG A 18 7.28 -0.32 4.03
N LEU A 19 6.78 0.80 4.54
CA LEU A 19 6.19 1.83 3.69
C LEU A 19 7.24 2.45 2.78
N GLY A 20 7.20 2.10 1.50
CA GLY A 20 8.15 2.63 0.55
C GLY A 20 8.52 1.62 -0.52
N ASP A 21 8.44 0.34 -0.17
CA ASP A 21 8.79 -0.73 -1.11
C ASP A 21 7.71 -0.87 -2.18
N ARG A 22 7.98 -1.72 -3.16
CA ARG A 22 7.03 -1.94 -4.25
C ARG A 22 6.14 -3.14 -3.95
N VAL A 23 4.95 -3.16 -4.56
CA VAL A 23 4.01 -4.24 -4.35
C VAL A 23 3.31 -4.62 -5.65
N LEU A 24 2.80 -5.85 -5.73
CA LEU A 24 2.11 -6.32 -6.92
C LEU A 24 0.60 -6.16 -6.76
N LEU A 25 0.00 -5.38 -7.65
CA LEU A 25 -1.43 -5.14 -7.61
C LEU A 25 -2.15 -5.97 -8.68
N ASP A 26 -3.04 -6.84 -8.24
CA ASP A 26 -3.79 -7.70 -9.15
C ASP A 26 -2.85 -8.60 -9.96
N GLY A 27 -1.68 -8.88 -9.39
CA GLY A 27 -0.72 -9.73 -10.08
C GLY A 27 -0.36 -9.19 -11.45
N GLN A 28 -0.47 -7.88 -11.62
CA GLN A 28 -0.15 -7.25 -12.90
C GLN A 28 0.48 -5.88 -12.69
N LYS A 29 -0.34 -4.92 -12.25
CA LYS A 29 0.15 -3.56 -12.00
C LYS A 29 1.13 -3.54 -10.83
N THR A 30 1.77 -2.39 -10.63
CA THR A 30 2.74 -2.23 -9.55
C THR A 30 2.62 -0.86 -8.92
N GLY A 31 2.80 -0.80 -7.60
CA GLY A 31 2.71 0.46 -6.89
C GLY A 31 3.59 0.50 -5.66
N THR A 32 3.61 1.64 -4.99
CA THR A 32 4.42 1.81 -3.79
C THR A 32 3.54 1.93 -2.54
N LEU A 33 3.89 1.19 -1.50
CA LEU A 33 3.12 1.21 -0.25
C LEU A 33 3.35 2.52 0.49
N ARG A 34 2.25 3.16 0.91
CA ARG A 34 2.34 4.41 1.64
C ARG A 34 1.59 4.32 2.97
N PHE A 35 0.41 3.74 2.93
CA PHE A 35 -0.40 3.58 4.14
C PHE A 35 -0.72 2.11 4.41
N CYS A 36 -1.12 1.80 5.64
CA CYS A 36 -1.46 0.44 6.01
C CYS A 36 -2.38 0.42 7.22
N GLY A 37 -3.41 -0.41 7.18
CA GLY A 37 -4.35 -0.51 8.28
C GLY A 37 -5.79 -0.37 7.84
N THR A 38 -6.65 0.07 8.74
CA THR A 38 -8.06 0.25 8.44
C THR A 38 -8.25 1.36 7.41
N THR A 39 -9.51 1.74 7.19
CA THR A 39 -9.83 2.79 6.22
C THR A 39 -11.03 3.61 6.70
N GLU A 40 -11.45 4.56 5.88
CA GLU A 40 -12.58 5.41 6.21
C GLU A 40 -13.89 4.80 5.72
N PHE A 41 -13.82 4.07 4.61
CA PHE A 41 -14.99 3.44 4.03
C PHE A 41 -14.98 1.93 4.29
N ALA A 42 -14.39 1.53 5.42
CA ALA A 42 -14.30 0.12 5.77
C ALA A 42 -13.68 -0.05 7.16
N SER A 43 -13.92 -1.22 7.76
CA SER A 43 -13.38 -1.51 9.08
C SER A 43 -12.28 -2.57 9.00
N GLY A 44 -12.40 -3.46 8.02
CA GLY A 44 -11.42 -4.52 7.86
C GLY A 44 -10.02 -3.98 7.62
N GLN A 45 -9.13 -4.83 7.13
CA GLN A 45 -7.76 -4.43 6.86
C GLN A 45 -7.62 -3.86 5.46
N TRP A 46 -6.89 -2.76 5.34
CA TRP A 46 -6.68 -2.11 4.05
C TRP A 46 -5.26 -1.55 3.95
N VAL A 47 -4.88 -1.14 2.74
CA VAL A 47 -3.56 -0.59 2.50
C VAL A 47 -3.58 0.40 1.33
N GLY A 48 -2.87 1.51 1.50
CA GLY A 48 -2.82 2.51 0.45
C GLY A 48 -1.59 2.38 -0.41
N VAL A 49 -1.80 2.19 -1.72
CA VAL A 49 -0.70 2.05 -2.65
C VAL A 49 -0.84 3.02 -3.82
N GLU A 50 0.29 3.51 -4.32
CA GLU A 50 0.29 4.46 -5.43
C GLU A 50 0.64 3.76 -6.74
N LEU A 51 -0.33 3.66 -7.63
CA LEU A 51 -0.12 3.02 -8.93
C LEU A 51 0.90 3.78 -9.76
N ASP A 52 1.96 3.08 -10.17
CA ASP A 52 3.01 3.68 -10.98
C ASP A 52 2.44 4.22 -12.29
N GLU A 53 1.42 3.55 -12.80
CA GLU A 53 0.79 3.95 -14.06
C GLU A 53 -0.23 5.07 -13.82
N PRO A 54 -0.59 5.81 -14.88
CA PRO A 54 -1.56 6.91 -14.79
C PRO A 54 -2.98 6.40 -14.57
N GLU A 55 -3.20 5.73 -13.45
CA GLU A 55 -4.51 5.20 -13.13
C GLU A 55 -4.67 5.00 -11.62
N GLY A 56 -5.91 4.97 -11.16
CA GLY A 56 -6.17 4.79 -9.75
C GLY A 56 -7.48 5.42 -9.31
N LYS A 57 -7.85 6.52 -9.93
CA LYS A 57 -9.08 7.22 -9.61
C LYS A 57 -9.09 7.67 -8.14
N ASN A 58 -7.91 8.03 -7.64
CA ASN A 58 -7.78 8.47 -6.26
C ASN A 58 -6.56 9.38 -6.10
N ASP A 59 -6.70 10.39 -5.25
CA ASP A 59 -5.62 11.33 -5.00
C ASP A 59 -5.02 11.13 -3.60
N GLY A 60 -5.00 9.87 -3.16
CA GLY A 60 -4.45 9.57 -1.85
C GLY A 60 -5.23 10.23 -0.72
N SER A 61 -6.53 10.46 -0.97
CA SER A 61 -7.38 11.08 0.03
C SER A 61 -8.83 10.65 -0.14
N VAL A 62 -9.57 10.59 0.96
CA VAL A 62 -10.97 10.19 0.92
C VAL A 62 -11.75 10.86 2.04
N GLY A 63 -12.75 11.66 1.66
CA GLY A 63 -13.56 12.35 2.66
C GLY A 63 -12.76 13.32 3.49
N GLY A 64 -12.78 13.11 4.80
CA GLY A 64 -12.04 13.98 5.70
C GLY A 64 -10.75 13.36 6.20
N VAL A 65 -10.16 12.49 5.38
CA VAL A 65 -8.93 11.82 5.73
C VAL A 65 -7.92 11.85 4.58
N ARG A 66 -6.64 11.82 4.92
CA ARG A 66 -5.59 11.84 3.92
C ARG A 66 -4.63 10.66 4.10
N TYR A 67 -4.00 10.24 3.00
CA TYR A 67 -3.05 9.14 3.04
C TYR A 67 -1.72 9.53 2.43
N PHE A 68 -1.78 10.18 1.27
CA PHE A 68 -0.58 10.62 0.58
C PHE A 68 -0.92 11.54 -0.60
N ILE A 69 0.08 12.23 -1.12
CA ILE A 69 -0.11 13.14 -2.23
C ILE A 69 0.44 12.54 -3.53
N CYS A 70 -0.37 12.55 -4.57
CA CYS A 70 0.03 12.01 -5.86
C CYS A 70 -0.72 12.71 -7.01
N PRO A 71 -0.20 12.60 -8.24
CA PRO A 71 -0.81 13.22 -9.41
C PRO A 71 -2.29 12.87 -9.54
N PRO A 72 -3.02 13.57 -10.43
CA PRO A 72 -4.46 13.32 -10.64
C PRO A 72 -4.73 11.87 -11.01
N LYS A 73 -5.44 11.16 -10.13
CA LYS A 73 -5.78 9.76 -10.37
C LYS A 73 -4.52 8.91 -10.46
N GLN A 74 -4.16 8.28 -9.34
CA GLN A 74 -2.98 7.43 -9.28
C GLN A 74 -3.05 6.47 -8.10
N GLY A 75 -3.42 7.00 -6.95
CA GLY A 75 -3.53 6.16 -5.76
C GLY A 75 -4.60 5.11 -5.88
N LEU A 76 -4.53 4.09 -5.03
CA LEU A 76 -5.51 3.01 -5.04
C LEU A 76 -5.51 2.26 -3.71
N PHE A 77 -6.67 2.26 -3.04
CA PHE A 77 -6.80 1.58 -1.76
C PHE A 77 -7.46 0.22 -1.94
N ALA A 78 -6.88 -0.80 -1.31
CA ALA A 78 -7.41 -2.16 -1.40
C ALA A 78 -6.97 -3.00 -0.21
N SER A 79 -7.40 -4.26 -0.19
CA SER A 79 -7.06 -5.16 0.90
C SER A 79 -5.73 -5.87 0.61
N VAL A 80 -5.03 -6.26 1.67
CA VAL A 80 -3.75 -6.94 1.54
C VAL A 80 -3.90 -8.23 0.77
N SER A 81 -5.06 -8.86 0.89
CA SER A 81 -5.33 -10.11 0.20
C SER A 81 -5.22 -9.94 -1.32
N LYS A 82 -5.56 -8.74 -1.79
CA LYS A 82 -5.50 -8.45 -3.22
C LYS A 82 -4.19 -7.73 -3.58
N ILE A 83 -3.14 -7.98 -2.79
CA ILE A 83 -1.85 -7.36 -3.03
C ILE A 83 -0.72 -8.26 -2.55
N SER A 84 0.42 -8.21 -3.25
CA SER A 84 1.57 -9.02 -2.90
C SER A 84 2.80 -8.15 -2.67
N LYS A 85 3.92 -8.78 -2.33
CA LYS A 85 5.16 -8.06 -2.09
C LYS A 85 6.05 -8.07 -3.34
N ALA A 86 5.43 -7.89 -4.50
CA ALA A 86 6.16 -7.88 -5.76
C ALA A 86 6.85 -9.21 -6.00
N VAL A 87 7.27 -9.44 -7.25
CA VAL A 87 7.95 -10.68 -7.61
C VAL A 87 9.39 -10.68 -7.11
N ASP A 88 9.66 -11.53 -6.13
CA ASP A 88 11.00 -11.63 -5.56
C ASP A 88 11.49 -13.07 -5.58
N ALA A 89 11.95 -13.52 -6.75
CA ALA A 89 12.44 -14.88 -6.91
C ALA A 89 13.96 -14.90 -7.10
N SER A 90 14.52 -13.77 -7.50
CA SER A 90 15.96 -13.65 -7.73
C SER A 90 16.40 -14.52 -8.90
N GLY A 91 16.53 -13.90 -10.07
CA GLY A 91 16.95 -14.63 -11.25
C GLY A 91 16.90 -13.78 -12.50
N PRO A 92 15.73 -13.14 -12.78
CA PRO A 92 15.57 -12.30 -13.97
C PRO A 92 16.66 -11.24 -14.08
N SER A 93 17.18 -10.80 -12.94
CA SER A 93 18.22 -9.79 -12.90
C SER A 93 19.59 -10.43 -12.65
N SER A 94 20.56 -10.07 -13.50
CA SER A 94 21.91 -10.61 -13.37
C SER A 94 22.88 -9.86 -14.27
N GLY A 95 22.45 -9.58 -15.50
CA GLY A 95 23.29 -8.86 -16.44
C GLY A 95 23.70 -7.49 -15.92
N GLY A 1 2.63 17.11 15.11
CA GLY A 1 2.70 16.17 13.96
C GLY A 1 3.19 14.80 14.37
N SER A 2 2.95 14.43 15.62
CA SER A 2 3.38 13.14 16.13
C SER A 2 4.89 12.98 16.03
N SER A 3 5.60 14.10 16.17
CA SER A 3 7.05 14.09 16.10
C SER A 3 7.66 13.62 17.42
N GLY A 4 7.69 12.31 17.64
CA GLY A 4 8.24 11.76 18.86
C GLY A 4 8.29 10.26 18.85
N SER A 5 7.84 9.63 19.93
CA SER A 5 7.84 8.18 20.04
C SER A 5 6.85 7.56 19.05
N SER A 6 7.32 7.30 17.83
CA SER A 6 6.48 6.71 16.80
C SER A 6 7.00 5.34 16.40
N GLY A 7 6.16 4.57 15.72
CA GLY A 7 6.55 3.24 15.29
C GLY A 7 5.63 2.16 15.81
N GLY A 8 4.80 1.61 14.92
CA GLY A 8 3.88 0.56 15.32
C GLY A 8 3.35 -0.23 14.13
N ASN A 9 4.07 -1.28 13.77
CA ASN A 9 3.67 -2.12 12.65
C ASN A 9 2.67 -3.18 13.08
N LEU A 10 1.39 -2.91 12.88
CA LEU A 10 0.34 -3.83 13.26
C LEU A 10 0.15 -4.91 12.19
N MET A 11 -0.37 -4.50 11.04
CA MET A 11 -0.61 -5.43 9.93
C MET A 11 0.66 -5.61 9.10
N LEU A 12 1.47 -4.56 9.04
CA LEU A 12 2.72 -4.60 8.28
C LEU A 12 3.64 -5.70 8.80
N SER A 13 3.58 -5.93 10.11
CA SER A 13 4.41 -6.95 10.74
C SER A 13 3.86 -8.35 10.46
N ALA A 14 2.54 -8.47 10.46
CA ALA A 14 1.89 -9.75 10.21
C ALA A 14 2.24 -10.28 8.82
N LEU A 15 2.46 -9.37 7.89
CA LEU A 15 2.80 -9.74 6.52
C LEU A 15 4.31 -9.79 6.33
N GLY A 16 4.97 -8.66 6.52
CA GLY A 16 6.41 -8.59 6.36
C GLY A 16 6.84 -7.55 5.35
N LEU A 17 6.17 -6.39 5.37
CA LEU A 17 6.48 -5.31 4.44
C LEU A 17 6.44 -3.96 5.15
N ARG A 18 7.10 -2.97 4.56
CA ARG A 18 7.14 -1.63 5.13
C ARG A 18 6.75 -0.59 4.10
N LEU A 19 6.34 0.59 4.57
CA LEU A 19 5.94 1.67 3.68
C LEU A 19 7.11 2.13 2.82
N GLY A 20 6.81 2.60 1.61
CA GLY A 20 7.85 3.07 0.71
C GLY A 20 8.25 2.01 -0.30
N ASP A 21 8.15 0.74 0.09
CA ASP A 21 8.51 -0.36 -0.79
C ASP A 21 7.44 -0.57 -1.85
N ARG A 22 7.84 -1.15 -2.98
CA ARG A 22 6.91 -1.41 -4.07
C ARG A 22 6.20 -2.75 -3.89
N VAL A 23 5.04 -2.90 -4.50
CA VAL A 23 4.27 -4.13 -4.40
C VAL A 23 3.62 -4.49 -5.73
N LEU A 24 2.91 -5.61 -5.76
CA LEU A 24 2.24 -6.06 -6.98
C LEU A 24 0.73 -6.17 -6.75
N LEU A 25 -0.02 -5.37 -7.49
CA LEU A 25 -1.48 -5.37 -7.38
C LEU A 25 -2.11 -6.23 -8.47
N ASP A 26 -3.02 -7.10 -8.08
CA ASP A 26 -3.70 -7.98 -9.02
C ASP A 26 -2.70 -8.87 -9.77
N GLY A 27 -1.56 -9.11 -9.13
CA GLY A 27 -0.53 -9.94 -9.76
C GLY A 27 -0.13 -9.45 -11.13
N GLN A 28 0.01 -8.13 -11.26
CA GLN A 28 0.39 -7.53 -12.54
C GLN A 28 0.85 -6.09 -12.34
N LYS A 29 -0.09 -5.23 -11.98
CA LYS A 29 0.21 -3.82 -11.76
C LYS A 29 1.17 -3.64 -10.60
N THR A 30 2.06 -2.65 -10.72
CA THR A 30 3.04 -2.38 -9.67
C THR A 30 2.77 -1.04 -9.00
N GLY A 31 2.91 -1.01 -7.68
CA GLY A 31 2.67 0.22 -6.94
C GLY A 31 3.57 0.36 -5.74
N THR A 32 3.39 1.43 -4.98
CA THR A 32 4.21 1.69 -3.80
C THR A 32 3.33 1.87 -2.56
N LEU A 33 3.61 1.08 -1.53
CA LEU A 33 2.85 1.15 -0.29
C LEU A 33 3.09 2.48 0.43
N ARG A 34 2.05 3.29 0.53
CA ARG A 34 2.15 4.59 1.19
C ARG A 34 1.48 4.55 2.56
N PHE A 35 0.39 3.80 2.68
CA PHE A 35 -0.33 3.68 3.93
C PHE A 35 -0.72 2.23 4.20
N CYS A 36 -1.00 1.93 5.46
CA CYS A 36 -1.38 0.57 5.85
C CYS A 36 -2.12 0.58 7.19
N GLY A 37 -3.06 -0.36 7.35
CA GLY A 37 -3.83 -0.44 8.58
C GLY A 37 -5.31 -0.27 8.34
N THR A 38 -6.06 -0.09 9.43
CA THR A 38 -7.51 0.09 9.34
C THR A 38 -7.85 1.46 8.76
N THR A 39 -9.13 1.81 8.79
CA THR A 39 -9.59 3.09 8.27
C THR A 39 -10.57 3.76 9.23
N GLU A 40 -10.99 4.97 8.90
CA GLU A 40 -11.93 5.71 9.73
C GLU A 40 -13.30 5.80 9.06
N PHE A 41 -13.61 4.82 8.23
CA PHE A 41 -14.89 4.79 7.53
C PHE A 41 -15.21 3.39 7.03
N ALA A 42 -14.71 2.37 7.73
CA ALA A 42 -14.94 0.99 7.36
C ALA A 42 -14.30 0.04 8.36
N SER A 43 -15.03 -1.02 8.71
CA SER A 43 -14.53 -2.00 9.66
C SER A 43 -13.81 -3.14 8.94
N GLY A 44 -12.53 -2.92 8.65
CA GLY A 44 -11.74 -3.93 7.98
C GLY A 44 -10.29 -3.52 7.80
N GLN A 45 -9.59 -4.22 6.92
CA GLN A 45 -8.18 -3.92 6.66
C GLN A 45 -8.00 -3.29 5.28
N TRP A 46 -7.17 -2.25 5.22
CA TRP A 46 -6.91 -1.56 3.96
C TRP A 46 -5.45 -1.12 3.88
N VAL A 47 -5.00 -0.81 2.67
CA VAL A 47 -3.62 -0.37 2.45
C VAL A 47 -3.53 0.56 1.25
N GLY A 48 -2.92 1.72 1.45
CA GLY A 48 -2.76 2.67 0.36
C GLY A 48 -1.54 2.39 -0.50
N VAL A 49 -1.75 2.25 -1.80
CA VAL A 49 -0.67 1.97 -2.72
C VAL A 49 -0.75 2.87 -3.95
N GLU A 50 0.39 3.47 -4.32
CA GLU A 50 0.45 4.35 -5.48
C GLU A 50 0.57 3.56 -6.77
N LEU A 51 -0.26 3.90 -7.75
CA LEU A 51 -0.24 3.22 -9.03
C LEU A 51 0.83 3.79 -9.95
N ASP A 52 1.73 2.93 -10.41
CA ASP A 52 2.81 3.35 -11.30
C ASP A 52 2.26 4.00 -12.57
N GLU A 53 1.31 3.32 -13.20
CA GLU A 53 0.69 3.84 -14.42
C GLU A 53 -0.43 4.83 -14.09
N PRO A 54 -0.83 5.65 -15.07
CA PRO A 54 -1.89 6.65 -14.88
C PRO A 54 -3.26 6.00 -14.70
N GLU A 55 -3.52 5.49 -13.50
CA GLU A 55 -4.79 4.84 -13.21
C GLU A 55 -5.25 5.18 -11.78
N GLY A 56 -6.52 4.90 -11.50
CA GLY A 56 -7.06 5.18 -10.19
C GLY A 56 -8.05 6.33 -10.20
N LYS A 57 -8.47 6.74 -9.01
CA LYS A 57 -9.43 7.85 -8.88
C LYS A 57 -9.28 8.54 -7.53
N ASN A 58 -8.06 8.56 -7.02
CA ASN A 58 -7.79 9.20 -5.74
C ASN A 58 -6.34 9.71 -5.68
N ASP A 59 -6.16 10.87 -5.06
CA ASP A 59 -4.83 11.47 -4.94
C ASP A 59 -4.26 11.23 -3.55
N GLY A 60 -4.63 10.11 -2.94
CA GLY A 60 -4.14 9.79 -1.61
C GLY A 60 -4.98 10.40 -0.52
N SER A 61 -6.27 10.60 -0.80
CA SER A 61 -7.19 11.19 0.17
C SER A 61 -8.60 10.66 -0.03
N VAL A 62 -9.12 9.97 0.98
CA VAL A 62 -10.47 9.42 0.91
C VAL A 62 -11.36 9.99 2.01
N GLY A 63 -12.47 10.59 1.60
CA GLY A 63 -13.38 11.17 2.57
C GLY A 63 -12.74 12.24 3.41
N GLY A 64 -12.80 12.08 4.73
CA GLY A 64 -12.21 13.06 5.63
C GLY A 64 -10.93 12.55 6.26
N VAL A 65 -10.19 11.73 5.53
CA VAL A 65 -8.93 11.19 6.02
C VAL A 65 -7.89 11.12 4.92
N ARG A 66 -6.75 11.78 5.13
CA ARG A 66 -5.68 11.79 4.15
C ARG A 66 -4.58 10.79 4.53
N TYR A 67 -4.03 10.12 3.53
CA TYR A 67 -2.98 9.13 3.76
C TYR A 67 -1.67 9.59 3.14
N PHE A 68 -1.74 10.11 1.92
CA PHE A 68 -0.56 10.58 1.22
C PHE A 68 -0.94 11.44 0.01
N ILE A 69 0.06 11.87 -0.75
CA ILE A 69 -0.16 12.69 -1.92
C ILE A 69 0.36 12.00 -3.18
N CYS A 70 -0.22 12.35 -4.33
CA CYS A 70 0.19 11.77 -5.60
C CYS A 70 -0.48 12.49 -6.77
N PRO A 71 0.10 12.41 -7.97
CA PRO A 71 -0.45 13.05 -9.17
C PRO A 71 -1.87 12.59 -9.47
N PRO A 72 -2.53 13.25 -10.45
CA PRO A 72 -3.90 12.91 -10.83
C PRO A 72 -4.09 11.42 -11.13
N LYS A 73 -4.95 10.77 -10.35
CA LYS A 73 -5.21 9.35 -10.54
C LYS A 73 -3.93 8.54 -10.39
N GLN A 74 -3.49 8.35 -9.16
CA GLN A 74 -2.26 7.58 -8.89
C GLN A 74 -2.27 7.05 -7.46
N GLY A 75 -3.45 6.85 -6.90
CA GLY A 75 -3.56 6.33 -5.55
C GLY A 75 -4.76 5.42 -5.37
N LEU A 76 -4.48 4.16 -5.05
CA LEU A 76 -5.54 3.17 -4.86
C LEU A 76 -5.43 2.52 -3.48
N PHE A 77 -6.59 2.23 -2.89
CA PHE A 77 -6.63 1.61 -1.57
C PHE A 77 -7.36 0.27 -1.61
N ALA A 78 -6.72 -0.78 -1.12
CA ALA A 78 -7.32 -2.11 -1.11
C ALA A 78 -6.79 -2.94 0.05
N SER A 79 -7.27 -4.17 0.15
CA SER A 79 -6.85 -5.07 1.22
C SER A 79 -5.58 -5.81 0.84
N VAL A 80 -4.86 -6.30 1.85
CA VAL A 80 -3.61 -7.03 1.61
C VAL A 80 -3.87 -8.29 0.80
N SER A 81 -5.05 -8.88 0.96
CA SER A 81 -5.43 -10.09 0.25
C SER A 81 -5.42 -9.86 -1.26
N LYS A 82 -5.67 -8.62 -1.67
CA LYS A 82 -5.69 -8.26 -3.07
C LYS A 82 -4.36 -7.66 -3.52
N ILE A 83 -3.28 -8.09 -2.87
CA ILE A 83 -1.95 -7.58 -3.19
C ILE A 83 -0.89 -8.64 -2.93
N SER A 84 0.18 -8.62 -3.71
CA SER A 84 1.27 -9.57 -3.56
C SER A 84 2.62 -8.87 -3.62
N LYS A 85 3.59 -9.39 -2.86
CA LYS A 85 4.93 -8.82 -2.82
C LYS A 85 5.56 -8.83 -4.21
N ALA A 86 6.11 -7.69 -4.62
CA ALA A 86 6.76 -7.58 -5.91
C ALA A 86 8.27 -7.75 -5.80
N VAL A 87 8.68 -8.69 -4.95
CA VAL A 87 10.10 -8.96 -4.75
C VAL A 87 10.47 -10.36 -5.22
N ASP A 88 11.51 -10.45 -6.04
CA ASP A 88 11.96 -11.74 -6.57
C ASP A 88 12.67 -12.55 -5.49
N ALA A 89 13.15 -13.73 -5.85
CA ALA A 89 13.85 -14.60 -4.92
C ALA A 89 14.77 -15.57 -5.65
N SER A 90 14.18 -16.35 -6.57
CA SER A 90 14.96 -17.32 -7.34
C SER A 90 14.39 -17.46 -8.75
N GLY A 91 14.84 -16.60 -9.65
CA GLY A 91 14.37 -16.64 -11.02
C GLY A 91 12.99 -16.03 -11.19
N PRO A 92 12.69 -15.45 -12.36
CA PRO A 92 11.39 -14.83 -12.62
C PRO A 92 10.22 -15.77 -12.32
N SER A 93 9.17 -15.24 -11.72
CA SER A 93 7.99 -16.04 -11.38
C SER A 93 6.71 -15.29 -11.72
N SER A 94 6.20 -15.51 -12.93
CA SER A 94 4.98 -14.85 -13.37
C SER A 94 3.85 -15.86 -13.54
N GLY A 95 2.99 -15.96 -12.53
CA GLY A 95 1.88 -16.88 -12.58
C GLY A 95 0.98 -16.79 -11.37
N GLY A 1 20.55 11.05 8.31
CA GLY A 1 19.77 9.80 8.42
C GLY A 1 18.72 9.85 9.50
N SER A 2 17.48 9.50 9.15
CA SER A 2 16.38 9.51 10.11
C SER A 2 15.32 8.49 9.75
N SER A 3 14.49 8.12 10.71
CA SER A 3 13.44 7.13 10.48
C SER A 3 12.25 7.78 9.77
N GLY A 4 11.28 6.95 9.40
CA GLY A 4 10.11 7.45 8.70
C GLY A 4 8.84 7.31 9.53
N SER A 5 8.38 8.44 10.10
CA SER A 5 7.18 8.43 10.92
C SER A 5 7.35 7.52 12.13
N SER A 6 8.44 7.72 12.86
CA SER A 6 8.74 6.92 14.04
C SER A 6 8.92 5.45 13.69
N GLY A 7 7.81 4.74 13.51
CA GLY A 7 7.87 3.34 13.16
C GLY A 7 6.70 2.55 13.71
N GLY A 8 5.66 2.41 12.90
CA GLY A 8 4.48 1.67 13.33
C GLY A 8 4.35 0.32 12.64
N ASN A 9 3.49 0.25 11.64
CA ASN A 9 3.28 -0.99 10.90
C ASN A 9 2.78 -2.10 11.82
N LEU A 10 1.46 -2.26 11.88
CA LEU A 10 0.85 -3.28 12.73
C LEU A 10 0.47 -4.50 11.90
N MET A 11 -0.33 -4.28 10.85
CA MET A 11 -0.77 -5.36 9.99
C MET A 11 0.35 -5.81 9.06
N LEU A 12 1.19 -4.86 8.64
CA LEU A 12 2.30 -5.15 7.75
C LEU A 12 3.38 -5.94 8.47
N SER A 13 3.49 -5.75 9.78
CA SER A 13 4.48 -6.44 10.59
C SER A 13 4.34 -7.96 10.45
N ALA A 14 3.11 -8.41 10.22
CA ALA A 14 2.84 -9.84 10.06
C ALA A 14 3.11 -10.30 8.63
N LEU A 15 2.91 -9.39 7.68
CA LEU A 15 3.13 -9.71 6.27
C LEU A 15 4.62 -9.81 5.98
N GLY A 16 5.37 -8.77 6.32
CA GLY A 16 6.80 -8.77 6.07
C GLY A 16 7.22 -7.69 5.11
N LEU A 17 6.54 -6.56 5.16
CA LEU A 17 6.85 -5.43 4.28
C LEU A 17 6.64 -4.10 4.99
N ARG A 18 7.44 -3.11 4.63
CA ARG A 18 7.34 -1.79 5.24
C ARG A 18 6.55 -0.83 4.36
N LEU A 19 6.26 0.36 4.88
CA LEU A 19 5.51 1.36 4.13
C LEU A 19 6.42 2.14 3.19
N GLY A 20 5.88 2.52 2.03
CA GLY A 20 6.66 3.27 1.06
C GLY A 20 7.25 2.38 -0.01
N ASP A 21 7.53 1.12 0.34
CA ASP A 21 8.09 0.17 -0.60
C ASP A 21 7.09 -0.21 -1.68
N ARG A 22 7.59 -0.54 -2.86
CA ARG A 22 6.73 -0.92 -3.98
C ARG A 22 6.15 -2.31 -3.76
N VAL A 23 4.95 -2.55 -4.29
CA VAL A 23 4.28 -3.83 -4.16
C VAL A 23 3.70 -4.29 -5.49
N LEU A 24 3.30 -5.56 -5.55
CA LEU A 24 2.72 -6.12 -6.77
C LEU A 24 1.22 -6.35 -6.60
N LEU A 25 0.43 -5.43 -7.14
CA LEU A 25 -1.02 -5.54 -7.05
C LEU A 25 -1.56 -6.60 -8.01
N ASP A 26 -2.33 -7.54 -7.48
CA ASP A 26 -2.90 -8.61 -8.29
C ASP A 26 -1.80 -9.44 -8.95
N GLY A 27 -0.60 -9.42 -8.37
CA GLY A 27 0.51 -10.16 -8.93
C GLY A 27 0.76 -9.84 -10.39
N GLN A 28 0.89 -8.55 -10.68
CA GLN A 28 1.14 -8.11 -12.05
C GLN A 28 1.34 -6.60 -12.11
N LYS A 29 0.42 -5.86 -11.49
CA LYS A 29 0.50 -4.41 -11.46
C LYS A 29 1.47 -3.93 -10.38
N THR A 30 2.19 -2.87 -10.67
CA THR A 30 3.15 -2.30 -9.73
C THR A 30 2.56 -1.10 -9.01
N GLY A 31 2.44 -1.21 -7.68
CA GLY A 31 1.89 -0.11 -6.89
C GLY A 31 2.77 0.24 -5.70
N THR A 32 2.92 1.54 -5.45
CA THR A 32 3.73 2.00 -4.34
C THR A 32 2.91 2.11 -3.07
N LEU A 33 3.26 1.31 -2.07
CA LEU A 33 2.55 1.31 -0.80
C LEU A 33 2.92 2.54 0.03
N ARG A 34 1.95 3.04 0.80
CA ARG A 34 2.17 4.22 1.63
C ARG A 34 1.59 4.02 3.03
N PHE A 35 0.36 3.52 3.08
CA PHE A 35 -0.31 3.27 4.36
C PHE A 35 -0.71 1.81 4.49
N CYS A 36 -0.86 1.35 5.73
CA CYS A 36 -1.23 -0.03 5.99
C CYS A 36 -2.05 -0.14 7.29
N GLY A 37 -3.14 -0.89 7.23
CA GLY A 37 -3.99 -1.06 8.39
C GLY A 37 -5.46 -0.97 8.06
N THR A 38 -6.20 -0.20 8.84
CA THR A 38 -7.63 -0.03 8.63
C THR A 38 -7.94 1.37 8.08
N THR A 39 -9.20 1.60 7.71
CA THR A 39 -9.61 2.88 7.18
C THR A 39 -10.55 3.59 8.15
N GLU A 40 -11.00 4.79 7.78
CA GLU A 40 -11.89 5.57 8.62
C GLU A 40 -13.33 5.51 8.09
N PHE A 41 -13.46 5.35 6.78
CA PHE A 41 -14.77 5.28 6.15
C PHE A 41 -15.30 3.85 6.15
N ALA A 42 -14.38 2.88 6.11
CA ALA A 42 -14.75 1.48 6.10
C ALA A 42 -13.99 0.70 7.16
N SER A 43 -14.08 -0.62 7.11
CA SER A 43 -13.40 -1.48 8.07
C SER A 43 -12.72 -2.65 7.36
N GLY A 44 -12.07 -3.51 8.15
CA GLY A 44 -11.39 -4.66 7.58
C GLY A 44 -9.97 -4.34 7.15
N GLN A 45 -9.35 -5.26 6.43
CA GLN A 45 -7.98 -5.07 5.97
C GLN A 45 -7.95 -4.16 4.75
N TRP A 46 -7.18 -3.07 4.85
CA TRP A 46 -7.06 -2.11 3.76
C TRP A 46 -5.68 -1.47 3.74
N VAL A 47 -5.22 -1.07 2.56
CA VAL A 47 -3.92 -0.44 2.42
C VAL A 47 -3.91 0.54 1.25
N GLY A 48 -3.10 1.59 1.38
CA GLY A 48 -3.02 2.59 0.33
C GLY A 48 -1.88 2.31 -0.63
N VAL A 49 -2.21 2.22 -1.92
CA VAL A 49 -1.21 1.97 -2.95
C VAL A 49 -1.37 2.92 -4.13
N GLU A 50 -0.25 3.31 -4.72
CA GLU A 50 -0.26 4.22 -5.86
C GLU A 50 0.02 3.47 -7.15
N LEU A 51 -0.93 3.49 -8.07
CA LEU A 51 -0.79 2.82 -9.36
C LEU A 51 0.29 3.49 -10.19
N ASP A 52 1.20 2.68 -10.73
CA ASP A 52 2.29 3.18 -11.56
C ASP A 52 1.74 3.82 -12.83
N GLU A 53 0.74 3.18 -13.42
CA GLU A 53 0.12 3.69 -14.65
C GLU A 53 -0.84 4.83 -14.35
N PRO A 54 -1.17 5.64 -15.37
CA PRO A 54 -2.09 6.77 -15.21
C PRO A 54 -3.53 6.32 -15.00
N GLU A 55 -3.76 5.64 -13.88
CA GLU A 55 -5.10 5.15 -13.55
C GLU A 55 -5.33 5.16 -12.04
N GLY A 56 -6.60 5.16 -11.63
CA GLY A 56 -6.92 5.18 -10.23
C GLY A 56 -8.32 5.72 -9.96
N LYS A 57 -8.59 6.05 -8.70
CA LYS A 57 -9.89 6.58 -8.32
C LYS A 57 -9.79 7.43 -7.06
N ASN A 58 -8.63 8.07 -6.88
CA ASN A 58 -8.40 8.91 -5.71
C ASN A 58 -7.06 9.64 -5.83
N ASP A 59 -6.92 10.73 -5.07
CA ASP A 59 -5.69 11.50 -5.09
C ASP A 59 -4.91 11.31 -3.79
N GLY A 60 -5.03 10.14 -3.19
CA GLY A 60 -4.33 9.85 -1.96
C GLY A 60 -4.95 10.56 -0.76
N SER A 61 -6.27 10.73 -0.79
CA SER A 61 -6.97 11.41 0.28
C SER A 61 -8.46 11.04 0.28
N VAL A 62 -9.06 11.01 1.46
CA VAL A 62 -10.47 10.67 1.59
C VAL A 62 -11.15 11.52 2.66
N GLY A 63 -11.97 12.47 2.22
CA GLY A 63 -12.66 13.33 3.15
C GLY A 63 -11.72 14.14 4.02
N GLY A 64 -11.73 13.86 5.32
CA GLY A 64 -10.86 14.56 6.23
C GLY A 64 -9.64 13.75 6.61
N VAL A 65 -9.20 12.88 5.70
CA VAL A 65 -8.04 12.04 5.94
C VAL A 65 -7.13 12.00 4.71
N ARG A 66 -5.83 11.84 4.95
CA ARG A 66 -4.86 11.79 3.86
C ARG A 66 -3.81 10.72 4.13
N TYR A 67 -3.56 9.89 3.12
CA TYR A 67 -2.57 8.82 3.25
C TYR A 67 -1.27 9.19 2.53
N PHE A 68 -1.41 9.95 1.45
CA PHE A 68 -0.25 10.37 0.68
C PHE A 68 -0.63 11.43 -0.35
N ILE A 69 0.37 12.04 -0.99
CA ILE A 69 0.13 13.06 -1.99
C ILE A 69 0.49 12.55 -3.38
N CYS A 70 -0.51 12.45 -4.24
CA CYS A 70 -0.31 11.98 -5.61
C CYS A 70 -1.16 12.78 -6.60
N PRO A 71 -0.81 12.73 -7.89
CA PRO A 71 -1.56 13.44 -8.93
C PRO A 71 -3.04 13.09 -8.93
N PRO A 72 -3.86 13.84 -9.69
CA PRO A 72 -5.31 13.59 -9.77
C PRO A 72 -5.62 12.23 -10.37
N LYS A 73 -6.31 11.39 -9.58
CA LYS A 73 -6.67 10.05 -10.03
C LYS A 73 -5.42 9.22 -10.32
N GLN A 74 -4.92 8.55 -9.29
CA GLN A 74 -3.74 7.71 -9.43
C GLN A 74 -3.63 6.71 -8.28
N GLY A 75 -3.89 7.19 -7.07
CA GLY A 75 -3.82 6.32 -5.91
C GLY A 75 -5.08 5.50 -5.73
N LEU A 76 -4.93 4.29 -5.17
CA LEU A 76 -6.05 3.40 -4.95
C LEU A 76 -5.88 2.62 -3.66
N PHE A 77 -7.00 2.29 -3.01
CA PHE A 77 -6.96 1.55 -1.76
C PHE A 77 -7.49 0.13 -1.96
N ALA A 78 -6.69 -0.86 -1.55
CA ALA A 78 -7.07 -2.26 -1.69
C ALA A 78 -6.68 -3.06 -0.45
N SER A 79 -7.20 -4.28 -0.36
CA SER A 79 -6.91 -5.15 0.78
C SER A 79 -5.55 -5.84 0.60
N VAL A 80 -4.87 -6.08 1.71
CA VAL A 80 -3.57 -6.74 1.68
C VAL A 80 -3.66 -8.12 1.03
N SER A 81 -4.82 -8.75 1.17
CA SER A 81 -5.05 -10.07 0.59
C SER A 81 -4.95 -10.04 -0.93
N LYS A 82 -5.28 -8.89 -1.51
CA LYS A 82 -5.24 -8.72 -2.96
C LYS A 82 -3.95 -8.02 -3.38
N ILE A 83 -2.89 -8.25 -2.63
CA ILE A 83 -1.60 -7.63 -2.93
C ILE A 83 -0.45 -8.55 -2.55
N SER A 84 0.69 -8.38 -3.22
CA SER A 84 1.87 -9.20 -2.95
C SER A 84 3.12 -8.34 -2.88
N LYS A 85 4.20 -8.93 -2.37
CA LYS A 85 5.47 -8.22 -2.24
C LYS A 85 6.18 -8.12 -3.58
N ALA A 86 6.54 -6.90 -3.98
CA ALA A 86 7.23 -6.69 -5.25
C ALA A 86 8.72 -6.93 -5.11
N VAL A 87 9.34 -7.42 -6.18
CA VAL A 87 10.78 -7.71 -6.17
C VAL A 87 11.41 -7.34 -7.50
N ASP A 88 12.45 -6.52 -7.44
CA ASP A 88 13.15 -6.08 -8.65
C ASP A 88 14.01 -7.21 -9.21
N ALA A 89 13.37 -8.16 -9.90
CA ALA A 89 14.08 -9.29 -10.48
C ALA A 89 13.37 -9.78 -11.74
N SER A 90 13.63 -9.12 -12.86
CA SER A 90 13.03 -9.50 -14.13
C SER A 90 13.51 -10.87 -14.58
N GLY A 91 12.63 -11.86 -14.48
CA GLY A 91 12.98 -13.21 -14.88
C GLY A 91 12.12 -14.26 -14.19
N PRO A 92 12.69 -15.43 -13.86
CA PRO A 92 11.95 -16.51 -13.20
C PRO A 92 11.21 -16.04 -11.96
N SER A 93 9.96 -16.50 -11.81
CA SER A 93 9.14 -16.11 -10.67
C SER A 93 8.01 -17.11 -10.46
N SER A 94 7.55 -17.22 -9.21
CA SER A 94 6.47 -18.13 -8.88
C SER A 94 6.92 -19.58 -9.00
N GLY A 95 7.12 -20.03 -10.24
CA GLY A 95 7.55 -21.39 -10.48
C GLY A 95 7.30 -21.84 -11.90
N GLY A 1 -5.42 4.71 27.14
CA GLY A 1 -5.86 4.95 25.74
C GLY A 1 -6.50 3.73 25.12
N SER A 2 -7.34 3.95 24.10
CA SER A 2 -8.01 2.85 23.42
C SER A 2 -7.11 2.22 22.36
N SER A 3 -7.31 0.94 22.10
CA SER A 3 -6.52 0.21 21.12
C SER A 3 -5.04 0.23 21.49
N GLY A 4 -4.21 -0.33 20.63
CA GLY A 4 -2.78 -0.38 20.89
C GLY A 4 -2.03 -1.22 19.87
N SER A 5 -2.68 -2.27 19.39
CA SER A 5 -2.06 -3.16 18.40
C SER A 5 -2.34 -2.68 16.99
N SER A 6 -3.62 -2.50 16.67
CA SER A 6 -4.03 -2.05 15.35
C SER A 6 -3.69 -0.57 15.16
N GLY A 7 -2.61 -0.31 14.42
CA GLY A 7 -2.20 1.06 14.18
C GLY A 7 -0.88 1.14 13.43
N GLY A 8 -0.69 0.26 12.46
CA GLY A 8 0.53 0.25 11.69
C GLY A 8 0.70 -1.02 10.87
N ASN A 9 1.86 -1.66 11.01
CA ASN A 9 2.14 -2.89 10.29
C ASN A 9 1.29 -4.04 10.81
N LEU A 10 0.01 -4.04 10.45
CA LEU A 10 -0.91 -5.10 10.88
C LEU A 10 -0.69 -6.37 10.08
N MET A 11 -0.99 -6.31 8.79
CA MET A 11 -0.83 -7.46 7.91
C MET A 11 0.59 -7.54 7.36
N LEU A 12 1.25 -6.38 7.26
CA LEU A 12 2.61 -6.33 6.74
C LEU A 12 3.54 -7.23 7.54
N SER A 13 3.27 -7.35 8.84
CA SER A 13 4.09 -8.18 9.71
C SER A 13 3.90 -9.66 9.38
N ALA A 14 2.70 -10.01 8.93
CA ALA A 14 2.38 -11.39 8.57
C ALA A 14 3.01 -11.78 7.24
N LEU A 15 2.99 -10.84 6.30
CA LEU A 15 3.56 -11.08 4.97
C LEU A 15 5.09 -11.03 5.02
N GLY A 16 5.62 -9.91 5.48
CA GLY A 16 7.06 -9.75 5.57
C GLY A 16 7.57 -8.60 4.73
N LEU A 17 6.80 -7.51 4.69
CA LEU A 17 7.20 -6.33 3.91
C LEU A 17 7.04 -5.05 4.74
N ARG A 18 7.80 -4.03 4.39
CA ARG A 18 7.75 -2.77 5.11
C ARG A 18 7.09 -1.68 4.25
N LEU A 19 6.79 -0.54 4.87
CA LEU A 19 6.16 0.56 4.16
C LEU A 19 7.17 1.26 3.24
N GLY A 20 6.67 1.81 2.15
CA GLY A 20 7.54 2.50 1.20
C GLY A 20 7.93 1.62 0.02
N ASP A 21 8.15 0.34 0.30
CA ASP A 21 8.54 -0.60 -0.74
C ASP A 21 7.43 -0.75 -1.78
N ARG A 22 7.76 -1.38 -2.91
CA ARG A 22 6.79 -1.58 -3.99
C ARG A 22 6.01 -2.88 -3.77
N VAL A 23 4.89 -3.01 -4.47
CA VAL A 23 4.05 -4.20 -4.37
C VAL A 23 3.49 -4.59 -5.72
N LEU A 24 3.27 -5.89 -5.92
CA LEU A 24 2.71 -6.40 -7.17
C LEU A 24 1.20 -6.56 -7.08
N LEU A 25 0.48 -5.69 -7.76
CA LEU A 25 -0.98 -5.73 -7.76
C LEU A 25 -1.50 -6.64 -8.86
N ASP A 26 -2.29 -7.64 -8.47
CA ASP A 26 -2.87 -8.58 -9.42
C ASP A 26 -1.77 -9.31 -10.20
N GLY A 27 -0.58 -9.40 -9.59
CA GLY A 27 0.53 -10.08 -10.23
C GLY A 27 0.82 -9.54 -11.62
N GLN A 28 0.49 -8.27 -11.84
CA GLN A 28 0.71 -7.63 -13.13
C GLN A 28 1.05 -6.15 -12.96
N LYS A 29 0.19 -5.44 -12.23
CA LYS A 29 0.40 -4.02 -12.00
C LYS A 29 1.46 -3.79 -10.92
N THR A 30 1.94 -2.56 -10.81
CA THR A 30 2.95 -2.22 -9.82
C THR A 30 2.61 -0.91 -9.11
N GLY A 31 2.64 -0.92 -7.79
CA GLY A 31 2.33 0.27 -7.02
C GLY A 31 3.21 0.43 -5.80
N THR A 32 3.26 1.63 -5.24
CA THR A 32 4.06 1.91 -4.07
C THR A 32 3.20 1.94 -2.81
N LEU A 33 3.72 1.40 -1.72
CA LEU A 33 3.00 1.36 -0.46
C LEU A 33 3.18 2.68 0.30
N ARG A 34 2.15 3.06 1.05
CA ARG A 34 2.19 4.29 1.83
C ARG A 34 1.48 4.12 3.16
N PHE A 35 0.22 3.68 3.11
CA PHE A 35 -0.56 3.46 4.32
C PHE A 35 -0.93 1.99 4.48
N CYS A 36 -1.13 1.57 5.73
CA CYS A 36 -1.49 0.18 6.01
C CYS A 36 -2.24 0.08 7.34
N GLY A 37 -3.13 -0.89 7.43
CA GLY A 37 -3.91 -1.09 8.64
C GLY A 37 -5.39 -0.92 8.42
N THR A 38 -6.08 -0.32 9.39
CA THR A 38 -7.51 -0.10 9.30
C THR A 38 -7.82 1.25 8.67
N THR A 39 -9.07 1.45 8.27
CA THR A 39 -9.49 2.70 7.65
C THR A 39 -10.40 3.49 8.59
N GLU A 40 -10.69 4.73 8.22
CA GLU A 40 -11.56 5.58 9.02
C GLU A 40 -12.92 5.76 8.37
N PHE A 41 -13.51 4.65 7.92
CA PHE A 41 -14.81 4.67 7.27
C PHE A 41 -15.38 3.27 7.13
N ALA A 42 -14.53 2.33 6.74
CA ALA A 42 -14.94 0.95 6.57
C ALA A 42 -14.42 0.06 7.70
N SER A 43 -13.25 0.41 8.22
CA SER A 43 -12.64 -0.34 9.31
C SER A 43 -12.38 -1.79 8.88
N GLY A 44 -11.14 -2.06 8.49
CA GLY A 44 -10.78 -3.40 8.07
C GLY A 44 -9.41 -3.46 7.42
N GLN A 45 -9.00 -4.66 7.03
CA GLN A 45 -7.69 -4.84 6.38
C GLN A 45 -7.60 -4.03 5.10
N TRP A 46 -6.95 -2.88 5.17
CA TRP A 46 -6.80 -2.02 4.01
C TRP A 46 -5.38 -1.45 3.94
N VAL A 47 -4.94 -1.13 2.72
CA VAL A 47 -3.60 -0.58 2.52
C VAL A 47 -3.58 0.40 1.34
N GLY A 48 -2.91 1.52 1.54
CA GLY A 48 -2.82 2.52 0.48
C GLY A 48 -1.69 2.25 -0.48
N VAL A 49 -2.02 2.01 -1.75
CA VAL A 49 -1.02 1.73 -2.76
C VAL A 49 -1.16 2.70 -3.93
N GLU A 50 -0.03 3.29 -4.33
CA GLU A 50 -0.02 4.25 -5.44
C GLU A 50 0.32 3.55 -6.75
N LEU A 51 -0.59 3.63 -7.71
CA LEU A 51 -0.38 3.02 -9.02
C LEU A 51 0.61 3.82 -9.85
N ASP A 52 1.59 3.13 -10.44
CA ASP A 52 2.59 3.78 -11.26
C ASP A 52 1.96 4.43 -12.49
N GLU A 53 1.16 3.66 -13.22
CA GLU A 53 0.49 4.16 -14.42
C GLU A 53 -0.77 4.92 -14.05
N PRO A 54 -1.14 5.93 -14.85
CA PRO A 54 -2.34 6.73 -14.61
C PRO A 54 -3.60 5.88 -14.45
N GLU A 55 -3.87 5.47 -13.21
CA GLU A 55 -5.03 4.64 -12.92
C GLU A 55 -5.44 4.77 -11.46
N GLY A 56 -6.73 5.02 -11.23
CA GLY A 56 -7.23 5.17 -9.87
C GLY A 56 -8.51 5.96 -9.80
N LYS A 57 -9.12 6.01 -8.63
CA LYS A 57 -10.36 6.75 -8.44
C LYS A 57 -10.29 7.64 -7.20
N ASN A 58 -9.08 8.10 -6.89
CA ASN A 58 -8.87 8.97 -5.73
C ASN A 58 -7.65 9.87 -5.94
N ASP A 59 -7.43 10.77 -5.00
CA ASP A 59 -6.30 11.70 -5.08
C ASP A 59 -5.48 11.67 -3.79
N GLY A 60 -5.57 10.57 -3.06
CA GLY A 60 -4.82 10.44 -1.82
C GLY A 60 -5.65 10.82 -0.60
N SER A 61 -6.61 11.72 -0.80
CA SER A 61 -7.47 12.16 0.29
C SER A 61 -8.93 11.80 0.02
N VAL A 62 -9.61 11.28 1.04
CA VAL A 62 -11.00 10.90 0.90
C VAL A 62 -11.85 11.53 2.01
N GLY A 63 -12.87 12.29 1.60
CA GLY A 63 -13.73 12.93 2.57
C GLY A 63 -13.01 13.98 3.40
N GLY A 64 -12.67 13.63 4.63
CA GLY A 64 -11.97 14.56 5.50
C GLY A 64 -10.71 13.97 6.09
N VAL A 65 -10.10 13.03 5.36
CA VAL A 65 -8.88 12.39 5.81
C VAL A 65 -7.84 12.33 4.70
N ARG A 66 -6.62 12.72 5.01
CA ARG A 66 -5.54 12.72 4.03
C ARG A 66 -4.57 11.56 4.29
N TYR A 67 -4.39 10.71 3.28
CA TYR A 67 -3.50 9.57 3.40
C TYR A 67 -2.14 9.86 2.76
N PHE A 68 -2.18 10.58 1.64
CA PHE A 68 -0.95 10.93 0.92
C PHE A 68 -1.25 11.86 -0.25
N ILE A 69 -0.20 12.41 -0.84
CA ILE A 69 -0.35 13.32 -1.98
C ILE A 69 0.14 12.68 -3.27
N CYS A 70 -0.78 12.48 -4.21
CA CYS A 70 -0.44 11.87 -5.49
C CYS A 70 -1.24 12.51 -6.62
N PRO A 71 -0.77 12.36 -7.87
CA PRO A 71 -1.44 12.93 -9.04
C PRO A 71 -2.91 12.49 -9.13
N PRO A 72 -3.69 13.11 -10.03
CA PRO A 72 -5.11 12.77 -10.21
C PRO A 72 -5.30 11.33 -10.65
N LYS A 73 -6.12 10.59 -9.89
CA LYS A 73 -6.39 9.20 -10.21
C LYS A 73 -5.11 8.37 -10.16
N GLN A 74 -4.77 7.88 -8.97
CA GLN A 74 -3.57 7.07 -8.80
C GLN A 74 -3.63 6.29 -7.49
N GLY A 75 -4.06 6.96 -6.42
CA GLY A 75 -4.14 6.32 -5.13
C GLY A 75 -5.22 5.24 -5.10
N LEU A 76 -4.86 4.07 -4.58
CA LEU A 76 -5.80 2.97 -4.49
C LEU A 76 -5.65 2.23 -3.16
N PHE A 77 -6.75 2.14 -2.40
CA PHE A 77 -6.73 1.47 -1.11
C PHE A 77 -7.40 0.10 -1.20
N ALA A 78 -6.58 -0.95 -1.26
CA ALA A 78 -7.09 -2.31 -1.35
C ALA A 78 -6.65 -3.14 -0.15
N SER A 79 -7.08 -4.40 -0.11
CA SER A 79 -6.74 -5.29 0.99
C SER A 79 -5.42 -6.02 0.71
N VAL A 80 -4.74 -6.44 1.77
CA VAL A 80 -3.47 -7.13 1.65
C VAL A 80 -3.62 -8.41 0.83
N SER A 81 -4.76 -9.08 1.00
CA SER A 81 -5.03 -10.33 0.28
C SER A 81 -5.04 -10.08 -1.23
N LYS A 82 -5.34 -8.86 -1.63
CA LYS A 82 -5.38 -8.51 -3.05
C LYS A 82 -4.08 -7.87 -3.50
N ILE A 83 -2.98 -8.31 -2.89
CA ILE A 83 -1.66 -7.79 -3.24
C ILE A 83 -0.58 -8.85 -3.07
N SER A 84 0.53 -8.68 -3.80
CA SER A 84 1.63 -9.63 -3.73
C SER A 84 2.96 -8.91 -3.59
N LYS A 85 3.97 -9.63 -3.10
CA LYS A 85 5.30 -9.05 -2.92
C LYS A 85 5.94 -8.71 -4.26
N ALA A 86 6.49 -7.51 -4.36
CA ALA A 86 7.14 -7.07 -5.59
C ALA A 86 8.58 -7.54 -5.65
N VAL A 87 9.21 -7.36 -6.81
CA VAL A 87 10.59 -7.77 -7.00
C VAL A 87 10.74 -9.29 -6.98
N ASP A 88 10.55 -9.87 -5.81
CA ASP A 88 10.66 -11.33 -5.65
C ASP A 88 12.01 -11.82 -6.16
N ALA A 89 13.09 -11.22 -5.66
CA ALA A 89 14.43 -11.60 -6.06
C ALA A 89 14.71 -11.24 -7.50
N SER A 90 14.06 -11.96 -8.42
CA SER A 90 14.23 -11.72 -9.85
C SER A 90 15.69 -11.93 -10.27
N GLY A 91 15.91 -12.02 -11.57
CA GLY A 91 17.26 -12.22 -12.09
C GLY A 91 17.38 -11.83 -13.55
N PRO A 92 18.61 -11.88 -14.10
CA PRO A 92 18.85 -11.52 -15.51
C PRO A 92 17.93 -12.30 -16.46
N SER A 93 17.56 -13.50 -16.05
CA SER A 93 16.68 -14.35 -16.86
C SER A 93 15.74 -15.16 -15.99
N SER A 94 14.88 -15.95 -16.62
CA SER A 94 13.92 -16.78 -15.91
C SER A 94 14.63 -17.93 -15.20
N GLY A 95 15.50 -18.63 -15.93
CA GLY A 95 16.22 -19.75 -15.36
C GLY A 95 17.38 -20.19 -16.23
#